data_4S3Q
#
_entry.id   4S3Q
#
_cell.length_a   75.132
_cell.length_b   77.019
_cell.length_c   128.403
_cell.angle_alpha   76.110
_cell.angle_beta   75.480
_cell.angle_gamma   66.310
#
_symmetry.space_group_name_H-M   'P 1'
#
loop_
_entity.id
_entity.type
_entity.pdbx_description
1 polymer 4-alpha-glucanotransferase
2 branched alpha-D-glucopyranose-(1-4)-alpha-D-glucopyranose
3 non-polymer 1,2-ETHANEDIOL
4 non-polymer 'IODIDE ION'
5 water water
#
_entity_poly.entity_id   1
_entity_poly.type   'polypeptide(L)'
_entity_poly.pdbx_seq_one_letter_code
;MESKRLDNAALAAGISPNYINAHGKPQSISAETKRRLLDAMHQRTATKVAVTPVPNVMVYTSGKKMPMVVEGSGEYSWLL
TTEEGTQYKGHVTGGKAFNLPTKLPEGYHTLTLTQDDQRAHCRVIVAPKRCYEPQALLNKQKLWGACVQLYTLRSEKNWG
IGDFGDLKAMLVDVAKRGGSFIGLNPIHALYPANPESASPYSPSSRRWLNVIYIDVNAVEDFHLSEEAQAWWQLPTTQQT
LQQARDADWVDYSTVTALKMTALRMAWKGFAQRDDEQMAAFRQFVAEQGDSLFWQAAFDALHAQQVKEDEMRWGWPAWPE
MYQNVDSPEVRQFCEEHRDDVDFYLWLQWLAYSQFAACWEISQGYEMPIGLYRDLAVGVAEGGAETWCDRELYCLKASVG
APPDILGPLGQNWGLPPMDPHIITARAYEPFIELLRANMQNCGALRIDHVMSMLRLWWIPYGETADQGAYVHYPVDDLLS
ILALESKRHRCMVIGEDLGTVPVEIVGKLRSSGVYSYKVLYFENDHEKTFRAPKAYPEQSMAVAATHDLPTLRGYWECGD
LTLGKTLGLYPDEVVLRGLYQDRELAKQGLLDALHKYGCLPKRAGHKASLMSMTPTLNRGLQRYIADSNSALLGLQPEDW
LDMAEPVNIPGTSYQYKNWRRKLSATLESMFADDGVNKLLKDLDRRRRSAHHHHHH
;
_entity_poly.pdbx_strand_id   A,B,C
#
loop_
_chem_comp.id
_chem_comp.type
_chem_comp.name
_chem_comp.formula
EDO non-polymer 1,2-ETHANEDIOL 'C2 H6 O2'
GLC D-saccharide, alpha linking alpha-D-glucopyranose 'C6 H12 O6'
IOD non-polymer 'IODIDE ION' 'I -1'
#
# COMPACT_ATOMS: atom_id res chain seq x y z
N GLU A 2 -1.92 17.85 -26.63
CA GLU A 2 -0.94 18.17 -27.72
C GLU A 2 0.21 19.06 -27.19
N SER A 3 1.00 18.42 -26.34
CA SER A 3 2.28 18.94 -25.84
C SER A 3 3.04 17.76 -25.23
N LYS A 4 4.31 17.94 -24.95
CA LYS A 4 5.13 16.88 -24.35
C LYS A 4 4.87 16.72 -22.84
N ARG A 5 4.56 17.83 -22.17
CA ARG A 5 4.11 17.79 -20.78
C ARG A 5 3.04 16.71 -20.64
N LEU A 6 1.99 16.84 -21.45
CA LEU A 6 0.83 15.95 -21.39
C LEU A 6 1.20 14.50 -21.68
N ASP A 7 1.88 14.26 -22.80
CA ASP A 7 2.28 12.89 -23.16
C ASP A 7 3.16 12.27 -22.06
N ASN A 8 4.17 13.01 -21.61
CA ASN A 8 5.01 12.56 -20.50
C ASN A 8 4.17 12.18 -19.28
N ALA A 9 3.20 13.03 -18.96
CA ALA A 9 2.32 12.81 -17.82
C ALA A 9 1.47 11.55 -18.00
N ALA A 10 0.94 11.36 -19.20
CA ALA A 10 0.14 10.16 -19.49
C ALA A 10 0.94 8.87 -19.27
N LEU A 11 2.23 8.88 -19.62
CA LEU A 11 3.04 7.67 -19.58
C LEU A 11 3.39 7.30 -18.15
N ALA A 12 3.86 8.29 -17.39
CA ALA A 12 4.15 8.11 -15.97
C ALA A 12 2.93 7.58 -15.22
N ALA A 13 1.74 8.00 -15.63
CA ALA A 13 0.50 7.54 -15.00
C ALA A 13 0.03 6.15 -15.48
N GLY A 14 0.62 5.63 -16.56
CA GLY A 14 0.33 4.25 -17.03
C GLY A 14 -0.72 4.14 -18.14
N ILE A 15 -1.02 5.27 -18.79
CA ILE A 15 -1.90 5.35 -19.97
C ILE A 15 -1.09 5.01 -21.24
N SER A 16 -1.43 3.92 -21.94
CA SER A 16 -0.75 3.57 -23.20
C SER A 16 -1.14 4.55 -24.28
N PRO A 17 -0.16 5.04 -25.05
CA PRO A 17 -0.45 6.08 -26.03
C PRO A 17 -1.20 5.58 -27.28
N ASN A 18 -1.37 4.27 -27.43
CA ASN A 18 -2.07 3.74 -28.59
C ASN A 18 -2.58 2.37 -28.30
N TYR A 19 -3.27 1.81 -29.29
CA TYR A 19 -3.70 0.42 -29.28
C TYR A 19 -3.99 -0.06 -30.71
N ILE A 20 -4.07 -1.39 -30.85
CA ILE A 20 -4.40 -2.04 -32.12
C ILE A 20 -5.91 -2.02 -32.33
N ASN A 21 -6.38 -1.35 -33.39
CA ASN A 21 -7.84 -1.23 -33.59
C ASN A 21 -8.47 -2.49 -34.17
N ALA A 22 -9.76 -2.43 -34.49
CA ALA A 22 -10.49 -3.53 -35.16
C ALA A 22 -9.81 -4.04 -36.44
N HIS A 23 -9.30 -3.09 -37.22
CA HIS A 23 -8.73 -3.36 -38.53
C HIS A 23 -7.28 -3.81 -38.41
N GLY A 24 -6.78 -3.92 -37.18
CA GLY A 24 -5.47 -4.45 -36.91
C GLY A 24 -4.40 -3.39 -37.06
N LYS A 25 -4.80 -2.13 -37.07
CA LYS A 25 -3.87 -1.01 -37.20
C LYS A 25 -3.70 -0.26 -35.87
N PRO A 26 -2.52 0.33 -35.65
CA PRO A 26 -2.33 1.18 -34.48
C PRO A 26 -3.21 2.41 -34.57
N GLN A 27 -3.66 2.87 -33.42
CA GLN A 27 -4.56 3.98 -33.35
C GLN A 27 -4.14 4.74 -32.10
N SER A 28 -3.72 5.98 -32.29
CA SER A 28 -3.18 6.80 -31.21
C SER A 28 -4.30 7.41 -30.34
N ILE A 29 -4.08 7.47 -29.03
CA ILE A 29 -5.02 8.06 -28.07
C ILE A 29 -4.95 9.59 -28.13
N SER A 30 -6.10 10.25 -28.14
CA SER A 30 -6.16 11.70 -28.30
C SER A 30 -5.63 12.44 -27.09
N ALA A 31 -5.31 13.72 -27.30
CA ALA A 31 -4.90 14.60 -26.21
C ALA A 31 -6.00 14.72 -25.17
N GLU A 32 -7.20 15.03 -25.66
CA GLU A 32 -8.42 15.11 -24.87
C GLU A 32 -8.62 13.88 -23.95
N THR A 33 -8.44 12.68 -24.49
CA THR A 33 -8.64 11.45 -23.73
C THR A 33 -7.68 11.39 -22.56
N LYS A 34 -6.43 11.75 -22.81
CA LYS A 34 -5.36 11.66 -21.80
C LYS A 34 -5.60 12.64 -20.65
N ARG A 35 -6.01 13.87 -21.00
CA ARG A 35 -6.36 14.89 -20.02
C ARG A 35 -7.46 14.40 -19.09
N ARG A 36 -8.57 13.95 -19.70
CA ARG A 36 -9.73 13.44 -18.95
C ARG A 36 -9.34 12.31 -18.02
N LEU A 37 -8.53 11.37 -18.51
CA LEU A 37 -8.11 10.22 -17.71
C LEU A 37 -7.13 10.59 -16.59
N LEU A 38 -6.21 11.51 -16.86
CA LEU A 38 -5.33 12.06 -15.82
C LEU A 38 -6.15 12.80 -14.74
N ASP A 39 -7.07 13.66 -15.15
CA ASP A 39 -7.98 14.31 -14.23
C ASP A 39 -8.82 13.28 -13.47
N ALA A 40 -9.14 12.15 -14.11
CA ALA A 40 -9.87 11.07 -13.46
C ALA A 40 -9.02 10.30 -12.42
N MET A 41 -7.70 10.41 -12.50
CA MET A 41 -6.82 9.83 -11.48
C MET A 41 -6.60 10.79 -10.29
N HIS A 42 -6.14 10.25 -9.17
CA HIS A 42 -5.98 11.01 -7.90
C HIS A 42 -4.59 11.62 -7.69
N GLN A 43 -4.53 12.62 -6.80
CA GLN A 43 -3.28 13.05 -6.14
C GLN A 43 -3.53 14.19 -5.13
N THR A 52 11.87 9.01 -1.00
CA THR A 52 11.65 8.11 0.14
C THR A 52 12.80 7.10 0.19
N PRO A 53 13.28 6.75 1.42
CA PRO A 53 14.51 5.94 1.50
C PRO A 53 14.33 4.52 1.01
N VAL A 54 13.23 3.89 1.41
CA VAL A 54 12.80 2.63 0.81
C VAL A 54 11.37 2.89 0.30
N PRO A 55 10.92 2.12 -0.71
CA PRO A 55 9.52 2.27 -1.16
C PRO A 55 8.51 1.81 -0.10
N ASN A 56 7.26 2.24 -0.25
CA ASN A 56 6.20 1.79 0.67
C ASN A 56 5.91 0.27 0.60
N VAL A 57 6.33 -0.39 -0.47
CA VAL A 57 6.12 -1.83 -0.61
C VAL A 57 7.14 -2.43 -1.57
N MET A 58 7.41 -3.72 -1.41
CA MET A 58 8.31 -4.46 -2.30
C MET A 58 7.88 -5.92 -2.32
N VAL A 59 7.79 -6.50 -3.52
CA VAL A 59 7.37 -7.89 -3.70
C VAL A 59 8.54 -8.72 -4.23
N TYR A 60 8.71 -9.91 -3.63
CA TYR A 60 9.81 -10.81 -3.97
C TYR A 60 9.26 -12.20 -4.18
N THR A 61 9.91 -12.97 -5.03
CA THR A 61 9.56 -14.38 -5.17
C THR A 61 10.48 -15.22 -4.30
N SER A 62 9.89 -16.15 -3.54
CA SER A 62 10.66 -16.96 -2.59
C SER A 62 11.63 -17.88 -3.30
N GLY A 63 12.67 -18.28 -2.58
CA GLY A 63 13.76 -19.10 -3.14
C GLY A 63 14.80 -18.29 -3.88
N LYS A 64 14.54 -16.98 -4.05
CA LYS A 64 15.43 -16.10 -4.83
C LYS A 64 16.08 -15.04 -3.92
N LYS A 65 17.10 -14.37 -4.46
CA LYS A 65 17.79 -13.28 -3.77
C LYS A 65 16.90 -12.04 -3.78
N MET A 66 16.91 -11.31 -2.66
CA MET A 66 15.95 -10.20 -2.45
C MET A 66 16.66 -8.88 -2.11
N PRO A 67 17.14 -8.15 -3.13
CA PRO A 67 17.85 -6.91 -2.87
C PRO A 67 16.90 -5.77 -2.56
N MET A 68 17.32 -4.91 -1.61
CA MET A 68 16.55 -3.70 -1.26
C MET A 68 17.43 -2.47 -1.46
N VAL A 69 17.11 -1.70 -2.50
CA VAL A 69 17.84 -0.47 -2.82
C VAL A 69 17.41 0.62 -1.84
N VAL A 70 18.38 1.41 -1.38
CA VAL A 70 18.12 2.51 -0.46
C VAL A 70 18.58 3.84 -1.07
N GLU A 71 17.79 4.88 -0.83
CA GLU A 71 18.10 6.26 -1.21
C GLU A 71 18.44 7.09 0.02
N GLY A 72 18.57 8.41 -0.16
CA GLY A 72 18.88 9.32 0.94
C GLY A 72 20.37 9.38 1.23
N SER A 73 20.72 10.01 2.34
CA SER A 73 22.12 10.19 2.72
C SER A 73 22.40 9.64 4.13
N GLY A 74 23.63 9.15 4.33
CA GLY A 74 24.09 8.71 5.65
C GLY A 74 23.64 7.31 6.00
N GLU A 75 23.81 6.94 7.28
CA GLU A 75 23.60 5.56 7.74
C GLU A 75 22.22 5.30 8.30
N TYR A 76 21.66 4.13 7.97
CA TYR A 76 20.40 3.64 8.54
C TYR A 76 20.60 2.30 9.26
N SER A 77 19.78 2.07 10.28
CA SER A 77 19.55 0.73 10.82
C SER A 77 18.28 0.19 10.20
N TRP A 78 18.13 -1.12 10.15
CA TRP A 78 16.89 -1.72 9.67
C TRP A 78 16.42 -2.90 10.50
N LEU A 79 15.11 -3.09 10.47
CA LEU A 79 14.42 -4.14 11.22
C LEU A 79 13.38 -4.77 10.32
N LEU A 80 13.46 -6.08 10.16
CA LEU A 80 12.49 -6.81 9.37
C LEU A 80 11.79 -7.75 10.31
N THR A 81 10.46 -7.64 10.37
CA THR A 81 9.63 -8.46 11.23
C THR A 81 8.71 -9.31 10.34
N THR A 82 8.76 -10.63 10.54
CA THR A 82 7.95 -11.52 9.74
C THR A 82 6.50 -11.43 10.21
N GLU A 83 5.59 -12.02 9.42
CA GLU A 83 4.18 -12.14 9.74
C GLU A 83 4.02 -13.01 10.98
N GLU A 84 5.06 -13.79 11.26
CA GLU A 84 5.03 -14.79 12.31
C GLU A 84 5.64 -14.27 13.63
N GLY A 85 6.25 -13.09 13.58
CA GLY A 85 6.84 -12.46 14.76
C GLY A 85 8.36 -12.40 14.77
N THR A 86 9.01 -13.07 13.82
CA THR A 86 10.48 -13.16 13.83
C THR A 86 11.18 -11.88 13.38
N GLN A 87 12.31 -11.57 14.00
CA GLN A 87 12.99 -10.31 13.70
C GLN A 87 14.43 -10.48 13.23
N TYR A 88 14.85 -9.58 12.33
CA TYR A 88 16.19 -9.58 11.75
C TYR A 88 16.64 -8.15 11.65
N LYS A 89 17.92 -7.88 11.93
CA LYS A 89 18.43 -6.52 11.93
C LYS A 89 19.82 -6.42 11.29
N GLY A 90 20.17 -5.20 10.89
CA GLY A 90 21.46 -4.87 10.30
C GLY A 90 21.48 -3.37 10.04
N HIS A 91 22.40 -2.90 9.19
CA HIS A 91 22.60 -1.47 8.92
C HIS A 91 22.90 -1.22 7.45
N VAL A 92 22.77 0.03 7.02
CA VAL A 92 22.93 0.34 5.58
C VAL A 92 23.17 1.82 5.28
N THR A 93 24.06 2.07 4.32
CA THR A 93 24.36 3.41 3.89
C THR A 93 23.42 3.83 2.78
N GLY A 94 22.96 5.08 2.85
CA GLY A 94 22.14 5.67 1.80
C GLY A 94 22.91 5.73 0.49
N GLY A 95 22.29 5.28 -0.60
CA GLY A 95 22.95 5.17 -1.89
C GLY A 95 23.25 3.74 -2.31
N LYS A 96 23.44 2.86 -1.32
CA LYS A 96 23.79 1.47 -1.58
C LYS A 96 22.55 0.57 -1.52
N ALA A 97 22.76 -0.72 -1.77
CA ALA A 97 21.72 -1.73 -1.70
C ALA A 97 22.13 -2.80 -0.71
N PHE A 98 21.16 -3.56 -0.18
CA PHE A 98 21.46 -4.67 0.72
C PHE A 98 20.47 -5.84 0.55
N ASN A 99 20.95 -7.06 0.75
CA ASN A 99 20.12 -8.26 0.60
C ASN A 99 19.42 -8.57 1.92
N LEU A 100 18.12 -8.84 1.84
CA LEU A 100 17.34 -9.24 3.03
C LEU A 100 17.72 -10.69 3.34
N PRO A 101 17.32 -11.21 4.52
CA PRO A 101 17.83 -12.53 4.90
C PRO A 101 17.36 -13.65 3.99
N THR A 102 18.18 -14.70 3.87
CA THR A 102 17.84 -15.81 2.98
C THR A 102 16.70 -16.63 3.54
N LYS A 103 16.03 -17.37 2.67
CA LYS A 103 14.92 -18.23 3.06
C LYS A 103 13.94 -17.47 3.91
N LEU A 104 13.60 -16.25 3.52
CA LEU A 104 12.47 -15.58 4.14
C LEU A 104 11.25 -16.41 3.80
N PRO A 105 10.44 -16.76 4.82
CA PRO A 105 9.22 -17.47 4.47
C PRO A 105 8.24 -16.61 3.64
N GLU A 106 7.40 -17.28 2.88
CA GLU A 106 6.33 -16.64 2.11
C GLU A 106 5.31 -16.00 3.06
N GLY A 107 4.83 -14.81 2.71
CA GLY A 107 3.90 -14.07 3.56
C GLY A 107 4.09 -12.57 3.52
N TYR A 108 3.58 -11.89 4.55
CA TYR A 108 3.53 -10.43 4.62
C TYR A 108 4.31 -9.89 5.82
N HIS A 109 5.51 -9.39 5.53
CA HIS A 109 6.46 -8.95 6.55
C HIS A 109 6.63 -7.45 6.43
N THR A 110 7.34 -6.88 7.41
CA THR A 110 7.48 -5.42 7.55
C THR A 110 8.92 -5.04 7.83
N LEU A 111 9.46 -4.19 6.95
CA LEU A 111 10.80 -3.64 7.08
C LEU A 111 10.73 -2.18 7.48
N THR A 112 11.62 -1.75 8.37
CA THR A 112 11.66 -0.38 8.87
C THR A 112 13.09 0.13 8.94
N LEU A 113 13.41 1.18 8.18
CA LEU A 113 14.67 1.87 8.33
C LEU A 113 14.53 3.03 9.31
N THR A 114 15.61 3.27 10.06
CA THR A 114 15.65 4.33 11.07
C THR A 114 16.95 5.14 10.93
N GLN A 115 16.81 6.46 10.75
CA GLN A 115 17.94 7.39 10.79
C GLN A 115 17.54 8.50 11.75
N ASP A 116 18.27 8.58 12.85
CA ASP A 116 17.93 9.48 13.97
C ASP A 116 16.49 9.20 14.42
N ASP A 117 15.61 10.21 14.35
CA ASP A 117 14.24 10.06 14.84
C ASP A 117 13.38 9.24 13.89
N GLN A 118 13.25 9.73 12.66
CA GLN A 118 12.22 9.22 11.74
C GLN A 118 12.49 7.82 11.18
N ARG A 119 11.41 7.22 10.68
CA ARG A 119 11.41 5.85 10.20
C ARG A 119 10.65 5.81 8.88
N ALA A 120 11.11 4.96 7.96
CA ALA A 120 10.36 4.65 6.74
C ALA A 120 9.99 3.18 6.73
N HIS A 121 8.71 2.90 6.53
CA HIS A 121 8.14 1.56 6.57
C HIS A 121 8.00 1.01 5.14
N CYS A 122 8.13 -0.30 4.99
CA CYS A 122 7.95 -0.96 3.71
C CYS A 122 7.34 -2.32 3.97
N ARG A 123 6.16 -2.56 3.42
CA ARG A 123 5.59 -3.89 3.46
C ARG A 123 6.37 -4.76 2.49
N VAL A 124 6.83 -5.91 2.97
CA VAL A 124 7.67 -6.79 2.19
C VAL A 124 6.92 -8.11 1.99
N ILE A 125 6.54 -8.39 0.74
CA ILE A 125 5.73 -9.56 0.41
C ILE A 125 6.62 -10.59 -0.27
N VAL A 126 6.60 -11.81 0.26
CA VAL A 126 7.37 -12.91 -0.27
C VAL A 126 6.33 -13.89 -0.83
N ALA A 127 6.40 -14.17 -2.14
CA ALA A 127 5.39 -14.95 -2.86
C ALA A 127 6.00 -16.19 -3.52
N PRO A 128 5.24 -17.30 -3.56
CA PRO A 128 5.70 -18.38 -4.42
C PRO A 128 5.50 -17.92 -5.87
N LYS A 129 6.08 -18.66 -6.81
CA LYS A 129 5.91 -18.36 -8.23
C LYS A 129 4.51 -18.72 -8.70
N ARG A 130 4.05 -19.89 -8.27
CA ARG A 130 2.88 -20.54 -8.79
C ARG A 130 1.71 -20.50 -7.83
N CYS A 131 0.53 -20.29 -8.39
CA CYS A 131 -0.74 -20.56 -7.72
C CYS A 131 -0.88 -22.02 -7.30
N TYR A 132 -1.76 -22.26 -6.31
CA TYR A 132 -2.08 -23.60 -5.87
C TYR A 132 -2.65 -24.43 -7.01
N GLU A 133 -2.31 -25.70 -7.02
CA GLU A 133 -2.92 -26.68 -7.89
C GLU A 133 -3.26 -27.91 -7.07
N PRO A 134 -4.48 -28.46 -7.23
CA PRO A 134 -4.79 -29.62 -6.42
C PRO A 134 -4.01 -30.88 -6.86
N GLN A 135 -3.85 -31.85 -5.96
CA GLN A 135 -3.01 -33.00 -6.26
C GLN A 135 -3.47 -33.73 -7.55
N ALA A 136 -4.78 -33.94 -7.66
CA ALA A 136 -5.40 -34.54 -8.84
C ALA A 136 -4.86 -33.93 -10.14
N LEU A 137 -4.77 -32.61 -10.18
CA LEU A 137 -4.20 -31.92 -11.35
C LEU A 137 -2.68 -31.98 -11.46
N LEU A 138 -1.98 -32.09 -10.33
CA LEU A 138 -0.56 -32.41 -10.41
C LEU A 138 -0.38 -33.82 -11.00
N ASN A 139 -1.33 -34.71 -10.72
CA ASN A 139 -1.26 -36.08 -11.20
C ASN A 139 -1.76 -36.25 -12.67
N LYS A 140 -2.06 -35.13 -13.34
CA LYS A 140 -2.52 -35.07 -14.76
C LYS A 140 -3.90 -35.73 -14.98
N GLN A 141 -4.72 -35.76 -13.93
CA GLN A 141 -6.08 -36.24 -14.06
C GLN A 141 -6.90 -35.19 -14.81
N LYS A 142 -7.97 -35.64 -15.44
CA LYS A 142 -8.77 -34.79 -16.28
C LYS A 142 -10.10 -34.77 -15.61
N LEU A 143 -10.52 -33.61 -15.15
CA LEU A 143 -11.66 -33.53 -14.28
C LEU A 143 -12.78 -32.78 -14.95
N TRP A 144 -14.00 -33.09 -14.52
CA TRP A 144 -15.16 -32.35 -14.97
C TRP A 144 -15.99 -31.84 -13.79
N GLY A 145 -16.72 -30.77 -14.05
CA GLY A 145 -17.65 -30.23 -13.07
C GLY A 145 -18.80 -29.51 -13.76
N ALA A 146 -19.81 -29.13 -12.98
CA ALA A 146 -20.96 -28.42 -13.54
C ALA A 146 -20.79 -26.93 -13.37
N CYS A 147 -21.02 -26.19 -14.44
CA CYS A 147 -20.93 -24.73 -14.43
C CYS A 147 -22.36 -24.23 -14.46
N VAL A 148 -22.84 -23.67 -13.36
CA VAL A 148 -24.24 -23.27 -13.25
C VAL A 148 -24.42 -21.79 -12.96
N GLN A 149 -25.56 -21.27 -13.35
CA GLN A 149 -26.02 -19.95 -12.91
C GLN A 149 -26.94 -20.25 -11.74
N LEU A 150 -26.51 -19.93 -10.52
CA LEU A 150 -27.18 -20.47 -9.34
C LEU A 150 -28.67 -20.14 -9.36
N TYR A 151 -29.00 -18.93 -9.75
CA TYR A 151 -30.36 -18.44 -9.77
C TYR A 151 -31.30 -19.24 -10.68
N THR A 152 -30.77 -19.95 -11.69
CA THR A 152 -31.60 -20.72 -12.61
C THR A 152 -32.09 -22.05 -12.03
N LEU A 153 -31.43 -22.58 -10.98
CA LEU A 153 -31.75 -23.92 -10.49
C LEU A 153 -33.19 -24.05 -9.97
N ARG A 154 -33.82 -25.19 -10.26
CA ARG A 154 -35.12 -25.53 -9.70
C ARG A 154 -35.06 -26.74 -8.80
N SER A 155 -35.90 -26.74 -7.76
CA SER A 155 -35.98 -27.85 -6.80
C SER A 155 -37.34 -27.86 -6.17
N GLU A 156 -37.63 -28.90 -5.40
CA GLU A 156 -38.93 -28.98 -4.78
C GLU A 156 -39.00 -28.18 -3.45
N LYS A 157 -37.89 -27.59 -3.01
CA LYS A 157 -37.81 -26.90 -1.69
C LYS A 157 -37.49 -25.40 -1.73
N ASN A 158 -36.92 -24.93 -2.83
CA ASN A 158 -36.56 -23.52 -2.94
C ASN A 158 -37.78 -22.63 -3.08
N TRP A 159 -37.55 -21.33 -3.05
CA TRP A 159 -38.63 -20.34 -2.95
C TRP A 159 -38.74 -19.55 -4.25
N GLY A 160 -38.36 -20.13 -5.38
CA GLY A 160 -38.50 -19.44 -6.66
C GLY A 160 -37.23 -18.90 -7.28
N ILE A 161 -36.10 -19.13 -6.62
CA ILE A 161 -34.77 -18.82 -7.16
C ILE A 161 -33.89 -19.88 -6.61
N GLY A 162 -32.93 -20.31 -7.42
CA GLY A 162 -31.98 -21.30 -6.99
C GLY A 162 -31.13 -20.63 -5.91
N ASP A 163 -30.72 -21.41 -4.91
CA ASP A 163 -30.10 -20.83 -3.74
C ASP A 163 -29.08 -21.78 -3.15
N PHE A 164 -28.59 -21.46 -1.96
CA PHE A 164 -27.55 -22.26 -1.31
C PHE A 164 -27.97 -23.67 -0.94
N GLY A 165 -29.26 -23.86 -0.66
CA GLY A 165 -29.83 -25.20 -0.45
C GLY A 165 -29.88 -26.05 -1.71
N ASP A 166 -30.16 -25.43 -2.85
CA ASP A 166 -30.04 -26.16 -4.11
C ASP A 166 -28.57 -26.46 -4.36
N LEU A 167 -27.70 -25.49 -4.05
CA LEU A 167 -26.25 -25.71 -4.25
C LEU A 167 -25.76 -26.96 -3.48
N LYS A 168 -26.15 -27.06 -2.20
CA LYS A 168 -25.75 -28.21 -1.37
C LYS A 168 -26.26 -29.55 -1.91
N ALA A 169 -27.54 -29.61 -2.27
CA ALA A 169 -28.14 -30.85 -2.77
C ALA A 169 -27.53 -31.28 -4.11
N MET A 170 -27.14 -30.31 -4.93
CA MET A 170 -26.56 -30.60 -6.26
C MET A 170 -25.14 -31.14 -6.17
N LEU A 171 -24.37 -30.58 -5.23
CA LEU A 171 -23.03 -31.08 -4.97
C LEU A 171 -22.99 -32.59 -4.82
N VAL A 172 -23.96 -33.15 -4.11
CA VAL A 172 -24.02 -34.57 -3.86
C VAL A 172 -24.13 -35.31 -5.21
N ASP A 173 -25.08 -34.86 -6.01
CA ASP A 173 -25.41 -35.54 -7.26
C ASP A 173 -24.27 -35.40 -8.28
N VAL A 174 -23.58 -34.28 -8.25
CA VAL A 174 -22.39 -34.07 -9.06
C VAL A 174 -21.24 -34.98 -8.59
N ALA A 175 -20.92 -34.96 -7.29
CA ALA A 175 -19.88 -35.86 -6.74
C ALA A 175 -20.12 -37.33 -7.05
N LYS A 176 -21.34 -37.83 -6.83
CA LYS A 176 -21.67 -39.24 -7.05
C LYS A 176 -21.42 -39.68 -8.49
N ARG A 177 -21.45 -38.71 -9.40
CA ARG A 177 -21.29 -38.98 -10.82
C ARG A 177 -19.88 -38.79 -11.32
N GLY A 178 -18.98 -38.38 -10.41
CA GLY A 178 -17.55 -38.29 -10.71
C GLY A 178 -17.10 -36.87 -10.95
N GLY A 179 -18.03 -35.92 -10.87
CA GLY A 179 -17.70 -34.52 -11.02
C GLY A 179 -16.93 -34.02 -9.80
N SER A 180 -16.06 -33.06 -10.04
CA SER A 180 -15.12 -32.59 -9.07
C SER A 180 -15.47 -31.20 -8.56
N PHE A 181 -16.43 -30.54 -9.19
CA PHE A 181 -16.77 -29.19 -8.74
C PHE A 181 -18.11 -28.71 -9.27
N ILE A 182 -18.59 -27.64 -8.64
CA ILE A 182 -19.66 -26.85 -9.20
C ILE A 182 -19.19 -25.42 -9.21
N GLY A 183 -19.28 -24.82 -10.37
CA GLY A 183 -18.89 -23.47 -10.56
C GLY A 183 -20.10 -22.60 -10.62
N LEU A 184 -19.90 -21.36 -10.25
CA LEU A 184 -21.00 -20.45 -10.05
C LEU A 184 -20.76 -19.16 -10.81
N ASN A 185 -21.86 -18.49 -11.17
CA ASN A 185 -21.83 -17.10 -11.54
C ASN A 185 -21.33 -16.33 -10.32
N PRO A 186 -20.95 -15.04 -10.49
CA PRO A 186 -20.55 -14.27 -9.28
C PRO A 186 -21.71 -14.17 -8.35
N ILE A 187 -21.44 -14.44 -7.08
CA ILE A 187 -22.44 -14.33 -6.02
C ILE A 187 -22.24 -13.07 -5.15
N HIS A 188 -21.68 -12.04 -5.76
CA HIS A 188 -21.37 -10.79 -5.07
C HIS A 188 -22.66 -10.13 -4.68
N ALA A 189 -22.65 -9.38 -3.58
CA ALA A 189 -23.84 -8.67 -3.12
C ALA A 189 -24.39 -7.77 -4.21
N LEU A 190 -25.71 -7.83 -4.38
CA LEU A 190 -26.40 -6.91 -5.28
C LEU A 190 -27.20 -5.91 -4.47
N TYR A 191 -28.51 -5.77 -4.72
CA TYR A 191 -29.28 -4.68 -4.13
C TYR A 191 -30.69 -5.10 -3.67
N PRO A 192 -30.79 -5.66 -2.46
CA PRO A 192 -32.09 -6.09 -1.92
C PRO A 192 -33.16 -4.97 -1.89
N ALA A 193 -32.73 -3.72 -1.88
CA ALA A 193 -33.65 -2.62 -2.07
C ALA A 193 -34.03 -2.37 -3.53
N ASN A 194 -33.29 -2.94 -4.49
CA ASN A 194 -33.62 -2.80 -5.92
C ASN A 194 -33.48 -4.18 -6.58
N PRO A 195 -34.39 -5.09 -6.25
CA PRO A 195 -34.19 -6.48 -6.56
C PRO A 195 -34.19 -6.79 -8.07
N GLU A 196 -34.77 -5.90 -8.87
CA GLU A 196 -34.74 -6.06 -10.33
C GLU A 196 -33.39 -5.76 -10.98
N SER A 197 -32.46 -5.10 -10.30
CA SER A 197 -31.07 -5.02 -10.82
C SER A 197 -30.36 -6.33 -10.54
N ALA A 198 -30.58 -7.30 -11.42
CA ALA A 198 -30.24 -8.67 -11.13
C ALA A 198 -28.88 -9.06 -11.67
N SER A 199 -28.23 -8.17 -12.40
CA SER A 199 -26.95 -8.48 -12.99
C SER A 199 -25.88 -8.79 -11.95
N PRO A 200 -25.36 -10.03 -11.92
CA PRO A 200 -24.22 -10.34 -11.09
C PRO A 200 -22.99 -9.46 -11.33
N TYR A 201 -22.93 -8.77 -12.47
CA TYR A 201 -21.74 -8.02 -12.94
C TYR A 201 -21.80 -6.51 -12.73
N SER A 202 -22.85 -5.99 -12.10
CA SER A 202 -22.75 -4.62 -11.60
C SER A 202 -22.99 -4.63 -10.08
N PRO A 203 -22.11 -5.32 -9.33
CA PRO A 203 -22.41 -5.57 -7.92
C PRO A 203 -22.10 -4.41 -6.98
N SER A 204 -22.79 -4.37 -5.85
CA SER A 204 -22.58 -3.38 -4.78
C SER A 204 -21.16 -3.46 -4.27
N SER A 205 -20.76 -4.69 -3.98
CA SER A 205 -19.48 -5.01 -3.45
C SER A 205 -19.02 -6.33 -4.00
N ARG A 206 -17.73 -6.45 -4.25
CA ARG A 206 -17.14 -7.77 -4.59
C ARG A 206 -16.67 -8.53 -3.35
N ARG A 207 -16.90 -7.99 -2.16
CA ARG A 207 -16.49 -8.69 -0.95
C ARG A 207 -17.62 -9.47 -0.32
N TRP A 208 -18.79 -8.86 -0.25
CA TRP A 208 -19.97 -9.44 0.44
C TRP A 208 -20.86 -10.21 -0.53
N LEU A 209 -21.88 -10.89 -0.03
CA LEU A 209 -22.64 -11.83 -0.85
C LEU A 209 -24.05 -11.41 -1.11
N ASN A 210 -24.61 -12.02 -2.14
CA ASN A 210 -25.97 -11.82 -2.55
C ASN A 210 -26.87 -12.54 -1.56
N VAL A 211 -27.64 -11.76 -0.80
CA VAL A 211 -28.54 -12.33 0.23
C VAL A 211 -29.70 -13.15 -0.34
N ILE A 212 -29.98 -12.96 -1.64
CA ILE A 212 -31.08 -13.69 -2.27
C ILE A 212 -30.84 -15.19 -2.30
N TYR A 213 -29.60 -15.61 -2.15
CA TYR A 213 -29.29 -17.04 -2.24
C TYR A 213 -29.43 -17.74 -0.90
N ILE A 214 -29.80 -17.00 0.15
CA ILE A 214 -30.05 -17.59 1.44
C ILE A 214 -31.24 -18.53 1.32
N ASP A 215 -31.04 -19.74 1.82
CA ASP A 215 -32.07 -20.74 1.88
C ASP A 215 -32.78 -20.57 3.22
N VAL A 216 -33.99 -20.03 3.17
CA VAL A 216 -34.73 -19.73 4.38
C VAL A 216 -35.16 -20.98 5.17
N ASN A 217 -35.27 -22.11 4.47
CA ASN A 217 -35.58 -23.40 5.10
C ASN A 217 -34.52 -23.93 6.07
N ALA A 218 -33.28 -23.48 5.91
CA ALA A 218 -32.19 -23.89 6.80
C ALA A 218 -31.95 -22.86 7.92
N VAL A 219 -32.83 -21.87 8.03
CA VAL A 219 -32.70 -20.84 9.05
C VAL A 219 -33.59 -21.24 10.24
N GLU A 220 -32.99 -21.82 11.29
CA GLU A 220 -33.78 -22.30 12.44
C GLU A 220 -34.81 -21.31 13.01
N ASP A 221 -34.49 -20.02 13.03
CA ASP A 221 -35.41 -19.04 13.63
C ASP A 221 -36.64 -18.74 12.78
N PHE A 222 -36.57 -19.07 11.49
CA PHE A 222 -37.74 -19.04 10.65
C PHE A 222 -38.72 -20.10 11.17
N HIS A 223 -38.19 -21.28 11.51
CA HIS A 223 -39.02 -22.41 11.94
C HIS A 223 -39.50 -22.25 13.39
N LEU A 224 -38.75 -21.51 14.21
CA LEU A 224 -39.13 -21.30 15.61
C LEU A 224 -39.97 -20.05 15.81
N SER A 225 -40.04 -19.17 14.82
CA SER A 225 -40.86 -17.95 14.95
C SER A 225 -42.31 -18.30 14.68
N GLU A 226 -43.16 -18.08 15.66
CA GLU A 226 -44.57 -18.39 15.51
C GLU A 226 -45.28 -17.42 14.56
N GLU A 227 -44.89 -16.15 14.57
CA GLU A 227 -45.37 -15.20 13.57
C GLU A 227 -44.99 -15.66 12.14
N ALA A 228 -43.78 -16.20 11.96
CA ALA A 228 -43.33 -16.75 10.67
C ALA A 228 -44.15 -17.96 10.23
N GLN A 229 -44.43 -18.89 11.14
CA GLN A 229 -45.29 -20.03 10.87
C GLN A 229 -46.69 -19.59 10.43
N ALA A 230 -47.30 -18.67 11.20
CA ALA A 230 -48.63 -18.16 10.86
C ALA A 230 -48.65 -17.59 9.44
N TRP A 231 -47.73 -16.67 9.15
CA TRP A 231 -47.57 -16.08 7.80
C TRP A 231 -47.37 -17.14 6.71
N TRP A 232 -46.45 -18.07 6.95
CA TRP A 232 -46.14 -19.15 6.00
C TRP A 232 -47.38 -19.91 5.59
N GLN A 233 -48.21 -20.27 6.55
CA GLN A 233 -49.37 -21.13 6.27
C GLN A 233 -50.58 -20.40 5.69
N LEU A 234 -50.46 -19.09 5.45
CA LEU A 234 -51.53 -18.34 4.79
C LEU A 234 -51.73 -18.80 3.35
N PRO A 235 -53.00 -18.84 2.90
CA PRO A 235 -53.20 -19.20 1.50
C PRO A 235 -52.56 -18.17 0.55
N THR A 236 -52.56 -16.90 0.93
CA THR A 236 -51.93 -15.84 0.12
C THR A 236 -50.40 -15.96 0.04
N THR A 237 -49.77 -16.57 1.04
CA THR A 237 -48.33 -16.76 1.01
C THR A 237 -47.97 -17.95 0.16
N GLN A 238 -48.60 -19.08 0.45
CA GLN A 238 -48.39 -20.31 -0.32
C GLN A 238 -48.70 -20.14 -1.80
N GLN A 239 -49.71 -19.33 -2.13
CA GLN A 239 -50.01 -18.99 -3.52
C GLN A 239 -48.88 -18.19 -4.20
N THR A 240 -48.49 -17.06 -3.61
CA THR A 240 -47.39 -16.22 -4.09
C THR A 240 -46.13 -17.06 -4.33
N LEU A 241 -45.85 -17.96 -3.38
CA LEU A 241 -44.74 -18.90 -3.45
C LEU A 241 -44.86 -19.87 -4.62
N GLN A 242 -46.03 -20.51 -4.75
CA GLN A 242 -46.30 -21.43 -5.83
C GLN A 242 -46.04 -20.72 -7.17
N GLN A 243 -46.60 -19.52 -7.32
CA GLN A 243 -46.43 -18.74 -8.55
C GLN A 243 -44.98 -18.39 -8.82
N ALA A 244 -44.24 -18.01 -7.77
CA ALA A 244 -42.82 -17.69 -7.94
C ALA A 244 -42.04 -18.94 -8.42
N ARG A 245 -42.32 -20.09 -7.83
CA ARG A 245 -41.61 -21.32 -8.14
C ARG A 245 -41.92 -21.86 -9.54
N ASP A 246 -43.21 -21.87 -9.89
CA ASP A 246 -43.64 -22.48 -11.15
C ASP A 246 -43.30 -21.62 -12.37
N ALA A 247 -43.06 -20.31 -12.19
CA ALA A 247 -42.74 -19.45 -13.33
C ALA A 247 -41.42 -19.90 -13.98
N ASP A 248 -41.29 -19.69 -15.29
CA ASP A 248 -40.11 -20.14 -16.05
C ASP A 248 -39.00 -19.08 -16.04
N TRP A 249 -39.32 -17.89 -15.51
CA TRP A 249 -38.38 -16.79 -15.36
C TRP A 249 -38.38 -16.38 -13.88
N VAL A 250 -37.20 -16.07 -13.34
CA VAL A 250 -37.10 -15.65 -11.94
C VAL A 250 -37.85 -14.33 -11.70
N ASP A 251 -38.77 -14.34 -10.74
CA ASP A 251 -39.41 -13.10 -10.29
C ASP A 251 -38.62 -12.52 -9.10
N TYR A 252 -37.64 -11.66 -9.40
CA TYR A 252 -36.71 -11.13 -8.37
C TYR A 252 -37.38 -10.29 -7.27
N SER A 253 -38.37 -9.48 -7.65
CA SER A 253 -39.14 -8.65 -6.69
C SER A 253 -39.98 -9.50 -5.73
N THR A 254 -40.65 -10.54 -6.26
CA THR A 254 -41.48 -11.38 -5.43
C THR A 254 -40.61 -12.28 -4.53
N VAL A 255 -39.58 -12.91 -5.09
CA VAL A 255 -38.77 -13.82 -4.31
C VAL A 255 -38.07 -13.06 -3.15
N THR A 256 -37.56 -11.88 -3.48
CA THR A 256 -36.96 -11.01 -2.53
C THR A 256 -37.93 -10.68 -1.40
N ALA A 257 -39.13 -10.20 -1.71
CA ALA A 257 -40.11 -9.85 -0.67
C ALA A 257 -40.49 -11.06 0.18
N LEU A 258 -40.55 -12.25 -0.44
CA LEU A 258 -40.85 -13.46 0.35
C LEU A 258 -39.78 -13.65 1.42
N LYS A 259 -38.53 -13.67 0.93
CA LYS A 259 -37.38 -13.91 1.80
C LYS A 259 -37.14 -12.82 2.84
N MET A 260 -37.25 -11.54 2.48
CA MET A 260 -37.09 -10.44 3.46
C MET A 260 -38.20 -10.41 4.52
N THR A 261 -39.40 -10.78 4.11
CA THR A 261 -40.51 -10.88 5.05
C THR A 261 -40.23 -12.02 6.02
N ALA A 262 -39.82 -13.19 5.49
CA ALA A 262 -39.50 -14.33 6.34
C ALA A 262 -38.31 -14.09 7.27
N LEU A 263 -37.26 -13.47 6.76
CA LEU A 263 -36.02 -13.33 7.53
C LEU A 263 -36.12 -12.22 8.56
N ARG A 264 -36.91 -11.18 8.29
CA ARG A 264 -37.23 -10.17 9.29
C ARG A 264 -37.88 -10.80 10.51
N MET A 265 -38.81 -11.72 10.28
CA MET A 265 -39.51 -12.41 11.36
C MET A 265 -38.57 -13.37 12.10
N ALA A 266 -37.77 -14.13 11.37
CA ALA A 266 -36.74 -14.96 11.99
C ALA A 266 -35.86 -14.11 12.86
N TRP A 267 -35.37 -13.01 12.29
CA TRP A 267 -34.42 -12.11 12.93
C TRP A 267 -34.95 -11.59 14.26
N LYS A 268 -36.26 -11.37 14.37
CA LYS A 268 -36.88 -10.99 15.68
C LYS A 268 -36.66 -12.05 16.73
N GLY A 269 -36.69 -13.31 16.30
CA GLY A 269 -36.34 -14.45 17.13
C GLY A 269 -34.85 -14.48 17.41
N PHE A 270 -34.05 -14.49 16.34
CA PHE A 270 -32.60 -14.59 16.52
C PHE A 270 -32.07 -13.52 17.49
N ALA A 271 -32.55 -12.29 17.33
CA ALA A 271 -31.96 -11.13 18.00
C ALA A 271 -31.93 -11.28 19.53
N GLN A 272 -32.92 -11.99 20.06
CA GLN A 272 -33.09 -12.17 21.50
C GLN A 272 -32.13 -13.23 22.08
N ARG A 273 -31.59 -14.08 21.21
CA ARG A 273 -30.66 -15.13 21.64
C ARG A 273 -29.47 -14.57 22.40
N ASP A 274 -29.01 -15.33 23.37
CA ASP A 274 -27.86 -14.97 24.19
C ASP A 274 -27.05 -16.25 24.39
N ASP A 275 -26.67 -16.86 23.27
CA ASP A 275 -26.12 -18.23 23.22
C ASP A 275 -24.97 -18.32 22.20
N GLU A 276 -24.53 -19.55 21.91
CA GLU A 276 -23.45 -19.81 20.96
C GLU A 276 -23.67 -19.11 19.62
N GLN A 277 -24.89 -19.22 19.09
CA GLN A 277 -25.19 -18.69 17.76
C GLN A 277 -25.06 -17.17 17.68
N MET A 278 -25.58 -16.47 18.68
CA MET A 278 -25.38 -15.03 18.79
C MET A 278 -23.88 -14.72 18.85
N ALA A 279 -23.16 -15.41 19.72
CA ALA A 279 -21.70 -15.22 19.85
C ALA A 279 -20.95 -15.42 18.54
N ALA A 280 -21.29 -16.49 17.81
CA ALA A 280 -20.64 -16.75 16.55
C ALA A 280 -20.98 -15.66 15.54
N PHE A 281 -22.25 -15.24 15.49
CA PHE A 281 -22.64 -14.14 14.60
C PHE A 281 -21.85 -12.88 14.95
N ARG A 282 -21.86 -12.51 16.23
CA ARG A 282 -21.13 -11.32 16.69
C ARG A 282 -19.62 -11.40 16.47
N GLN A 283 -19.05 -12.58 16.69
CA GLN A 283 -17.64 -12.79 16.44
C GLN A 283 -17.32 -12.67 14.91
N PHE A 284 -18.19 -13.20 14.06
CA PHE A 284 -18.09 -12.98 12.60
C PHE A 284 -18.09 -11.48 12.27
N VAL A 285 -19.06 -10.73 12.81
CA VAL A 285 -19.15 -9.31 12.52
C VAL A 285 -17.82 -8.63 12.89
N ALA A 286 -17.34 -8.92 14.09
CA ALA A 286 -16.10 -8.32 14.58
C ALA A 286 -14.93 -8.62 13.64
N GLU A 287 -14.77 -9.90 13.32
CA GLU A 287 -13.67 -10.32 12.47
C GLU A 287 -13.68 -9.67 11.09
N GLN A 288 -14.87 -9.42 10.53
CA GLN A 288 -14.94 -8.80 9.20
C GLN A 288 -14.68 -7.29 9.16
N GLY A 289 -14.85 -6.61 10.29
CA GLY A 289 -14.47 -5.20 10.42
C GLY A 289 -15.31 -4.25 9.59
N ASP A 290 -14.73 -3.11 9.26
CA ASP A 290 -15.49 -1.96 8.77
C ASP A 290 -16.22 -2.22 7.46
N SER A 291 -15.53 -2.84 6.51
CA SER A 291 -16.09 -3.12 5.19
C SER A 291 -17.45 -3.80 5.33
N LEU A 292 -17.56 -4.82 6.19
CA LEU A 292 -18.86 -5.47 6.40
C LEU A 292 -19.85 -4.49 6.99
N PHE A 293 -19.40 -3.72 7.98
CA PHE A 293 -20.29 -2.76 8.59
C PHE A 293 -20.88 -1.84 7.52
N TRP A 294 -20.05 -1.23 6.67
CA TRP A 294 -20.57 -0.28 5.68
C TRP A 294 -21.48 -0.91 4.62
N GLN A 295 -21.32 -2.22 4.37
CA GLN A 295 -22.23 -2.98 3.51
C GLN A 295 -23.65 -3.06 4.14
N ALA A 296 -23.72 -3.51 5.39
CA ALA A 296 -24.98 -3.55 6.11
C ALA A 296 -25.61 -2.16 6.17
N ALA A 297 -24.80 -1.16 6.48
CA ALA A 297 -25.29 0.21 6.58
C ALA A 297 -25.83 0.73 5.25
N PHE A 298 -25.14 0.38 4.18
CA PHE A 298 -25.57 0.76 2.84
C PHE A 298 -26.91 0.10 2.51
N ASP A 299 -26.99 -1.21 2.72
CA ASP A 299 -28.25 -1.92 2.52
C ASP A 299 -29.36 -1.35 3.39
N ALA A 300 -29.09 -1.09 4.68
CA ALA A 300 -30.11 -0.51 5.53
C ALA A 300 -30.55 0.87 5.04
N LEU A 301 -29.61 1.69 4.60
CA LEU A 301 -29.98 3.03 4.14
C LEU A 301 -30.69 3.00 2.78
N HIS A 302 -30.21 2.09 1.93
CA HIS A 302 -30.78 1.89 0.62
C HIS A 302 -32.25 1.48 0.79
N ALA A 303 -32.52 0.48 1.64
CA ALA A 303 -33.93 0.12 1.99
C ALA A 303 -34.78 1.32 2.33
N GLN A 304 -34.23 2.28 3.07
CA GLN A 304 -35.00 3.48 3.43
C GLN A 304 -35.25 4.39 2.25
N GLN A 305 -34.21 4.64 1.48
CA GLN A 305 -34.30 5.53 0.33
C GLN A 305 -35.34 5.07 -0.69
N VAL A 306 -35.45 3.77 -0.94
CA VAL A 306 -36.41 3.33 -1.99
C VAL A 306 -37.83 3.47 -1.53
N LYS A 307 -38.05 3.49 -0.22
CA LYS A 307 -39.36 3.72 0.36
C LYS A 307 -39.87 5.13 0.00
N GLU A 308 -38.94 6.05 -0.20
CA GLU A 308 -39.28 7.38 -0.66
C GLU A 308 -39.44 7.40 -2.15
N ASP A 309 -38.62 6.60 -2.84
CA ASP A 309 -38.55 6.62 -4.28
C ASP A 309 -37.81 5.39 -4.78
N GLU A 310 -38.55 4.47 -5.40
CA GLU A 310 -38.00 3.28 -6.09
C GLU A 310 -36.78 3.53 -6.99
N MET A 311 -36.73 4.71 -7.60
CA MET A 311 -35.66 5.06 -8.54
C MET A 311 -34.37 5.53 -7.86
N ARG A 312 -34.29 5.47 -6.53
CA ARG A 312 -33.01 5.69 -5.83
C ARG A 312 -32.12 4.43 -5.86
N TRP A 313 -31.61 4.17 -7.06
CA TRP A 313 -30.78 3.00 -7.39
C TRP A 313 -29.42 2.89 -6.69
N GLY A 314 -28.88 4.02 -6.22
CA GLY A 314 -27.57 4.05 -5.53
C GLY A 314 -27.32 5.35 -4.80
N TRP A 315 -26.14 5.46 -4.18
CA TRP A 315 -25.84 6.66 -3.38
C TRP A 315 -25.78 7.93 -4.21
N PRO A 316 -25.37 7.83 -5.49
CA PRO A 316 -25.37 9.06 -6.30
C PRO A 316 -26.76 9.62 -6.55
N ALA A 317 -27.79 8.80 -6.41
CA ALA A 317 -29.16 9.31 -6.49
C ALA A 317 -29.73 9.74 -5.12
N TRP A 318 -28.99 9.57 -4.03
CA TRP A 318 -29.48 9.95 -2.69
C TRP A 318 -29.22 11.40 -2.38
N PRO A 319 -29.93 11.97 -1.39
CA PRO A 319 -29.59 13.31 -1.00
C PRO A 319 -28.09 13.49 -0.70
N GLU A 320 -27.61 14.71 -0.93
CA GLU A 320 -26.24 15.11 -0.66
C GLU A 320 -25.78 14.60 0.70
N MET A 321 -26.63 14.76 1.72
CA MET A 321 -26.23 14.43 3.09
C MET A 321 -25.96 12.93 3.30
N TYR A 322 -26.56 12.07 2.50
CA TYR A 322 -26.29 10.65 2.60
C TYR A 322 -25.21 10.12 1.63
N GLN A 323 -24.59 11.02 0.87
CA GLN A 323 -23.54 10.62 -0.08
C GLN A 323 -22.17 10.58 0.58
N ASN A 324 -22.01 11.31 1.69
CA ASN A 324 -20.74 11.44 2.42
C ASN A 324 -20.87 10.61 3.69
N VAL A 325 -20.12 9.53 3.81
CA VAL A 325 -20.29 8.60 4.91
C VAL A 325 -19.90 9.18 6.29
N ASP A 326 -19.07 10.22 6.27
CA ASP A 326 -18.74 10.99 7.47
C ASP A 326 -19.70 12.14 7.71
N SER A 327 -20.70 12.32 6.86
CA SER A 327 -21.68 13.36 7.13
C SER A 327 -22.27 13.03 8.51
N PRO A 328 -22.74 14.04 9.23
CA PRO A 328 -23.42 13.71 10.49
C PRO A 328 -24.75 12.96 10.28
N GLU A 329 -25.42 13.22 9.17
CA GLU A 329 -26.70 12.58 8.89
C GLU A 329 -26.53 11.07 8.69
N VAL A 330 -25.43 10.67 8.08
CA VAL A 330 -25.15 9.24 7.93
C VAL A 330 -24.82 8.62 9.29
N ARG A 331 -23.98 9.30 10.07
CA ARG A 331 -23.69 8.83 11.43
C ARG A 331 -24.99 8.73 12.22
N GLN A 332 -25.80 9.78 12.16
CA GLN A 332 -27.09 9.76 12.82
C GLN A 332 -27.96 8.60 12.38
N PHE A 333 -27.99 8.33 11.07
CA PHE A 333 -28.82 7.25 10.55
C PHE A 333 -28.38 5.92 11.13
N CYS A 334 -27.07 5.70 11.15
CA CYS A 334 -26.52 4.44 11.63
C CYS A 334 -26.89 4.23 13.08
N GLU A 335 -26.73 5.29 13.87
CA GLU A 335 -27.13 5.33 15.28
C GLU A 335 -28.61 5.01 15.50
N GLU A 336 -29.47 5.68 14.73
CA GLU A 336 -30.92 5.55 14.91
C GLU A 336 -31.53 4.31 14.28
N HIS A 337 -30.75 3.54 13.52
CA HIS A 337 -31.29 2.35 12.82
C HIS A 337 -30.43 1.13 13.10
N ARG A 338 -30.12 0.94 14.38
CA ARG A 338 -29.16 -0.07 14.79
C ARG A 338 -29.65 -1.47 14.47
N ASP A 339 -30.92 -1.70 14.74
CA ASP A 339 -31.54 -2.96 14.44
C ASP A 339 -31.59 -3.28 12.89
N ASP A 340 -31.82 -2.26 12.05
CA ASP A 340 -31.73 -2.46 10.57
C ASP A 340 -30.32 -2.90 10.16
N VAL A 341 -29.32 -2.14 10.58
CA VAL A 341 -27.94 -2.47 10.30
C VAL A 341 -27.63 -3.89 10.76
N ASP A 342 -28.05 -4.24 11.97
CA ASP A 342 -27.87 -5.60 12.48
C ASP A 342 -28.46 -6.68 11.59
N PHE A 343 -29.63 -6.42 11.01
CA PHE A 343 -30.34 -7.37 10.19
C PHE A 343 -29.56 -7.67 8.91
N TYR A 344 -29.06 -6.62 8.25
CA TYR A 344 -28.27 -6.79 7.04
C TYR A 344 -26.90 -7.35 7.33
N LEU A 345 -26.41 -7.15 8.55
CA LEU A 345 -25.23 -7.88 9.00
C LEU A 345 -25.59 -9.36 9.21
N TRP A 346 -26.75 -9.64 9.78
CA TRP A 346 -27.21 -11.02 9.94
C TRP A 346 -27.35 -11.79 8.60
N LEU A 347 -27.92 -11.14 7.59
CA LEU A 347 -28.06 -11.76 6.27
C LEU A 347 -26.70 -12.14 5.69
N GLN A 348 -25.73 -11.25 5.81
CA GLN A 348 -24.38 -11.57 5.39
C GLN A 348 -23.78 -12.76 6.16
N TRP A 349 -24.02 -12.81 7.48
CA TRP A 349 -23.61 -13.96 8.27
C TRP A 349 -24.26 -15.23 7.80
N LEU A 350 -25.55 -15.16 7.53
CA LEU A 350 -26.28 -16.34 7.06
C LEU A 350 -25.83 -16.81 5.66
N ALA A 351 -25.63 -15.85 4.77
CA ALA A 351 -25.11 -16.15 3.42
C ALA A 351 -23.75 -16.86 3.51
N TYR A 352 -22.80 -16.24 4.20
CA TYR A 352 -21.48 -16.82 4.41
C TYR A 352 -21.56 -18.21 5.06
N SER A 353 -22.36 -18.37 6.11
CA SER A 353 -22.46 -19.67 6.80
C SER A 353 -23.03 -20.76 5.90
N GLN A 354 -23.99 -20.39 5.07
CA GLN A 354 -24.60 -21.35 4.15
C GLN A 354 -23.65 -21.75 3.04
N PHE A 355 -22.99 -20.77 2.45
CA PHE A 355 -21.90 -21.08 1.55
C PHE A 355 -20.84 -21.95 2.21
N ALA A 356 -20.44 -21.61 3.43
CA ALA A 356 -19.43 -22.40 4.12
C ALA A 356 -19.90 -23.83 4.33
N ALA A 357 -21.19 -24.01 4.60
CA ALA A 357 -21.78 -25.35 4.76
C ALA A 357 -21.75 -26.16 3.45
N CYS A 358 -22.02 -25.49 2.32
CA CYS A 358 -21.81 -26.09 1.01
C CYS A 358 -20.37 -26.56 0.85
N TRP A 359 -19.43 -25.66 1.10
CA TRP A 359 -18.00 -26.01 1.00
C TRP A 359 -17.68 -27.29 1.74
N GLU A 360 -18.17 -27.39 2.98
CA GLU A 360 -17.86 -28.54 3.84
C GLU A 360 -18.43 -29.81 3.27
N ILE A 361 -19.65 -29.75 2.73
CA ILE A 361 -20.23 -30.94 2.11
C ILE A 361 -19.33 -31.36 0.94
N SER A 362 -18.91 -30.37 0.17
CA SER A 362 -18.04 -30.60 -0.99
C SER A 362 -16.78 -31.34 -0.57
N GLN A 363 -16.23 -30.96 0.57
CA GLN A 363 -15.01 -31.59 1.08
C GLN A 363 -15.23 -32.92 1.80
N GLY A 364 -16.42 -33.14 2.35
CA GLY A 364 -16.80 -34.46 2.86
C GLY A 364 -16.92 -35.51 1.75
N TYR A 365 -17.25 -35.07 0.54
CA TYR A 365 -17.29 -35.97 -0.62
C TYR A 365 -15.94 -36.04 -1.35
N GLU A 366 -14.90 -35.40 -0.81
CA GLU A 366 -13.56 -35.48 -1.38
C GLU A 366 -13.52 -35.00 -2.85
N MET A 367 -14.27 -33.93 -3.09
CA MET A 367 -14.21 -33.23 -4.38
C MET A 367 -12.89 -32.46 -4.43
N PRO A 368 -12.09 -32.67 -5.48
CA PRO A 368 -10.79 -32.02 -5.53
C PRO A 368 -10.85 -30.50 -5.61
N ILE A 369 -11.97 -29.96 -6.10
CA ILE A 369 -12.18 -28.52 -6.17
C ILE A 369 -13.46 -28.14 -5.39
N GLY A 370 -14.51 -28.93 -5.48
CA GLY A 370 -15.71 -28.75 -4.69
C GLY A 370 -16.54 -27.57 -5.16
N LEU A 371 -16.10 -26.37 -4.82
CA LEU A 371 -16.77 -25.16 -5.23
C LEU A 371 -15.82 -24.25 -5.94
N TYR A 372 -16.33 -23.65 -6.99
CA TYR A 372 -15.58 -22.83 -7.88
C TYR A 372 -16.31 -21.48 -7.91
N ARG A 373 -15.69 -20.42 -7.38
CA ARG A 373 -16.33 -19.10 -7.37
C ARG A 373 -15.87 -18.31 -8.59
N ASP A 374 -16.57 -17.23 -8.91
CA ASP A 374 -16.25 -16.41 -10.06
C ASP A 374 -16.18 -14.96 -9.58
N LEU A 375 -15.05 -14.31 -9.83
CA LEU A 375 -14.85 -12.92 -9.46
C LEU A 375 -15.07 -12.00 -10.67
N ALA A 376 -16.21 -11.31 -10.69
CA ALA A 376 -16.46 -10.20 -11.62
C ALA A 376 -15.35 -9.16 -11.60
N VAL A 377 -15.30 -8.35 -12.65
CA VAL A 377 -14.16 -7.49 -12.92
C VAL A 377 -14.26 -6.16 -12.22
N GLY A 378 -15.44 -5.80 -11.73
CA GLY A 378 -15.57 -4.55 -10.99
C GLY A 378 -16.85 -4.37 -10.23
N VAL A 379 -17.01 -3.19 -9.64
CA VAL A 379 -18.20 -2.89 -8.89
C VAL A 379 -18.97 -1.78 -9.60
N ALA A 380 -20.27 -1.69 -9.36
CA ALA A 380 -21.08 -0.56 -9.83
C ALA A 380 -20.66 0.76 -9.23
N GLU A 381 -20.93 1.85 -9.94
CA GLU A 381 -20.53 3.17 -9.49
C GLU A 381 -21.20 3.66 -8.21
N GLY A 382 -22.44 3.22 -7.91
CA GLY A 382 -23.21 3.70 -6.77
C GLY A 382 -23.54 2.70 -5.66
N GLY A 383 -22.72 1.67 -5.49
CA GLY A 383 -22.96 0.64 -4.49
C GLY A 383 -22.18 0.89 -3.21
N ALA A 384 -22.13 -0.11 -2.35
CA ALA A 384 -21.56 0.01 -1.01
C ALA A 384 -20.04 0.22 -1.07
N GLU A 385 -19.38 -0.48 -1.98
CA GLU A 385 -17.92 -0.41 -2.15
C GLU A 385 -17.48 1.01 -2.49
N THR A 386 -18.11 1.63 -3.46
CA THR A 386 -17.73 3.02 -3.78
C THR A 386 -18.26 4.03 -2.78
N TRP A 387 -19.37 3.70 -2.13
CA TRP A 387 -19.89 4.54 -1.08
C TRP A 387 -18.86 4.77 0.03
N CYS A 388 -18.25 3.67 0.49
CA CYS A 388 -17.43 3.69 1.70
C CYS A 388 -15.94 3.76 1.42
N ASP A 389 -15.51 3.58 0.15
CA ASP A 389 -14.11 3.68 -0.21
C ASP A 389 -13.99 4.48 -1.50
N ARG A 390 -14.31 5.76 -1.41
CA ARG A 390 -14.44 6.63 -2.59
C ARG A 390 -13.11 6.84 -3.33
N GLU A 391 -12.03 7.14 -2.60
CA GLU A 391 -10.72 7.47 -3.23
C GLU A 391 -10.07 6.33 -4.03
N LEU A 392 -10.49 5.09 -3.78
CA LEU A 392 -9.93 3.92 -4.48
C LEU A 392 -10.39 3.82 -5.94
N TYR A 393 -11.55 4.42 -6.21
CA TYR A 393 -12.23 4.31 -7.48
C TYR A 393 -12.19 5.64 -8.19
N CYS A 394 -12.06 5.57 -9.50
CA CYS A 394 -12.00 6.74 -10.33
C CYS A 394 -13.36 6.85 -10.99
N LEU A 395 -14.25 7.51 -10.28
CA LEU A 395 -15.63 7.67 -10.70
C LEU A 395 -15.77 8.45 -11.99
N LYS A 396 -14.70 9.16 -12.38
CA LYS A 396 -14.72 9.94 -13.64
C LYS A 396 -14.37 9.11 -14.87
N ALA A 397 -14.21 7.80 -14.70
CA ALA A 397 -13.98 6.90 -15.84
C ALA A 397 -14.82 5.64 -15.69
N SER A 398 -15.01 4.90 -16.78
CA SER A 398 -15.69 3.61 -16.71
C SER A 398 -14.92 2.57 -17.46
N VAL A 399 -14.89 1.36 -16.92
CA VAL A 399 -14.20 0.25 -17.56
C VAL A 399 -15.07 -0.29 -18.73
N GLY A 400 -14.45 -0.53 -19.88
CA GLY A 400 -15.16 -1.14 -20.98
C GLY A 400 -14.23 -2.00 -21.81
N ALA A 401 -14.41 -1.94 -23.12
CA ALA A 401 -13.53 -2.62 -24.07
C ALA A 401 -13.44 -1.77 -25.33
N PRO A 402 -12.29 -1.78 -25.99
CA PRO A 402 -12.12 -0.95 -27.18
C PRO A 402 -12.98 -1.46 -28.34
N PRO A 403 -13.25 -0.59 -29.34
CA PRO A 403 -13.90 -1.04 -30.56
C PRO A 403 -13.01 -2.04 -31.32
N ASP A 404 -13.58 -3.19 -31.71
CA ASP A 404 -12.84 -4.27 -32.40
C ASP A 404 -13.57 -4.82 -33.64
N ILE A 405 -13.03 -5.87 -34.25
CA ILE A 405 -13.65 -6.54 -35.43
C ILE A 405 -15.11 -6.90 -35.18
N LEU A 406 -15.31 -7.64 -34.09
CA LEU A 406 -16.60 -8.28 -33.73
C LEU A 406 -17.51 -7.35 -32.92
N GLY A 407 -16.96 -6.25 -32.40
CA GLY A 407 -17.75 -5.14 -31.86
C GLY A 407 -17.07 -3.82 -32.21
N PRO A 408 -17.34 -3.29 -33.43
CA PRO A 408 -16.69 -2.05 -33.87
C PRO A 408 -17.40 -0.74 -33.45
N LEU A 409 -17.88 -0.70 -32.21
CA LEU A 409 -18.08 0.57 -31.48
C LEU A 409 -17.66 0.47 -30.01
N GLY A 410 -17.06 -0.66 -29.62
CA GLY A 410 -16.63 -0.88 -28.25
C GLY A 410 -17.76 -1.08 -27.26
N GLN A 411 -17.38 -1.32 -26.01
CA GLN A 411 -18.32 -1.56 -24.93
C GLN A 411 -17.98 -0.68 -23.72
N ASN A 412 -19.01 -0.33 -22.95
CA ASN A 412 -18.85 0.41 -21.70
C ASN A 412 -19.62 -0.37 -20.67
N TRP A 413 -18.91 -0.96 -19.73
CA TRP A 413 -19.53 -1.81 -18.72
C TRP A 413 -19.99 -1.04 -17.47
N GLY A 414 -19.83 0.29 -17.47
CA GLY A 414 -20.32 1.15 -16.41
C GLY A 414 -19.70 1.00 -15.02
N LEU A 415 -18.54 0.38 -14.90
CA LEU A 415 -17.90 0.18 -13.60
C LEU A 415 -16.74 1.18 -13.45
N PRO A 416 -16.65 1.92 -12.31
CA PRO A 416 -15.48 2.78 -12.14
C PRO A 416 -14.20 1.96 -11.89
N PRO A 417 -13.13 2.26 -12.63
CA PRO A 417 -11.91 1.49 -12.39
C PRO A 417 -11.23 1.82 -11.05
N MET A 418 -10.69 0.80 -10.39
CA MET A 418 -9.80 0.95 -9.24
C MET A 418 -8.50 1.70 -9.68
N ASP A 419 -8.11 2.74 -8.95
CA ASP A 419 -6.95 3.54 -9.34
C ASP A 419 -5.67 2.72 -9.10
N PRO A 420 -4.82 2.54 -10.13
CA PRO A 420 -3.62 1.69 -9.94
C PRO A 420 -2.64 2.27 -8.91
N HIS A 421 -2.58 3.60 -8.85
CA HIS A 421 -1.69 4.31 -7.96
C HIS A 421 -2.18 4.23 -6.51
N ILE A 422 -3.47 3.98 -6.31
CA ILE A 422 -3.99 3.80 -4.95
C ILE A 422 -3.74 2.36 -4.50
N ILE A 423 -3.81 1.42 -5.43
CA ILE A 423 -3.62 0.03 -5.07
C ILE A 423 -2.23 -0.11 -4.44
N THR A 424 -1.26 0.48 -5.13
CA THR A 424 0.13 0.43 -4.74
C THR A 424 0.41 1.29 -3.53
N ALA A 425 -0.20 2.48 -3.46
CA ALA A 425 -0.01 3.35 -2.31
C ALA A 425 -0.52 2.67 -1.03
N ARG A 426 -1.56 1.83 -1.15
CA ARG A 426 -2.01 1.01 -0.02
C ARG A 426 -1.29 -0.33 0.09
N ALA A 427 -0.19 -0.49 -0.63
CA ALA A 427 0.59 -1.71 -0.51
C ALA A 427 -0.21 -2.95 -0.90
N TYR A 428 -1.10 -2.80 -1.88
CA TYR A 428 -1.89 -3.89 -2.46
C TYR A 428 -3.05 -4.37 -1.59
N GLU A 429 -3.32 -3.64 -0.51
CA GLU A 429 -4.38 -3.99 0.43
C GLU A 429 -5.72 -4.31 -0.23
N PRO A 430 -6.24 -3.42 -1.11
CA PRO A 430 -7.55 -3.74 -1.67
C PRO A 430 -7.52 -5.01 -2.55
N PHE A 431 -6.40 -5.30 -3.20
CA PHE A 431 -6.31 -6.52 -4.02
C PHE A 431 -6.19 -7.76 -3.13
N ILE A 432 -5.39 -7.63 -2.07
CA ILE A 432 -5.27 -8.72 -1.07
C ILE A 432 -6.64 -9.07 -0.46
N GLU A 433 -7.41 -8.04 -0.11
CA GLU A 433 -8.71 -8.27 0.54
C GLU A 433 -9.78 -8.76 -0.42
N LEU A 434 -9.70 -8.30 -1.67
CA LEU A 434 -10.51 -8.85 -2.73
C LEU A 434 -10.31 -10.38 -2.83
N LEU A 435 -9.06 -10.83 -2.94
CA LEU A 435 -8.78 -12.26 -3.07
C LEU A 435 -9.18 -13.02 -1.81
N ARG A 436 -8.95 -12.40 -0.65
CA ARG A 436 -9.33 -13.06 0.60
C ARG A 436 -10.82 -13.34 0.70
N ALA A 437 -11.63 -12.43 0.19
CA ALA A 437 -13.06 -12.58 0.29
C ALA A 437 -13.59 -13.59 -0.75
N ASN A 438 -12.87 -13.81 -1.86
CA ASN A 438 -13.35 -14.68 -2.94
C ASN A 438 -12.63 -16.02 -3.02
N MET A 439 -11.66 -16.25 -2.15
CA MET A 439 -10.94 -17.53 -2.17
C MET A 439 -11.32 -18.36 -0.97
N GLN A 440 -12.14 -17.83 -0.09
CA GLN A 440 -12.50 -18.58 1.11
C GLN A 440 -13.61 -19.54 0.82
N ASN A 441 -13.49 -20.72 1.43
CA ASN A 441 -14.48 -21.76 1.29
C ASN A 441 -14.72 -22.20 -0.17
N CYS A 442 -13.64 -22.33 -0.93
CA CYS A 442 -13.75 -22.92 -2.27
C CYS A 442 -12.39 -23.39 -2.77
N GLY A 443 -12.42 -24.20 -3.82
CA GLY A 443 -11.25 -24.86 -4.37
C GLY A 443 -10.67 -24.13 -5.56
N ALA A 444 -11.45 -23.24 -6.16
CA ALA A 444 -11.00 -22.49 -7.33
C ALA A 444 -11.71 -21.15 -7.44
N LEU A 445 -11.03 -20.21 -8.09
CA LEU A 445 -11.56 -18.90 -8.38
C LEU A 445 -11.38 -18.59 -9.84
N ARG A 446 -12.48 -18.27 -10.53
CA ARG A 446 -12.36 -17.74 -11.88
C ARG A 446 -12.26 -16.24 -11.74
N ILE A 447 -11.18 -15.68 -12.27
CA ILE A 447 -11.01 -14.25 -12.37
C ILE A 447 -11.50 -13.81 -13.76
N ASP A 448 -12.62 -13.11 -13.79
CA ASP A 448 -13.09 -12.49 -15.00
C ASP A 448 -12.09 -11.55 -15.57
N HIS A 449 -11.92 -11.57 -16.90
CA HIS A 449 -11.07 -10.62 -17.59
C HIS A 449 -9.75 -10.48 -16.87
N VAL A 450 -9.02 -11.60 -16.79
CA VAL A 450 -7.75 -11.68 -16.09
C VAL A 450 -6.74 -10.68 -16.67
N MET A 451 -6.94 -10.24 -17.92
CA MET A 451 -6.09 -9.18 -18.49
C MET A 451 -6.10 -7.89 -17.68
N SER A 452 -7.12 -7.71 -16.85
CA SER A 452 -7.26 -6.57 -15.94
C SER A 452 -6.05 -6.32 -15.01
N MET A 453 -5.35 -7.39 -14.68
CA MET A 453 -4.12 -7.30 -13.90
C MET A 453 -3.00 -6.59 -14.64
N LEU A 454 -3.03 -6.60 -15.99
CA LEU A 454 -2.09 -5.81 -16.78
C LEU A 454 -2.66 -4.44 -17.13
N ARG A 455 -3.90 -4.43 -17.60
CA ARG A 455 -4.48 -3.19 -18.12
C ARG A 455 -6.02 -3.25 -18.16
N LEU A 456 -6.66 -2.09 -18.02
CA LEU A 456 -8.08 -1.93 -18.33
C LEU A 456 -8.31 -0.77 -19.31
N TRP A 457 -9.36 -0.92 -20.10
CA TRP A 457 -9.75 0.10 -21.05
C TRP A 457 -10.57 1.11 -20.26
N TRP A 458 -9.99 2.28 -20.02
CA TRP A 458 -10.68 3.29 -19.24
C TRP A 458 -11.36 4.22 -20.22
N ILE A 459 -12.66 4.44 -20.06
CA ILE A 459 -13.40 5.38 -20.87
C ILE A 459 -13.75 6.61 -20.04
N PRO A 460 -13.47 7.82 -20.55
CA PRO A 460 -13.92 8.99 -19.79
C PRO A 460 -15.43 8.96 -19.58
N TYR A 461 -15.87 9.36 -18.40
CA TYR A 461 -17.28 9.24 -18.03
C TYR A 461 -18.13 10.01 -19.01
N GLY A 462 -19.17 9.35 -19.51
CA GLY A 462 -20.15 9.97 -20.40
C GLY A 462 -19.77 9.91 -21.85
N GLU A 463 -18.61 9.34 -22.17
CA GLU A 463 -18.17 9.30 -23.55
C GLU A 463 -18.32 7.91 -24.13
N THR A 464 -18.27 7.85 -25.46
CA THR A 464 -18.38 6.58 -26.16
C THR A 464 -17.12 5.75 -25.95
N ALA A 465 -17.25 4.43 -25.98
CA ALA A 465 -16.14 3.52 -25.71
C ALA A 465 -14.88 3.80 -26.53
N ASP A 466 -15.06 4.31 -27.75
CA ASP A 466 -13.95 4.67 -28.63
C ASP A 466 -13.09 5.83 -28.12
N GLN A 467 -13.58 6.60 -27.16
CA GLN A 467 -12.79 7.67 -26.55
C GLN A 467 -11.84 7.16 -25.46
N GLY A 468 -11.73 5.84 -25.30
CA GLY A 468 -11.04 5.27 -24.14
C GLY A 468 -9.56 5.11 -24.34
N ALA A 469 -8.91 4.41 -23.43
CA ALA A 469 -7.49 4.12 -23.54
C ALA A 469 -7.13 3.06 -22.52
N TYR A 470 -6.11 2.25 -22.81
CA TYR A 470 -5.64 1.26 -21.83
C TYR A 470 -4.85 1.96 -20.73
N VAL A 471 -5.24 1.71 -19.49
CA VAL A 471 -4.51 2.19 -18.34
C VAL A 471 -3.92 0.99 -17.63
N HIS A 472 -2.66 1.10 -17.27
CA HIS A 472 -1.92 -0.07 -16.81
C HIS A 472 -1.94 -0.27 -15.31
N TYR A 473 -1.75 -1.52 -14.92
CA TYR A 473 -1.72 -1.94 -13.52
C TYR A 473 -0.41 -2.68 -13.33
N PRO A 474 0.04 -2.85 -12.06
CA PRO A 474 1.32 -3.50 -11.81
C PRO A 474 1.24 -5.03 -11.82
N VAL A 475 1.22 -5.57 -13.04
CA VAL A 475 0.93 -6.98 -13.24
C VAL A 475 1.82 -7.94 -12.46
N ASP A 476 3.12 -7.64 -12.36
CA ASP A 476 4.06 -8.59 -11.77
C ASP A 476 3.83 -8.74 -10.25
N ASP A 477 3.66 -7.62 -9.57
CA ASP A 477 3.27 -7.69 -8.16
C ASP A 477 1.91 -8.36 -8.00
N LEU A 478 0.95 -8.03 -8.84
CA LEU A 478 -0.38 -8.62 -8.69
C LEU A 478 -0.33 -10.13 -8.90
N LEU A 479 0.50 -10.62 -9.82
CA LEU A 479 0.53 -12.05 -10.07
C LEU A 479 1.18 -12.79 -8.89
N SER A 480 2.22 -12.19 -8.33
CA SER A 480 2.91 -12.79 -7.18
C SER A 480 1.93 -12.89 -6.02
N ILE A 481 1.19 -11.82 -5.77
CA ILE A 481 0.21 -11.79 -4.65
C ILE A 481 -0.94 -12.74 -4.88
N LEU A 482 -1.35 -12.85 -6.14
CA LEU A 482 -2.38 -13.81 -6.53
C LEU A 482 -1.91 -15.23 -6.21
N ALA A 483 -0.66 -15.56 -6.56
CA ALA A 483 -0.14 -16.90 -6.30
C ALA A 483 -0.02 -17.18 -4.79
N LEU A 484 0.43 -16.18 -4.04
CA LEU A 484 0.59 -16.30 -2.57
C LEU A 484 -0.77 -16.56 -1.94
N GLU A 485 -1.74 -15.72 -2.26
CA GLU A 485 -3.08 -15.93 -1.70
C GLU A 485 -3.73 -17.22 -2.19
N SER A 486 -3.50 -17.58 -3.45
CA SER A 486 -4.00 -18.88 -3.95
C SER A 486 -3.43 -20.04 -3.11
N LYS A 487 -2.13 -20.00 -2.84
CA LYS A 487 -1.48 -21.03 -2.05
C LYS A 487 -1.98 -21.03 -0.60
N ARG A 488 -2.09 -19.85 0.04
CA ARG A 488 -2.57 -19.79 1.44
C ARG A 488 -4.01 -20.33 1.57
N HIS A 489 -4.82 -20.13 0.55
CA HIS A 489 -6.20 -20.60 0.57
C HIS A 489 -6.41 -22.01 -0.01
N ARG A 490 -5.37 -22.58 -0.62
CA ARG A 490 -5.46 -23.84 -1.35
C ARG A 490 -6.61 -23.72 -2.34
N CYS A 491 -6.59 -22.64 -3.12
CA CYS A 491 -7.63 -22.27 -4.06
C CYS A 491 -6.91 -22.00 -5.40
N MET A 492 -7.14 -22.87 -6.37
CA MET A 492 -6.54 -22.67 -7.70
C MET A 492 -7.19 -21.50 -8.44
N VAL A 493 -6.53 -21.00 -9.48
CA VAL A 493 -6.98 -19.81 -10.18
C VAL A 493 -7.20 -20.06 -11.67
N ILE A 494 -8.42 -19.73 -12.13
CA ILE A 494 -8.75 -19.78 -13.56
C ILE A 494 -8.86 -18.35 -14.05
N GLY A 495 -8.06 -18.01 -15.05
CA GLY A 495 -8.01 -16.66 -15.56
C GLY A 495 -8.74 -16.58 -16.87
N GLU A 496 -9.93 -15.97 -16.86
CA GLU A 496 -10.72 -15.87 -18.08
C GLU A 496 -9.97 -14.95 -19.01
N ASP A 497 -9.54 -15.50 -20.13
CA ASP A 497 -8.58 -14.83 -20.99
C ASP A 497 -9.00 -15.00 -22.46
N LEU A 498 -10.28 -14.78 -22.72
CA LEU A 498 -10.84 -14.94 -24.07
C LEU A 498 -10.42 -13.78 -24.97
N GLY A 499 -10.21 -14.07 -26.25
CA GLY A 499 -9.78 -13.01 -27.17
C GLY A 499 -8.29 -12.73 -27.07
N THR A 500 -7.91 -11.46 -27.16
CA THR A 500 -6.51 -11.03 -27.38
C THR A 500 -5.65 -10.98 -26.12
N VAL A 501 -4.69 -11.91 -26.04
CA VAL A 501 -3.72 -11.95 -24.95
C VAL A 501 -2.29 -11.83 -25.51
N PRO A 502 -1.55 -10.77 -25.15
CA PRO A 502 -0.18 -10.72 -25.69
C PRO A 502 0.61 -11.93 -25.21
N VAL A 503 1.57 -12.37 -26.02
CA VAL A 503 2.29 -13.61 -25.74
C VAL A 503 3.00 -13.53 -24.39
N GLU A 504 3.50 -12.34 -24.03
CA GLU A 504 4.18 -12.13 -22.74
C GLU A 504 3.29 -12.49 -21.56
N ILE A 505 2.03 -12.05 -21.62
CA ILE A 505 1.05 -12.34 -20.57
C ILE A 505 0.58 -13.78 -20.58
N VAL A 506 0.51 -14.41 -21.76
CA VAL A 506 0.18 -15.82 -21.85
C VAL A 506 1.20 -16.59 -21.04
N GLY A 507 2.48 -16.32 -21.30
CA GLY A 507 3.60 -16.94 -20.58
C GLY A 507 3.60 -16.67 -19.07
N LYS A 508 3.39 -15.41 -18.70
CA LYS A 508 3.33 -15.06 -17.27
C LYS A 508 2.22 -15.84 -16.58
N LEU A 509 1.03 -15.76 -17.15
CA LEU A 509 -0.12 -16.48 -16.63
C LEU A 509 0.17 -17.98 -16.48
N ARG A 510 0.76 -18.61 -17.49
CA ARG A 510 1.03 -20.04 -17.41
C ARG A 510 2.07 -20.34 -16.33
N SER A 511 3.18 -19.60 -16.30
CA SER A 511 4.20 -19.83 -15.28
C SER A 511 3.75 -19.41 -13.86
N SER A 512 2.72 -18.57 -13.76
CA SER A 512 2.14 -18.27 -12.48
C SER A 512 1.08 -19.29 -12.06
N GLY A 513 0.92 -20.36 -12.86
CA GLY A 513 0.03 -21.47 -12.55
C GLY A 513 -1.45 -21.10 -12.74
N VAL A 514 -1.73 -20.05 -13.49
CA VAL A 514 -3.11 -19.68 -13.80
C VAL A 514 -3.61 -20.55 -14.96
N TYR A 515 -4.85 -21.03 -14.83
CA TYR A 515 -5.44 -21.90 -15.80
C TYR A 515 -6.17 -21.02 -16.81
N SER A 516 -5.98 -21.36 -18.08
CA SER A 516 -6.52 -20.62 -19.18
C SER A 516 -7.95 -21.10 -19.42
N TYR A 517 -8.69 -20.38 -20.25
CA TYR A 517 -10.12 -20.61 -20.41
C TYR A 517 -10.53 -20.76 -21.88
N LYS A 518 -10.94 -21.95 -22.28
CA LYS A 518 -11.22 -22.24 -23.70
C LYS A 518 -12.69 -22.53 -23.97
N VAL A 519 -13.29 -21.75 -24.88
CA VAL A 519 -14.67 -21.94 -25.30
C VAL A 519 -14.70 -22.63 -26.66
N LEU A 520 -15.35 -23.81 -26.73
CA LEU A 520 -15.36 -24.65 -27.94
C LEU A 520 -15.65 -23.83 -29.19
N TYR A 521 -16.69 -22.99 -29.16
CA TYR A 521 -17.10 -22.24 -30.36
C TYR A 521 -15.93 -21.53 -31.04
N PHE A 522 -15.02 -20.98 -30.22
CA PHE A 522 -13.93 -20.12 -30.69
C PHE A 522 -12.66 -20.89 -31.06
N GLU A 523 -12.56 -22.16 -30.69
CA GLU A 523 -11.32 -22.87 -30.87
C GLU A 523 -11.20 -23.46 -32.28
N ASN A 524 -11.11 -22.56 -33.25
CA ASN A 524 -10.99 -22.91 -34.66
C ASN A 524 -10.18 -21.85 -35.36
N ASP A 525 -9.47 -22.21 -36.43
CA ASP A 525 -8.67 -21.19 -37.11
C ASP A 525 -9.55 -20.41 -38.10
N HIS A 526 -8.89 -19.67 -39.00
CA HIS A 526 -9.60 -18.81 -39.97
C HIS A 526 -10.33 -19.60 -41.06
N GLU A 527 -9.93 -20.84 -41.28
CA GLU A 527 -10.65 -21.70 -42.22
C GLU A 527 -11.75 -22.54 -41.55
N LYS A 528 -12.04 -22.22 -40.29
CA LYS A 528 -13.00 -22.98 -39.50
C LYS A 528 -12.55 -24.44 -39.24
N THR A 529 -11.23 -24.71 -39.30
CA THR A 529 -10.69 -25.98 -38.85
C THR A 529 -10.56 -25.91 -37.30
N PHE A 530 -11.28 -26.79 -36.60
CA PHE A 530 -11.30 -26.82 -35.14
C PHE A 530 -10.05 -27.51 -34.56
N ARG A 531 -9.55 -26.93 -33.47
CA ARG A 531 -8.38 -27.48 -32.81
C ARG A 531 -8.74 -28.87 -32.31
N ALA A 532 -7.83 -29.83 -32.50
CA ALA A 532 -8.04 -31.18 -32.00
C ALA A 532 -8.16 -31.19 -30.46
N PRO A 533 -9.00 -32.09 -29.91
CA PRO A 533 -9.07 -32.27 -28.47
C PRO A 533 -7.69 -32.27 -27.82
N LYS A 534 -6.79 -33.14 -28.28
CA LYS A 534 -5.47 -33.29 -27.64
C LYS A 534 -4.53 -32.07 -27.74
N ALA A 535 -4.83 -31.10 -28.60
CA ALA A 535 -4.01 -29.90 -28.73
C ALA A 535 -4.51 -28.75 -27.86
N TYR A 536 -5.57 -28.98 -27.07
CA TYR A 536 -5.98 -28.05 -26.03
C TYR A 536 -4.88 -27.94 -24.97
N PRO A 537 -4.61 -26.72 -24.48
CA PRO A 537 -3.58 -26.61 -23.46
C PRO A 537 -3.95 -27.37 -22.18
N GLU A 538 -3.00 -28.13 -21.67
CA GLU A 538 -3.17 -28.88 -20.44
C GLU A 538 -3.66 -27.96 -19.28
N GLN A 539 -3.03 -26.81 -19.14
CA GLN A 539 -3.31 -25.89 -18.04
C GLN A 539 -4.49 -24.96 -18.42
N SER A 540 -5.67 -25.56 -18.56
CA SER A 540 -6.84 -24.84 -18.96
C SER A 540 -8.11 -25.56 -18.56
N MET A 541 -9.18 -24.79 -18.61
CA MET A 541 -10.51 -25.29 -18.48
C MET A 541 -11.20 -25.11 -19.81
N ALA A 542 -11.82 -26.19 -20.27
CA ALA A 542 -12.58 -26.17 -21.52
C ALA A 542 -14.05 -26.21 -21.22
N VAL A 543 -14.79 -25.32 -21.88
CA VAL A 543 -16.25 -25.30 -21.85
C VAL A 543 -16.79 -25.18 -23.28
N ALA A 544 -18.07 -25.51 -23.42
CA ALA A 544 -18.77 -25.51 -24.71
C ALA A 544 -19.23 -24.10 -25.05
N ALA A 545 -19.55 -23.36 -23.99
CA ALA A 545 -20.23 -22.07 -24.05
C ALA A 545 -20.16 -21.42 -22.66
N THR A 546 -20.57 -20.17 -22.61
CA THR A 546 -20.65 -19.43 -21.37
C THR A 546 -22.02 -18.79 -21.33
N HIS A 547 -22.32 -18.17 -20.20
CA HIS A 547 -23.59 -17.48 -19.94
C HIS A 547 -23.82 -16.31 -20.88
N ASP A 548 -22.77 -15.83 -21.53
CA ASP A 548 -22.84 -14.76 -22.53
C ASP A 548 -23.10 -15.26 -23.97
N LEU A 549 -23.14 -16.58 -24.19
CA LEU A 549 -23.14 -17.15 -25.56
C LEU A 549 -24.32 -18.09 -25.72
N PRO A 550 -24.65 -18.47 -26.98
CA PRO A 550 -25.77 -19.39 -27.09
C PRO A 550 -25.43 -20.72 -26.45
N THR A 551 -26.44 -21.40 -25.96
CA THR A 551 -26.29 -22.77 -25.53
C THR A 551 -26.00 -23.59 -26.79
N LEU A 552 -25.75 -24.89 -26.62
CA LEU A 552 -25.44 -25.75 -27.80
C LEU A 552 -26.54 -25.79 -28.83
N ARG A 553 -27.77 -25.95 -28.39
CA ARG A 553 -28.88 -25.95 -29.29
C ARG A 553 -29.00 -24.57 -29.92
N GLY A 554 -28.91 -23.52 -29.10
CA GLY A 554 -29.01 -22.14 -29.56
C GLY A 554 -28.06 -21.88 -30.71
N TYR A 555 -26.84 -22.38 -30.55
CA TYR A 555 -25.74 -22.08 -31.43
C TYR A 555 -25.98 -22.78 -32.78
N TRP A 556 -26.27 -24.07 -32.70
CA TRP A 556 -26.59 -24.87 -33.88
C TRP A 556 -27.74 -24.28 -34.67
N GLU A 557 -28.72 -23.72 -33.96
CA GLU A 557 -29.93 -23.24 -34.61
C GLU A 557 -29.84 -21.78 -35.02
N CYS A 558 -28.69 -21.15 -34.81
CA CYS A 558 -28.52 -19.72 -35.06
C CYS A 558 -29.54 -18.87 -34.29
N GLY A 559 -29.99 -19.37 -33.14
CA GLY A 559 -30.98 -18.69 -32.30
C GLY A 559 -30.46 -17.38 -31.74
N ASP A 560 -29.17 -17.32 -31.36
CA ASP A 560 -28.58 -16.05 -30.91
C ASP A 560 -28.69 -14.99 -32.01
N LEU A 561 -28.37 -15.36 -33.25
CA LEU A 561 -28.42 -14.38 -34.33
C LEU A 561 -29.87 -13.94 -34.59
N THR A 562 -30.76 -14.92 -34.68
CA THR A 562 -32.18 -14.67 -34.95
C THR A 562 -32.85 -13.87 -33.80
N LEU A 563 -32.72 -14.35 -32.56
CA LEU A 563 -33.32 -13.61 -31.44
C LEU A 563 -32.73 -12.18 -31.40
N GLY A 564 -31.42 -12.08 -31.54
CA GLY A 564 -30.71 -10.80 -31.53
C GLY A 564 -31.25 -9.77 -32.50
N LYS A 565 -31.54 -10.23 -33.72
CA LYS A 565 -32.16 -9.42 -34.78
C LYS A 565 -33.46 -8.78 -34.28
N THR A 566 -34.32 -9.64 -33.75
CA THR A 566 -35.62 -9.24 -33.19
C THR A 566 -35.49 -8.21 -32.08
N LEU A 567 -34.37 -8.20 -31.40
CA LEU A 567 -34.17 -7.27 -30.28
C LEU A 567 -33.41 -6.00 -30.67
N GLY A 568 -33.08 -5.83 -31.97
CA GLY A 568 -32.45 -4.61 -32.48
C GLY A 568 -30.93 -4.56 -32.36
N LEU A 569 -30.30 -5.73 -32.25
CA LEU A 569 -28.85 -5.82 -32.05
C LEU A 569 -28.03 -5.93 -33.33
N TYR A 570 -28.67 -6.29 -34.44
CA TYR A 570 -27.98 -6.44 -35.70
C TYR A 570 -28.72 -5.65 -36.77
N PRO A 571 -28.74 -4.32 -36.62
CA PRO A 571 -29.42 -3.48 -37.61
C PRO A 571 -28.83 -3.62 -39.01
N ASP A 572 -27.51 -3.60 -39.09
CA ASP A 572 -26.78 -3.69 -40.36
C ASP A 572 -26.96 -5.07 -40.99
N GLU A 573 -27.77 -5.13 -42.05
CA GLU A 573 -28.18 -6.41 -42.63
C GLU A 573 -27.00 -7.13 -43.33
N VAL A 574 -26.12 -6.32 -43.92
CA VAL A 574 -24.98 -6.87 -44.67
C VAL A 574 -24.10 -7.70 -43.75
N VAL A 575 -23.87 -7.17 -42.56
CA VAL A 575 -23.05 -7.83 -41.56
C VAL A 575 -23.74 -9.08 -40.98
N LEU A 576 -25.05 -8.99 -40.78
CA LEU A 576 -25.81 -10.12 -40.26
C LEU A 576 -25.76 -11.32 -41.20
N ARG A 577 -25.74 -11.05 -42.51
CA ARG A 577 -25.64 -12.11 -43.52
C ARG A 577 -24.31 -12.85 -43.36
N GLY A 578 -23.25 -12.08 -43.18
CA GLY A 578 -21.91 -12.61 -42.91
C GLY A 578 -21.84 -13.50 -41.68
N LEU A 579 -22.45 -13.05 -40.60
CA LEU A 579 -22.50 -13.82 -39.36
C LEU A 579 -23.21 -15.15 -39.53
N TYR A 580 -24.34 -15.16 -40.25
CA TYR A 580 -25.05 -16.40 -40.43
C TYR A 580 -24.16 -17.37 -41.24
N GLN A 581 -23.53 -16.83 -42.28
CA GLN A 581 -22.61 -17.62 -43.12
C GLN A 581 -21.44 -18.14 -42.31
N ASP A 582 -20.88 -17.26 -41.49
CA ASP A 582 -19.80 -17.66 -40.61
C ASP A 582 -20.24 -18.84 -39.74
N ARG A 583 -21.45 -18.77 -39.17
CA ARG A 583 -21.97 -19.85 -38.32
C ARG A 583 -22.14 -21.15 -39.12
N GLU A 584 -22.65 -21.07 -40.35
CA GLU A 584 -22.83 -22.32 -41.12
C GLU A 584 -21.45 -22.95 -41.40
N LEU A 585 -20.46 -22.12 -41.73
CA LEU A 585 -19.11 -22.63 -41.94
C LEU A 585 -18.51 -23.23 -40.68
N ALA A 586 -18.75 -22.57 -39.54
CA ALA A 586 -18.29 -23.05 -38.25
C ALA A 586 -18.93 -24.37 -37.89
N LYS A 587 -20.24 -24.47 -38.01
CA LYS A 587 -20.93 -25.73 -37.70
C LYS A 587 -20.37 -26.88 -38.54
N GLN A 588 -20.13 -26.63 -39.83
CA GLN A 588 -19.58 -27.64 -40.72
C GLN A 588 -18.21 -28.13 -40.26
N GLY A 589 -17.31 -27.19 -39.98
CA GLY A 589 -15.96 -27.51 -39.49
C GLY A 589 -15.98 -28.26 -38.17
N LEU A 590 -16.97 -27.95 -37.33
CA LEU A 590 -17.10 -28.57 -36.02
C LEU A 590 -17.63 -29.97 -36.23
N LEU A 591 -18.64 -30.11 -37.09
CA LEU A 591 -19.14 -31.42 -37.44
C LEU A 591 -18.02 -32.29 -38.00
N ASP A 592 -17.21 -31.73 -38.88
CA ASP A 592 -16.10 -32.46 -39.43
C ASP A 592 -15.18 -33.00 -38.34
N ALA A 593 -14.96 -32.17 -37.33
CA ALA A 593 -14.02 -32.52 -36.28
C ALA A 593 -14.66 -33.54 -35.37
N LEU A 594 -15.97 -33.43 -35.14
CA LEU A 594 -16.64 -34.43 -34.33
C LEU A 594 -16.50 -35.83 -34.92
N HIS A 595 -16.67 -35.94 -36.24
CA HIS A 595 -16.47 -37.21 -36.96
C HIS A 595 -15.01 -37.66 -36.89
N LYS A 596 -14.12 -36.76 -37.24
CA LYS A 596 -12.67 -37.06 -37.34
C LYS A 596 -12.06 -37.49 -35.98
N TYR A 597 -12.44 -36.85 -34.88
CA TYR A 597 -11.86 -37.26 -33.58
C TYR A 597 -12.75 -38.19 -32.75
N GLY A 598 -13.61 -38.96 -33.43
CA GLY A 598 -14.32 -40.08 -32.81
C GLY A 598 -15.42 -39.71 -31.85
N CYS A 599 -16.19 -38.66 -32.15
CA CYS A 599 -17.22 -38.21 -31.20
C CYS A 599 -18.63 -38.65 -31.64
N LEU A 600 -18.75 -39.20 -32.84
CA LEU A 600 -20.05 -39.58 -33.37
C LEU A 600 -20.03 -40.95 -34.02
N PRO A 601 -21.18 -41.64 -34.05
CA PRO A 601 -21.26 -42.88 -34.81
C PRO A 601 -21.24 -42.60 -36.32
N LYS A 602 -20.97 -43.64 -37.11
CA LYS A 602 -20.94 -43.50 -38.58
C LYS A 602 -22.28 -43.09 -39.16
N ARG A 603 -23.37 -43.47 -38.48
CA ARG A 603 -24.75 -43.12 -38.86
C ARG A 603 -25.02 -41.61 -38.87
N ALA A 604 -24.21 -40.83 -38.17
CA ALA A 604 -24.47 -39.41 -38.06
C ALA A 604 -24.18 -38.76 -39.40
N GLY A 605 -25.01 -37.80 -39.77
CA GLY A 605 -24.85 -37.05 -41.00
C GLY A 605 -23.55 -36.27 -41.02
N HIS A 606 -23.03 -36.06 -42.22
CA HIS A 606 -21.80 -35.30 -42.40
C HIS A 606 -22.03 -33.86 -42.88
N LYS A 607 -23.26 -33.51 -43.22
CA LYS A 607 -23.54 -32.18 -43.72
C LYS A 607 -24.31 -31.36 -42.69
N ALA A 608 -23.62 -30.42 -42.05
CA ALA A 608 -24.18 -29.69 -40.90
C ALA A 608 -25.49 -28.99 -41.23
N SER A 609 -25.57 -28.33 -42.39
CA SER A 609 -26.76 -27.53 -42.76
C SER A 609 -28.04 -28.37 -42.87
N LEU A 610 -27.90 -29.67 -43.10
CA LEU A 610 -29.06 -30.57 -43.18
C LEU A 610 -29.42 -31.19 -41.84
N MET A 611 -28.73 -30.80 -40.76
CA MET A 611 -28.92 -31.47 -39.48
C MET A 611 -29.42 -30.52 -38.40
N SER A 612 -30.43 -30.98 -37.68
CA SER A 612 -30.87 -30.31 -36.49
C SER A 612 -30.26 -30.99 -35.23
N MET A 613 -30.45 -30.39 -34.07
CA MET A 613 -29.81 -30.89 -32.85
C MET A 613 -30.48 -32.18 -32.44
N THR A 614 -29.68 -33.18 -32.06
CA THR A 614 -30.20 -34.47 -31.60
C THR A 614 -29.48 -34.82 -30.30
N PRO A 615 -30.05 -35.75 -29.50
CA PRO A 615 -29.30 -36.31 -28.37
C PRO A 615 -27.92 -36.87 -28.76
N THR A 616 -27.82 -37.48 -29.95
CA THR A 616 -26.53 -37.94 -30.43
C THR A 616 -25.53 -36.80 -30.65
N LEU A 617 -26.01 -35.68 -31.19
CA LEU A 617 -25.12 -34.57 -31.58
C LEU A 617 -24.76 -33.77 -30.37
N ASN A 618 -25.74 -33.56 -29.51
CA ASN A 618 -25.55 -32.90 -28.23
C ASN A 618 -24.41 -33.57 -27.48
N ARG A 619 -24.50 -34.89 -27.37
CA ARG A 619 -23.48 -35.68 -26.71
C ARG A 619 -22.13 -35.57 -27.43
N GLY A 620 -22.10 -35.59 -28.76
CA GLY A 620 -20.85 -35.49 -29.46
C GLY A 620 -20.10 -34.19 -29.22
N LEU A 621 -20.85 -33.11 -29.12
CA LEU A 621 -20.25 -31.81 -28.90
C LEU A 621 -19.59 -31.74 -27.53
N GLN A 622 -20.21 -32.37 -26.56
CA GLN A 622 -19.66 -32.39 -25.19
C GLN A 622 -18.54 -33.43 -25.10
N ARG A 623 -18.67 -34.53 -25.82
CA ARG A 623 -17.57 -35.51 -25.86
C ARG A 623 -16.28 -34.85 -26.33
N TYR A 624 -16.41 -33.92 -27.27
CA TYR A 624 -15.28 -33.32 -27.93
C TYR A 624 -14.36 -32.60 -26.97
N ILE A 625 -14.95 -31.73 -26.17
CA ILE A 625 -14.22 -31.05 -25.10
C ILE A 625 -13.85 -31.98 -23.93
N ALA A 626 -14.71 -32.96 -23.61
CA ALA A 626 -14.40 -33.94 -22.57
C ALA A 626 -13.16 -34.79 -22.89
N ASP A 627 -12.95 -35.03 -24.18
CA ASP A 627 -11.81 -35.73 -24.72
C ASP A 627 -10.56 -34.87 -24.74
N SER A 628 -10.69 -33.57 -24.46
CA SER A 628 -9.57 -32.66 -24.63
C SER A 628 -8.46 -32.86 -23.62
N ASN A 629 -7.34 -32.24 -23.88
CA ASN A 629 -6.23 -32.24 -22.99
C ASN A 629 -6.41 -31.21 -21.86
N SER A 630 -7.46 -30.39 -21.93
CA SER A 630 -7.80 -29.48 -20.83
C SER A 630 -7.93 -30.24 -19.52
N ALA A 631 -7.21 -29.77 -18.50
CA ALA A 631 -7.27 -30.36 -17.17
C ALA A 631 -8.69 -30.30 -16.62
N LEU A 632 -9.40 -29.22 -16.91
CA LEU A 632 -10.75 -29.01 -16.41
C LEU A 632 -11.77 -28.88 -17.54
N LEU A 633 -12.96 -29.42 -17.25
CA LEU A 633 -14.08 -29.38 -18.17
C LEU A 633 -15.28 -28.87 -17.37
N GLY A 634 -15.87 -27.80 -17.87
CA GLY A 634 -17.09 -27.24 -17.32
C GLY A 634 -18.27 -27.52 -18.24
N LEU A 635 -19.29 -28.16 -17.68
CA LEU A 635 -20.52 -28.53 -18.40
C LEU A 635 -21.72 -27.71 -17.89
N GLN A 636 -22.43 -27.10 -18.84
CA GLN A 636 -23.72 -26.46 -18.57
C GLN A 636 -24.88 -27.44 -18.44
N PRO A 637 -25.64 -27.36 -17.33
CA PRO A 637 -26.89 -28.12 -17.18
C PRO A 637 -27.89 -27.79 -18.28
N GLU A 638 -27.88 -26.55 -18.75
CA GLU A 638 -28.70 -26.16 -19.90
C GLU A 638 -28.52 -27.12 -21.10
N ASP A 639 -27.28 -27.58 -21.27
CA ASP A 639 -26.93 -28.45 -22.37
C ASP A 639 -27.26 -29.92 -22.11
N TRP A 640 -27.23 -30.34 -20.85
CA TRP A 640 -27.74 -31.65 -20.48
C TRP A 640 -29.25 -31.77 -20.72
N LEU A 641 -29.94 -30.64 -20.56
CA LEU A 641 -31.40 -30.56 -20.70
C LEU A 641 -31.81 -30.16 -22.10
N ASP A 642 -30.83 -29.90 -22.97
CA ASP A 642 -31.08 -29.62 -24.38
C ASP A 642 -31.87 -28.31 -24.59
N MET A 643 -31.61 -27.34 -23.72
CA MET A 643 -32.28 -26.06 -23.76
C MET A 643 -31.77 -25.18 -24.87
N ALA A 644 -32.68 -24.42 -25.48
CA ALA A 644 -32.38 -23.57 -26.63
C ALA A 644 -32.14 -22.12 -26.25
N GLU A 645 -32.71 -21.66 -25.14
CA GLU A 645 -32.81 -20.21 -24.87
C GLU A 645 -31.67 -19.70 -23.96
N PRO A 646 -31.12 -18.52 -24.26
CA PRO A 646 -29.95 -18.07 -23.50
C PRO A 646 -30.36 -17.45 -22.16
N VAL A 647 -29.41 -17.31 -21.26
CA VAL A 647 -29.67 -16.70 -19.95
C VAL A 647 -29.27 -15.24 -19.91
N ASN A 648 -28.39 -14.83 -20.80
CA ASN A 648 -28.01 -13.42 -20.92
C ASN A 648 -27.64 -13.12 -22.36
N ILE A 649 -28.04 -11.95 -22.85
CA ILE A 649 -27.70 -11.48 -24.18
C ILE A 649 -26.89 -10.19 -24.05
N PRO A 650 -25.58 -10.26 -24.37
CA PRO A 650 -24.69 -9.11 -24.26
C PRO A 650 -25.21 -7.90 -25.02
N GLY A 651 -25.17 -6.73 -24.39
CA GLY A 651 -25.69 -5.50 -24.99
C GLY A 651 -27.20 -5.37 -24.94
N THR A 652 -27.84 -6.04 -23.99
CA THR A 652 -29.27 -5.79 -23.72
C THR A 652 -29.46 -5.51 -22.24
N SER A 653 -30.56 -4.86 -21.90
CA SER A 653 -30.97 -4.65 -20.51
C SER A 653 -32.49 -4.87 -20.39
N TYR A 654 -33.27 -3.90 -20.84
CA TYR A 654 -34.72 -4.03 -20.81
C TYR A 654 -35.28 -4.96 -21.91
N GLN A 655 -34.54 -5.20 -22.99
CA GLN A 655 -35.06 -5.93 -24.19
C GLN A 655 -35.25 -7.44 -24.00
N TYR A 656 -34.52 -8.00 -23.05
CA TYR A 656 -34.60 -9.41 -22.73
C TYR A 656 -34.52 -9.52 -21.20
N LYS A 657 -35.20 -10.52 -20.64
CA LYS A 657 -35.11 -10.82 -19.23
C LYS A 657 -33.79 -11.56 -18.94
N ASN A 658 -32.73 -10.78 -18.82
CA ASN A 658 -31.43 -11.35 -18.49
C ASN A 658 -31.45 -11.84 -17.04
N TRP A 659 -30.61 -12.84 -16.76
CA TRP A 659 -30.34 -13.36 -15.42
C TRP A 659 -31.59 -13.99 -14.80
N ARG A 660 -32.48 -14.47 -15.68
CA ARG A 660 -33.84 -14.83 -15.26
C ARG A 660 -34.36 -16.16 -15.76
N ARG A 661 -33.91 -16.61 -16.94
CA ARG A 661 -34.38 -17.86 -17.52
C ARG A 661 -33.96 -19.05 -16.67
N LYS A 662 -34.92 -19.76 -16.09
CA LYS A 662 -34.61 -20.90 -15.26
C LYS A 662 -34.23 -22.10 -16.09
N LEU A 663 -33.60 -23.08 -15.47
CA LEU A 663 -33.51 -24.40 -16.06
C LEU A 663 -34.95 -24.94 -16.32
N SER A 664 -35.06 -25.80 -17.33
CA SER A 664 -36.33 -26.38 -17.69
C SER A 664 -36.75 -27.53 -16.78
N ALA A 665 -35.91 -27.99 -15.86
CA ALA A 665 -36.30 -29.08 -14.97
C ALA A 665 -35.68 -28.94 -13.61
N THR A 666 -36.30 -29.54 -12.62
CA THR A 666 -35.80 -29.49 -11.27
C THR A 666 -34.54 -30.34 -11.18
N LEU A 667 -33.78 -30.13 -10.10
CA LEU A 667 -32.62 -30.96 -9.80
C LEU A 667 -33.07 -32.41 -9.69
N GLU A 668 -34.14 -32.60 -8.92
CA GLU A 668 -34.66 -33.92 -8.62
C GLU A 668 -34.97 -34.66 -9.93
N SER A 669 -35.60 -33.94 -10.85
CA SER A 669 -36.08 -34.46 -12.10
C SER A 669 -34.94 -34.77 -13.06
N MET A 670 -33.96 -33.88 -13.16
CA MET A 670 -32.88 -34.11 -14.11
C MET A 670 -31.93 -35.23 -13.67
N PHE A 671 -31.74 -35.40 -12.36
CA PHE A 671 -30.91 -36.50 -11.86
C PHE A 671 -31.67 -37.82 -11.68
N ALA A 672 -32.99 -37.80 -11.91
CA ALA A 672 -33.79 -39.03 -12.09
C ALA A 672 -33.91 -39.47 -13.57
N ASP A 673 -33.46 -38.63 -14.49
CA ASP A 673 -33.68 -38.85 -15.93
C ASP A 673 -32.63 -39.78 -16.53
N ASP A 674 -33.10 -40.82 -17.21
CA ASP A 674 -32.20 -41.77 -17.88
C ASP A 674 -31.22 -41.06 -18.80
N GLY A 675 -31.71 -40.11 -19.59
CA GLY A 675 -30.86 -39.45 -20.59
C GLY A 675 -29.75 -38.63 -19.97
N VAL A 676 -30.11 -37.82 -18.99
CA VAL A 676 -29.14 -37.00 -18.30
C VAL A 676 -28.06 -37.88 -17.67
N ASN A 677 -28.48 -38.93 -16.97
CA ASN A 677 -27.55 -39.79 -16.25
C ASN A 677 -26.61 -40.51 -17.21
N LYS A 678 -27.20 -41.14 -18.22
CA LYS A 678 -26.41 -41.78 -19.26
C LYS A 678 -25.40 -40.80 -19.85
N LEU A 679 -25.82 -39.56 -20.08
CA LEU A 679 -24.97 -38.55 -20.68
C LEU A 679 -23.77 -38.23 -19.77
N LEU A 680 -24.05 -38.06 -18.50
CA LEU A 680 -22.99 -37.78 -17.53
C LEU A 680 -22.08 -39.00 -17.33
N LYS A 681 -22.65 -40.20 -17.29
CA LYS A 681 -21.82 -41.43 -17.26
C LYS A 681 -20.85 -41.42 -18.44
N ASP A 682 -21.36 -41.09 -19.63
CA ASP A 682 -20.53 -41.13 -20.83
C ASP A 682 -19.38 -40.13 -20.77
N LEU A 683 -19.70 -38.89 -20.41
CA LEU A 683 -18.70 -37.84 -20.36
C LEU A 683 -17.66 -38.08 -19.25
N ASP A 684 -18.10 -38.63 -18.12
CA ASP A 684 -17.17 -39.04 -17.07
C ASP A 684 -16.19 -40.03 -17.65
N ARG A 685 -16.69 -41.00 -18.42
CA ARG A 685 -15.80 -41.96 -19.09
C ARG A 685 -14.83 -41.30 -20.07
N ARG A 686 -15.27 -40.29 -20.82
CA ARG A 686 -14.42 -39.63 -21.80
C ARG A 686 -13.23 -39.00 -21.09
N ARG A 687 -13.51 -38.21 -20.07
CA ARG A 687 -12.47 -37.58 -19.26
C ARG A 687 -11.42 -38.59 -18.77
N ARG A 688 -11.88 -39.67 -18.17
CA ARG A 688 -10.98 -40.66 -17.60
C ARG A 688 -10.20 -41.42 -18.65
N SER A 689 -10.64 -41.36 -19.91
CA SER A 689 -9.94 -41.99 -21.03
C SER A 689 -9.25 -40.98 -21.94
N ALA A 690 -9.16 -39.72 -21.55
CA ALA A 690 -8.64 -38.68 -22.45
C ALA A 690 -7.11 -38.69 -22.68
N HIS A 691 -6.36 -39.35 -21.80
CA HIS A 691 -4.87 -39.32 -21.82
C HIS A 691 -4.34 -38.66 -23.08
N GLU B 2 -14.37 48.46 50.68
CA GLU B 2 -13.94 49.02 51.98
C GLU B 2 -12.52 49.58 51.95
N SER B 3 -11.58 48.82 51.39
CA SER B 3 -10.14 49.14 51.45
C SER B 3 -9.39 48.76 50.17
N LYS B 4 -8.70 49.73 49.58
CA LYS B 4 -7.93 49.49 48.36
C LYS B 4 -6.74 48.59 48.65
N ARG B 5 -6.07 48.84 49.77
CA ARG B 5 -4.94 48.01 50.15
C ARG B 5 -5.35 46.55 50.40
N LEU B 6 -6.56 46.35 50.90
CA LEU B 6 -7.08 44.99 51.13
C LEU B 6 -7.49 44.32 49.82
N ASP B 7 -8.07 45.09 48.91
CA ASP B 7 -8.41 44.59 47.57
C ASP B 7 -7.17 44.20 46.77
N ASN B 8 -6.15 45.06 46.76
CA ASN B 8 -4.89 44.76 46.08
C ASN B 8 -4.15 43.58 46.70
N ALA B 9 -4.13 43.52 48.03
CA ALA B 9 -3.49 42.40 48.73
C ALA B 9 -4.15 41.08 48.36
N ALA B 10 -5.48 41.06 48.36
CA ALA B 10 -6.26 39.86 48.04
C ALA B 10 -6.02 39.38 46.58
N LEU B 11 -6.12 40.30 45.62
CA LEU B 11 -5.88 39.99 44.20
C LEU B 11 -4.52 39.34 44.05
N ALA B 12 -3.48 39.98 44.60
CA ALA B 12 -2.11 39.47 44.52
C ALA B 12 -1.95 38.15 45.27
N ALA B 13 -2.80 37.90 46.27
CA ALA B 13 -2.79 36.59 46.93
C ALA B 13 -3.49 35.54 46.09
N GLY B 14 -4.16 35.95 45.01
CA GLY B 14 -4.86 35.01 44.14
C GLY B 14 -6.32 34.83 44.52
N ILE B 15 -6.86 35.76 45.32
CA ILE B 15 -8.26 35.69 45.72
C ILE B 15 -9.13 36.38 44.66
N SER B 16 -10.10 35.65 44.09
CA SER B 16 -11.02 36.25 43.09
C SER B 16 -12.02 37.13 43.80
N PRO B 17 -12.21 38.37 43.33
CA PRO B 17 -13.10 39.31 44.01
C PRO B 17 -14.59 39.07 43.74
N ASN B 18 -14.92 38.20 42.79
CA ASN B 18 -16.30 37.96 42.38
C ASN B 18 -16.57 36.48 42.34
N TYR B 19 -17.84 36.11 42.29
CA TYR B 19 -18.21 34.79 41.83
C TYR B 19 -19.64 34.83 41.32
N ILE B 20 -20.05 33.78 40.62
CA ILE B 20 -21.41 33.69 40.09
C ILE B 20 -22.31 32.98 41.11
N ASN B 21 -23.29 33.72 41.62
CA ASN B 21 -24.12 33.25 42.74
C ASN B 21 -25.26 32.31 42.32
N ALA B 22 -26.00 31.82 43.31
CA ALA B 22 -27.06 30.81 43.10
C ALA B 22 -28.12 31.21 42.06
N HIS B 23 -28.42 32.50 41.96
CA HIS B 23 -29.38 33.00 40.98
C HIS B 23 -28.77 33.06 39.58
N GLY B 24 -27.43 33.13 39.52
CA GLY B 24 -26.70 33.11 38.25
C GLY B 24 -26.21 34.49 37.87
N LYS B 25 -25.71 35.25 38.85
CA LYS B 25 -25.19 36.60 38.61
C LYS B 25 -23.88 36.87 39.37
N PRO B 26 -23.08 37.84 38.87
CA PRO B 26 -21.83 38.19 39.56
C PRO B 26 -22.07 38.83 40.92
N GLN B 27 -21.38 38.34 41.95
CA GLN B 27 -21.50 38.87 43.32
C GLN B 27 -20.14 39.01 43.97
N SER B 28 -19.82 40.22 44.46
CA SER B 28 -18.49 40.49 44.97
C SER B 28 -18.27 39.85 46.35
N ILE B 29 -16.99 39.60 46.67
CA ILE B 29 -16.61 39.01 47.95
C ILE B 29 -16.36 40.15 48.93
N SER B 30 -16.85 39.98 50.16
CA SER B 30 -16.76 41.01 51.20
C SER B 30 -15.31 41.27 51.63
N ALA B 31 -15.12 42.45 52.21
CA ALA B 31 -13.89 42.79 52.89
C ALA B 31 -13.50 41.78 53.99
N GLU B 32 -14.46 41.25 54.76
CA GLU B 32 -14.10 40.32 55.85
C GLU B 32 -13.64 38.98 55.31
N THR B 33 -14.24 38.51 54.24
CA THR B 33 -13.80 37.25 53.64
C THR B 33 -12.35 37.41 53.17
N LYS B 34 -12.05 38.55 52.56
CA LYS B 34 -10.70 38.85 52.09
C LYS B 34 -9.71 38.83 53.24
N ARG B 35 -10.03 39.56 54.31
CA ARG B 35 -9.19 39.60 55.51
C ARG B 35 -8.98 38.20 56.08
N ARG B 36 -10.07 37.46 56.26
CA ARG B 36 -9.98 36.13 56.86
C ARG B 36 -9.12 35.17 56.00
N LEU B 37 -9.29 35.21 54.69
CA LEU B 37 -8.59 34.25 53.84
C LEU B 37 -7.11 34.58 53.70
N LEU B 38 -6.77 35.85 53.58
CA LEU B 38 -5.38 36.33 53.68
C LEU B 38 -4.74 35.96 55.01
N ASP B 39 -5.50 36.08 56.10
CA ASP B 39 -4.97 35.72 57.42
C ASP B 39 -4.64 34.22 57.46
N ALA B 40 -5.56 33.41 56.94
CA ALA B 40 -5.37 31.97 56.90
C ALA B 40 -4.19 31.58 55.99
N MET B 41 -3.88 32.43 55.01
CA MET B 41 -2.72 32.20 54.12
C MET B 41 -1.40 32.43 54.83
N HIS B 42 -0.41 31.64 54.44
CA HIS B 42 0.95 31.84 54.92
C HIS B 42 1.55 33.01 54.17
N GLN B 43 2.48 33.70 54.82
CA GLN B 43 3.28 34.76 54.21
C GLN B 43 4.24 35.33 55.25
N THR B 52 15.31 38.81 43.44
CA THR B 52 15.99 37.63 42.92
C THR B 52 16.11 37.72 41.39
N PRO B 53 17.31 37.45 40.83
CA PRO B 53 17.55 37.62 39.38
C PRO B 53 16.72 36.70 38.48
N VAL B 54 16.61 35.42 38.85
CA VAL B 54 15.65 34.52 38.24
C VAL B 54 14.74 33.96 39.33
N PRO B 55 13.52 33.52 38.97
CA PRO B 55 12.57 33.01 39.97
C PRO B 55 12.97 31.60 40.41
N ASN B 56 12.33 31.12 41.47
CA ASN B 56 12.72 29.84 42.08
C ASN B 56 12.32 28.63 41.23
N VAL B 57 11.35 28.86 40.35
CA VAL B 57 10.85 27.83 39.47
C VAL B 57 10.33 28.45 38.16
N MET B 58 10.39 27.65 37.10
CA MET B 58 9.95 28.05 35.75
C MET B 58 9.56 26.80 35.01
N VAL B 59 8.38 26.81 34.42
CA VAL B 59 7.87 25.63 33.72
C VAL B 59 7.85 25.93 32.23
N TYR B 60 8.20 24.93 31.42
CA TYR B 60 8.22 25.04 29.97
C TYR B 60 7.62 23.81 29.31
N THR B 61 7.05 24.02 28.13
CA THR B 61 6.54 22.90 27.35
C THR B 61 7.67 22.49 26.40
N SER B 62 7.96 21.20 26.35
CA SER B 62 9.04 20.70 25.49
C SER B 62 8.79 21.07 24.03
N GLY B 63 9.89 21.32 23.31
CA GLY B 63 9.83 21.57 21.87
C GLY B 63 9.53 23.00 21.49
N LYS B 64 9.26 23.85 22.49
CA LYS B 64 9.07 25.26 22.25
C LYS B 64 10.28 26.04 22.75
N LYS B 65 10.46 27.27 22.27
CA LYS B 65 11.54 28.13 22.75
C LYS B 65 11.40 28.32 24.26
N MET B 66 12.51 28.66 24.92
CA MET B 66 12.53 28.72 26.37
C MET B 66 13.24 29.95 26.91
N PRO B 67 12.59 31.13 26.74
CA PRO B 67 13.17 32.36 27.28
C PRO B 67 13.15 32.39 28.82
N MET B 68 14.21 32.96 29.39
CA MET B 68 14.33 33.19 30.81
C MET B 68 14.70 34.65 30.99
N VAL B 69 13.73 35.48 31.37
CA VAL B 69 14.01 36.89 31.62
C VAL B 69 14.85 36.97 32.89
N VAL B 70 15.85 37.86 32.90
CA VAL B 70 16.76 38.01 34.04
C VAL B 70 16.65 39.42 34.61
N GLU B 71 16.38 39.49 35.92
CA GLU B 71 16.30 40.78 36.62
C GLU B 71 17.66 41.10 37.24
N GLY B 72 17.93 42.38 37.43
CA GLY B 72 19.18 42.82 38.05
C GLY B 72 19.98 43.73 37.13
N SER B 73 21.26 43.87 37.45
CA SER B 73 22.16 44.70 36.68
C SER B 73 23.53 44.04 36.67
N GLY B 74 24.39 44.48 35.75
CA GLY B 74 25.69 43.84 35.53
C GLY B 74 25.55 42.54 34.77
N GLU B 75 26.59 41.71 34.79
CA GLU B 75 26.58 40.45 34.06
C GLU B 75 26.64 39.23 34.98
N TYR B 76 25.86 38.23 34.62
CA TYR B 76 25.75 36.96 35.33
C TYR B 76 26.26 35.84 34.44
N SER B 77 26.83 34.82 35.06
CA SER B 77 27.14 33.57 34.39
C SER B 77 26.09 32.56 34.83
N TRP B 78 25.65 31.71 33.90
CA TRP B 78 24.68 30.69 34.24
C TRP B 78 25.17 29.27 34.03
N LEU B 79 24.52 28.35 34.73
CA LEU B 79 24.84 26.94 34.68
C LEU B 79 23.54 26.16 34.77
N LEU B 80 23.26 25.38 33.72
CA LEU B 80 22.06 24.57 33.68
C LEU B 80 22.48 23.12 33.74
N THR B 81 22.01 22.41 34.75
CA THR B 81 22.29 21.01 34.87
C THR B 81 20.97 20.27 34.69
N THR B 82 20.99 19.25 33.83
CA THR B 82 19.79 18.48 33.60
C THR B 82 19.67 17.43 34.68
N GLU B 83 18.45 16.93 34.86
CA GLU B 83 18.17 15.78 35.71
C GLU B 83 19.11 14.63 35.42
N GLU B 84 19.43 14.45 34.14
CA GLU B 84 20.45 13.46 33.71
C GLU B 84 21.83 13.79 34.22
N GLY B 85 22.21 15.07 34.14
CA GLY B 85 23.54 15.51 34.59
C GLY B 85 24.40 16.21 33.53
N THR B 86 23.91 16.27 32.29
CA THR B 86 24.47 17.17 31.27
C THR B 86 24.40 18.61 31.77
N GLN B 87 25.47 19.37 31.53
CA GLN B 87 25.52 20.77 31.92
C GLN B 87 25.79 21.65 30.71
N TYR B 88 25.18 22.84 30.72
CA TYR B 88 25.44 23.89 29.75
C TYR B 88 25.74 25.16 30.53
N LYS B 89 26.51 26.05 29.92
CA LYS B 89 26.87 27.30 30.56
C LYS B 89 26.83 28.44 29.56
N GLY B 90 26.72 29.64 30.09
CA GLY B 90 26.77 30.84 29.27
C GLY B 90 26.90 32.05 30.17
N HIS B 91 26.71 33.22 29.57
CA HIS B 91 26.75 34.47 30.30
C HIS B 91 25.56 35.31 29.88
N VAL B 92 25.04 36.12 30.79
CA VAL B 92 23.90 36.96 30.47
C VAL B 92 23.94 38.26 31.28
N THR B 93 23.57 39.37 30.64
CA THR B 93 23.50 40.68 31.29
C THR B 93 22.16 40.87 31.99
N GLY B 94 22.16 41.58 33.12
CA GLY B 94 20.93 41.96 33.80
C GLY B 94 20.17 42.95 32.94
N GLY B 95 18.85 42.73 32.81
CA GLY B 95 17.98 43.63 32.05
C GLY B 95 17.42 43.06 30.76
N LYS B 96 17.76 41.81 30.46
CA LYS B 96 17.28 41.15 29.24
C LYS B 96 16.97 39.69 29.54
N ALA B 97 16.49 38.99 28.52
CA ALA B 97 16.25 37.57 28.60
C ALA B 97 17.27 36.84 27.75
N PHE B 98 17.46 35.56 28.03
CA PHE B 98 18.17 34.65 27.12
C PHE B 98 17.39 33.36 27.01
N ASN B 99 17.49 32.69 25.85
CA ASN B 99 16.80 31.43 25.65
C ASN B 99 17.65 30.27 26.18
N LEU B 100 17.01 29.30 26.84
CA LEU B 100 17.70 28.12 27.33
C LEU B 100 18.13 27.24 26.14
N PRO B 101 19.06 26.29 26.36
CA PRO B 101 19.50 25.41 25.29
C PRO B 101 18.32 24.82 24.53
N THR B 102 18.52 24.47 23.26
CA THR B 102 17.45 23.90 22.44
C THR B 102 17.30 22.42 22.74
N LYS B 103 16.09 21.92 22.54
CA LYS B 103 15.77 20.50 22.74
C LYS B 103 16.22 19.96 24.10
N LEU B 104 15.95 20.72 25.15
CA LEU B 104 16.10 20.21 26.51
C LEU B 104 15.20 19.01 26.70
N PRO B 105 15.72 17.94 27.33
CA PRO B 105 14.80 16.85 27.55
C PRO B 105 13.77 17.21 28.62
N GLU B 106 12.67 16.48 28.61
CA GLU B 106 11.63 16.64 29.60
C GLU B 106 12.16 16.19 30.95
N GLY B 107 11.81 16.92 32.01
CA GLY B 107 12.31 16.57 33.32
C GLY B 107 12.55 17.78 34.19
N TYR B 108 13.34 17.54 35.24
CA TYR B 108 13.52 18.48 36.34
C TYR B 108 14.97 18.90 36.42
N HIS B 109 15.26 20.10 35.94
CA HIS B 109 16.63 20.53 35.77
C HIS B 109 16.90 21.64 36.75
N THR B 110 18.17 22.04 36.85
CA THR B 110 18.58 23.12 37.74
C THR B 110 19.38 24.18 37.00
N LEU B 111 18.87 25.42 37.04
CA LEU B 111 19.59 26.58 36.52
C LEU B 111 20.11 27.39 37.69
N THR B 112 21.42 27.67 37.68
CA THR B 112 22.08 28.47 38.69
C THR B 112 22.72 29.67 38.01
N LEU B 113 22.35 30.89 38.42
CA LEU B 113 23.06 32.09 37.98
C LEU B 113 23.99 32.63 39.08
N THR B 114 25.18 33.07 38.67
CA THR B 114 26.21 33.54 39.62
C THR B 114 26.61 34.97 39.31
N GLN B 115 26.88 35.72 40.37
CA GLN B 115 27.50 37.03 40.31
C GLN B 115 28.29 37.19 41.59
N ASP B 116 29.58 37.50 41.45
CA ASP B 116 30.50 37.50 42.58
C ASP B 116 30.48 36.11 43.25
N ASP B 117 30.40 36.06 44.59
CA ASP B 117 30.42 34.77 45.28
C ASP B 117 29.04 34.14 45.46
N GLN B 118 27.96 34.89 45.20
CA GLN B 118 26.61 34.43 45.59
C GLN B 118 25.72 33.90 44.45
N ARG B 119 25.02 32.81 44.75
CA ARG B 119 24.28 32.04 43.74
C ARG B 119 22.78 32.21 43.88
N ALA B 120 22.06 32.13 42.75
CA ALA B 120 20.58 32.06 42.73
C ALA B 120 20.14 30.86 41.90
N HIS B 121 19.24 30.04 42.46
CA HIS B 121 18.81 28.79 41.80
C HIS B 121 17.39 28.90 41.24
N CYS B 122 17.12 28.16 40.17
CA CYS B 122 15.80 28.11 39.56
C CYS B 122 15.55 26.68 39.13
N ARG B 123 14.51 26.06 39.67
CA ARG B 123 14.08 24.77 39.18
C ARG B 123 13.41 24.98 37.82
N VAL B 124 14.00 24.37 36.80
CA VAL B 124 13.50 24.44 35.44
C VAL B 124 12.82 23.12 35.10
N ILE B 125 11.51 23.18 34.88
CA ILE B 125 10.70 22.03 34.52
C ILE B 125 10.33 22.08 33.05
N VAL B 126 10.56 20.97 32.36
CA VAL B 126 10.21 20.86 30.94
C VAL B 126 9.18 19.75 30.82
N ALA B 127 7.95 20.09 30.41
CA ALA B 127 6.87 19.11 30.39
C ALA B 127 6.39 18.82 28.97
N PRO B 128 5.92 17.59 28.71
CA PRO B 128 5.14 17.37 27.49
C PRO B 128 3.84 18.15 27.60
N LYS B 129 3.12 18.28 26.50
CA LYS B 129 1.82 18.93 26.49
C LYS B 129 0.75 18.00 27.05
N ARG B 130 0.80 16.73 26.66
CA ARG B 130 -0.25 15.76 26.95
C ARG B 130 0.14 14.78 28.02
N CYS B 131 -0.81 14.44 28.87
CA CYS B 131 -0.69 13.28 29.73
C CYS B 131 -0.52 12.03 28.90
N TYR B 132 -0.14 10.95 29.58
CA TYR B 132 0.04 9.67 28.95
C TYR B 132 -1.31 9.09 28.49
N GLU B 133 -1.28 8.34 27.40
CA GLU B 133 -2.43 7.56 26.95
C GLU B 133 -1.90 6.22 26.49
N PRO B 134 -2.50 5.10 26.95
CA PRO B 134 -2.03 3.80 26.47
C PRO B 134 -2.24 3.61 24.95
N GLN B 135 -1.52 2.66 24.38
CA GLN B 135 -1.60 2.41 22.95
C GLN B 135 -3.05 2.15 22.54
N ALA B 136 -3.71 1.26 23.27
CA ALA B 136 -5.11 0.94 22.98
C ALA B 136 -5.97 2.20 22.78
N LEU B 137 -5.79 3.21 23.63
CA LEU B 137 -6.56 4.45 23.47
C LEU B 137 -6.05 5.38 22.37
N LEU B 138 -4.75 5.40 22.13
CA LEU B 138 -4.21 6.09 20.94
C LEU B 138 -4.74 5.44 19.67
N ASN B 139 -4.95 4.13 19.73
CA ASN B 139 -5.56 3.38 18.62
C ASN B 139 -7.08 3.48 18.55
N LYS B 140 -7.69 4.31 19.39
CA LYS B 140 -9.12 4.64 19.29
C LYS B 140 -10.03 3.50 19.77
N GLN B 141 -9.48 2.56 20.55
CA GLN B 141 -10.27 1.46 21.11
C GLN B 141 -11.22 1.96 22.20
N LYS B 142 -12.31 1.21 22.41
CA LYS B 142 -13.28 1.49 23.45
C LYS B 142 -13.14 0.38 24.48
N LEU B 143 -12.76 0.78 25.71
CA LEU B 143 -12.47 -0.14 26.82
C LEU B 143 -13.47 -0.04 27.95
N TRP B 144 -13.58 -1.13 28.69
CA TRP B 144 -14.36 -1.11 29.89
C TRP B 144 -13.54 -1.68 31.01
N GLY B 145 -13.98 -1.40 32.23
CA GLY B 145 -13.41 -1.97 33.44
C GLY B 145 -14.43 -1.88 34.55
N ALA B 146 -14.14 -2.57 35.65
CA ALA B 146 -14.99 -2.50 36.86
C ALA B 146 -14.49 -1.39 37.79
N CYS B 147 -15.38 -0.53 38.22
CA CYS B 147 -15.10 0.49 39.23
C CYS B 147 -15.69 -0.03 40.52
N VAL B 148 -14.83 -0.30 41.50
CA VAL B 148 -15.27 -0.89 42.75
C VAL B 148 -15.00 -0.04 44.01
N GLN B 149 -15.81 -0.30 45.04
CA GLN B 149 -15.51 0.19 46.38
C GLN B 149 -14.91 -1.02 47.08
N LEU B 150 -13.59 -0.98 47.34
CA LEU B 150 -12.83 -2.18 47.64
C LEU B 150 -13.32 -2.90 48.87
N TYR B 151 -13.64 -2.13 49.90
CA TYR B 151 -14.16 -2.63 51.20
C TYR B 151 -15.43 -3.47 51.03
N THR B 152 -16.22 -3.18 49.99
CA THR B 152 -17.49 -3.89 49.76
C THR B 152 -17.37 -5.32 49.21
N LEU B 153 -16.18 -5.72 48.74
CA LEU B 153 -16.02 -7.02 48.05
C LEU B 153 -16.10 -8.17 49.05
N ARG B 154 -16.86 -9.18 48.67
CA ARG B 154 -16.96 -10.38 49.43
C ARG B 154 -16.21 -11.51 48.76
N SER B 155 -15.75 -12.45 49.58
CA SER B 155 -15.09 -13.65 49.04
C SER B 155 -15.02 -14.72 50.11
N GLU B 156 -14.52 -15.89 49.74
CA GLU B 156 -14.42 -17.01 50.67
C GLU B 156 -13.17 -16.92 51.57
N LYS B 157 -12.22 -16.07 51.19
CA LYS B 157 -10.92 -15.97 51.85
C LYS B 157 -10.77 -14.75 52.78
N ASN B 158 -11.41 -13.62 52.47
CA ASN B 158 -11.14 -12.39 53.20
C ASN B 158 -11.66 -12.41 54.65
N TRP B 159 -11.25 -11.42 55.43
CA TRP B 159 -11.54 -11.36 56.88
C TRP B 159 -12.67 -10.42 57.25
N GLY B 160 -13.65 -10.27 56.35
CA GLY B 160 -14.80 -9.41 56.61
C GLY B 160 -14.75 -8.07 55.93
N ILE B 161 -13.64 -7.77 55.25
CA ILE B 161 -13.57 -6.58 54.42
C ILE B 161 -12.92 -6.92 53.08
N GLY B 162 -13.26 -6.17 52.04
CA GLY B 162 -12.60 -6.41 50.75
C GLY B 162 -11.16 -5.96 50.87
N ASP B 163 -10.24 -6.69 50.25
CA ASP B 163 -8.85 -6.39 50.49
C ASP B 163 -8.01 -6.67 49.27
N PHE B 164 -6.70 -6.50 49.38
CA PHE B 164 -5.83 -6.64 48.22
C PHE B 164 -5.80 -8.04 47.62
N GLY B 165 -6.09 -9.07 48.40
CA GLY B 165 -6.23 -10.43 47.88
C GLY B 165 -7.44 -10.55 46.98
N ASP B 166 -8.58 -10.04 47.44
CA ASP B 166 -9.81 -10.04 46.63
C ASP B 166 -9.58 -9.25 45.34
N LEU B 167 -8.86 -8.14 45.46
CA LEU B 167 -8.52 -7.34 44.30
C LEU B 167 -7.70 -8.15 43.28
N LYS B 168 -6.75 -8.94 43.77
CA LYS B 168 -5.90 -9.74 42.90
C LYS B 168 -6.70 -10.81 42.16
N ALA B 169 -7.56 -11.52 42.89
CA ALA B 169 -8.45 -12.50 42.32
C ALA B 169 -9.41 -11.86 41.33
N MET B 170 -9.89 -10.65 41.62
CA MET B 170 -10.89 -10.00 40.77
C MET B 170 -10.30 -9.56 39.45
N LEU B 171 -9.03 -9.14 39.48
CA LEU B 171 -8.32 -8.72 38.26
C LEU B 171 -8.25 -9.81 37.19
N VAL B 172 -8.02 -11.05 37.60
CA VAL B 172 -8.07 -12.20 36.68
C VAL B 172 -9.47 -12.27 36.02
N ASP B 173 -10.51 -12.28 36.83
CA ASP B 173 -11.85 -12.46 36.28
C ASP B 173 -12.26 -11.33 35.33
N VAL B 174 -11.87 -10.10 35.65
CA VAL B 174 -12.15 -8.96 34.78
C VAL B 174 -11.37 -9.06 33.46
N ALA B 175 -10.05 -9.29 33.55
CA ALA B 175 -9.18 -9.36 32.36
C ALA B 175 -9.61 -10.42 31.34
N LYS B 176 -9.94 -11.61 31.85
CA LYS B 176 -10.47 -12.74 31.09
C LYS B 176 -11.77 -12.46 30.34
N ARG B 177 -12.58 -11.55 30.85
CA ARG B 177 -13.83 -11.19 30.19
C ARG B 177 -13.67 -9.99 29.27
N GLY B 178 -12.43 -9.54 29.06
CA GLY B 178 -12.15 -8.43 28.13
C GLY B 178 -12.05 -7.08 28.83
N GLY B 179 -12.07 -7.09 30.18
CA GLY B 179 -11.96 -5.86 30.97
C GLY B 179 -10.52 -5.36 31.03
N SER B 180 -10.35 -4.04 30.95
CA SER B 180 -9.03 -3.41 30.85
C SER B 180 -8.51 -2.78 32.15
N PHE B 181 -9.34 -2.76 33.20
CA PHE B 181 -8.94 -2.21 34.50
C PHE B 181 -9.92 -2.55 35.61
N ILE B 182 -9.45 -2.38 36.83
CA ILE B 182 -10.32 -2.29 37.98
C ILE B 182 -10.02 -0.96 38.62
N GLY B 183 -11.06 -0.15 38.79
CA GLY B 183 -10.93 1.13 39.45
C GLY B 183 -11.37 1.07 40.89
N LEU B 184 -10.74 1.90 41.71
CA LEU B 184 -10.92 1.84 43.16
C LEU B 184 -11.33 3.18 43.74
N ASN B 185 -12.04 3.15 44.87
CA ASN B 185 -12.11 4.29 45.80
C ASN B 185 -10.72 4.76 46.26
N PRO B 186 -10.58 6.02 46.71
CA PRO B 186 -9.34 6.39 47.40
C PRO B 186 -8.96 5.32 48.42
N ILE B 187 -7.71 4.85 48.37
CA ILE B 187 -7.22 3.87 49.35
C ILE B 187 -6.16 4.52 50.24
N HIS B 188 -6.32 5.82 50.42
CA HIS B 188 -5.46 6.62 51.28
C HIS B 188 -5.52 6.11 52.74
N ALA B 189 -4.41 6.29 53.46
CA ALA B 189 -4.33 5.93 54.88
C ALA B 189 -5.45 6.59 55.66
N LEU B 190 -6.20 5.79 56.40
CA LEU B 190 -7.20 6.33 57.34
C LEU B 190 -6.65 6.21 58.76
N TYR B 191 -7.41 5.74 59.75
CA TYR B 191 -6.99 5.83 61.17
C TYR B 191 -7.21 4.50 61.84
N PRO B 192 -6.21 3.61 61.81
CA PRO B 192 -6.38 2.31 62.46
C PRO B 192 -6.70 2.39 63.96
N ALA B 193 -6.30 3.47 64.62
CA ALA B 193 -6.66 3.64 66.02
C ALA B 193 -8.13 4.05 66.18
N ASN B 194 -8.74 4.54 65.08
CA ASN B 194 -10.13 4.96 65.04
C ASN B 194 -10.78 4.43 63.76
N PRO B 195 -10.97 3.09 63.72
CA PRO B 195 -11.38 2.43 62.49
C PRO B 195 -12.80 2.78 62.06
N GLU B 196 -13.65 3.29 63.00
CA GLU B 196 -15.01 3.68 62.62
C GLU B 196 -15.04 4.97 61.80
N SER B 197 -13.97 5.75 61.79
CA SER B 197 -13.85 6.83 60.83
C SER B 197 -13.40 6.30 59.48
N ALA B 198 -14.36 5.75 58.75
CA ALA B 198 -14.10 4.96 57.58
C ALA B 198 -14.21 5.68 56.25
N SER B 199 -14.39 7.00 56.25
CA SER B 199 -14.55 7.70 54.98
C SER B 199 -13.23 7.83 54.22
N PRO B 200 -13.22 7.39 52.95
CA PRO B 200 -12.00 7.65 52.16
C PRO B 200 -11.72 9.13 51.88
N TYR B 201 -12.66 10.03 52.20
CA TYR B 201 -12.54 11.45 51.80
C TYR B 201 -12.13 12.37 52.92
N SER B 202 -11.84 11.80 54.09
CA SER B 202 -11.11 12.54 55.12
C SER B 202 -9.92 11.69 55.56
N PRO B 203 -8.99 11.42 54.63
CA PRO B 203 -7.83 10.56 54.89
C PRO B 203 -6.78 11.22 55.78
N SER B 204 -5.95 10.38 56.42
CA SER B 204 -4.86 10.86 57.23
C SER B 204 -3.78 11.44 56.34
N SER B 205 -3.50 10.75 55.23
CA SER B 205 -2.49 11.18 54.29
C SER B 205 -2.92 10.71 52.91
N ARG B 206 -2.67 11.54 51.90
CA ARG B 206 -2.92 11.13 50.51
C ARG B 206 -1.67 10.46 49.91
N ARG B 207 -0.60 10.33 50.70
CA ARG B 207 0.61 9.64 50.25
C ARG B 207 0.70 8.16 50.66
N TRP B 208 0.15 7.79 51.80
CA TRP B 208 0.32 6.44 52.34
C TRP B 208 -1.00 5.74 52.23
N LEU B 209 -0.99 4.44 52.55
CA LEU B 209 -2.10 3.56 52.22
C LEU B 209 -2.92 3.12 53.43
N ASN B 210 -4.20 2.87 53.19
CA ASN B 210 -5.07 2.32 54.20
C ASN B 210 -4.69 0.88 54.49
N VAL B 211 -4.24 0.63 55.72
CA VAL B 211 -3.71 -0.69 56.05
C VAL B 211 -4.74 -1.79 56.24
N ILE B 212 -6.02 -1.41 56.34
CA ILE B 212 -7.06 -2.42 56.54
C ILE B 212 -7.21 -3.30 55.30
N TYR B 213 -6.65 -2.84 54.19
CA TYR B 213 -6.64 -3.59 52.92
C TYR B 213 -5.58 -4.68 52.80
N ILE B 214 -4.74 -4.81 53.81
CA ILE B 214 -3.75 -5.88 53.81
C ILE B 214 -4.45 -7.23 53.82
N ASP B 215 -4.10 -8.08 52.87
CA ASP B 215 -4.51 -9.47 52.91
C ASP B 215 -3.58 -10.24 53.87
N VAL B 216 -4.05 -10.46 55.09
CA VAL B 216 -3.29 -11.20 56.11
C VAL B 216 -2.98 -12.65 55.69
N ASN B 217 -3.81 -13.25 54.84
CA ASN B 217 -3.53 -14.59 54.31
C ASN B 217 -2.22 -14.62 53.51
N ALA B 218 -1.90 -13.51 52.85
CA ALA B 218 -0.66 -13.41 52.05
C ALA B 218 0.60 -13.01 52.85
N VAL B 219 0.52 -12.97 54.18
CA VAL B 219 1.66 -12.60 55.03
C VAL B 219 2.30 -13.85 55.64
N GLU B 220 3.51 -14.17 55.16
CA GLU B 220 4.17 -15.42 55.47
C GLU B 220 4.38 -15.61 57.00
N ASP B 221 4.78 -14.55 57.68
CA ASP B 221 5.05 -14.62 59.11
C ASP B 221 3.78 -14.78 59.95
N PHE B 222 2.62 -14.49 59.37
CA PHE B 222 1.37 -14.84 60.02
C PHE B 222 1.27 -16.37 60.09
N HIS B 223 1.55 -17.01 58.97
CA HIS B 223 1.41 -18.45 58.87
C HIS B 223 2.46 -19.19 59.72
N LEU B 224 3.68 -18.66 59.78
CA LEU B 224 4.75 -19.29 60.58
C LEU B 224 4.64 -19.01 62.10
N SER B 225 3.98 -17.92 62.50
CA SER B 225 3.82 -17.62 63.93
C SER B 225 3.03 -18.69 64.67
N GLU B 226 3.71 -19.40 65.58
CA GLU B 226 3.06 -20.43 66.38
C GLU B 226 1.92 -19.84 67.20
N GLU B 227 2.13 -18.63 67.71
CA GLU B 227 1.10 -17.92 68.49
C GLU B 227 -0.15 -17.60 67.63
N ALA B 228 0.06 -17.19 66.39
CA ALA B 228 -1.06 -16.88 65.50
C ALA B 228 -1.84 -18.14 65.07
N GLN B 229 -1.16 -19.28 64.94
CA GLN B 229 -1.82 -20.56 64.63
C GLN B 229 -2.82 -20.97 65.71
N ALA B 230 -2.41 -20.79 66.97
CA ALA B 230 -3.28 -21.09 68.11
C ALA B 230 -4.40 -20.05 68.21
N TRP B 231 -4.06 -18.78 68.04
CA TRP B 231 -5.05 -17.69 68.00
C TRP B 231 -6.12 -17.97 66.92
N TRP B 232 -5.66 -18.42 65.76
CA TRP B 232 -6.56 -18.77 64.67
C TRP B 232 -7.55 -19.88 65.03
N GLN B 233 -7.12 -20.86 65.83
CA GLN B 233 -7.98 -22.00 66.16
C GLN B 233 -8.92 -21.73 67.35
N LEU B 234 -8.89 -20.53 67.89
CA LEU B 234 -9.77 -20.19 69.00
C LEU B 234 -11.23 -20.12 68.53
N PRO B 235 -12.14 -20.87 69.19
CA PRO B 235 -13.56 -20.76 68.89
C PRO B 235 -14.00 -19.30 68.75
N THR B 236 -13.61 -18.46 69.71
CA THR B 236 -13.96 -17.05 69.67
C THR B 236 -13.41 -16.34 68.42
N THR B 237 -12.22 -16.74 67.97
CA THR B 237 -11.64 -16.14 66.78
C THR B 237 -12.41 -16.57 65.54
N GLN B 238 -12.66 -17.86 65.41
CA GLN B 238 -13.40 -18.35 64.25
C GLN B 238 -14.82 -17.80 64.23
N GLN B 239 -15.45 -17.73 65.40
CA GLN B 239 -16.79 -17.17 65.51
C GLN B 239 -16.83 -15.66 65.17
N THR B 240 -15.81 -14.92 65.60
CA THR B 240 -15.76 -13.47 65.35
C THR B 240 -15.52 -13.18 63.87
N LEU B 241 -14.58 -13.93 63.29
CA LEU B 241 -14.29 -13.89 61.87
C LEU B 241 -15.56 -14.18 61.06
N GLN B 242 -16.18 -15.32 61.30
CA GLN B 242 -17.42 -15.71 60.65
C GLN B 242 -18.48 -14.60 60.71
N GLN B 243 -18.75 -14.08 61.90
CA GLN B 243 -19.78 -13.05 62.08
C GLN B 243 -19.45 -11.79 61.26
N ALA B 244 -18.18 -11.43 61.24
CA ALA B 244 -17.73 -10.24 60.53
C ALA B 244 -17.82 -10.43 59.00
N ARG B 245 -17.51 -11.66 58.55
CA ARG B 245 -17.66 -12.05 57.15
C ARG B 245 -19.14 -12.13 56.73
N ASP B 246 -19.97 -12.72 57.58
CA ASP B 246 -21.40 -12.94 57.25
C ASP B 246 -22.26 -11.67 57.26
N ALA B 247 -21.86 -10.66 58.04
CA ALA B 247 -22.64 -9.41 58.13
C ALA B 247 -22.65 -8.72 56.77
N ASP B 248 -23.68 -7.93 56.53
CA ASP B 248 -23.88 -7.23 55.28
C ASP B 248 -23.31 -5.85 55.24
N TRP B 249 -22.78 -5.43 56.39
CA TRP B 249 -22.18 -4.10 56.57
C TRP B 249 -20.78 -4.36 57.09
N VAL B 250 -19.80 -3.64 56.57
CA VAL B 250 -18.43 -3.81 57.05
C VAL B 250 -18.37 -3.40 58.53
N ASP B 251 -17.94 -4.35 59.37
CA ASP B 251 -17.60 -4.08 60.77
C ASP B 251 -16.11 -3.69 60.89
N TYR B 252 -15.85 -2.42 60.61
CA TYR B 252 -14.51 -1.87 60.62
C TYR B 252 -13.75 -2.09 61.92
N SER B 253 -14.44 -1.94 63.06
CA SER B 253 -13.79 -2.11 64.35
C SER B 253 -13.28 -3.53 64.50
N THR B 254 -14.17 -4.49 64.33
CA THR B 254 -13.85 -5.89 64.52
C THR B 254 -12.85 -6.39 63.50
N VAL B 255 -12.99 -5.98 62.24
CA VAL B 255 -12.03 -6.37 61.20
C VAL B 255 -10.62 -5.90 61.56
N THR B 256 -10.51 -4.63 61.96
CA THR B 256 -9.23 -4.03 62.32
C THR B 256 -8.65 -4.74 63.55
N ALA B 257 -9.47 -4.98 64.57
CA ALA B 257 -9.05 -5.78 65.72
C ALA B 257 -8.34 -7.08 65.28
N LEU B 258 -9.02 -7.86 64.45
CA LEU B 258 -8.49 -9.14 64.00
C LEU B 258 -7.19 -8.94 63.25
N LYS B 259 -7.21 -8.06 62.26
CA LYS B 259 -6.02 -7.87 61.45
C LYS B 259 -4.85 -7.36 62.29
N MET B 260 -5.11 -6.38 63.16
CA MET B 260 -4.05 -5.84 63.99
C MET B 260 -3.48 -6.89 64.93
N THR B 261 -4.33 -7.72 65.51
CA THR B 261 -3.88 -8.77 66.41
C THR B 261 -2.99 -9.80 65.67
N ALA B 262 -3.51 -10.34 64.56
CA ALA B 262 -2.78 -11.26 63.69
C ALA B 262 -1.45 -10.68 63.19
N LEU B 263 -1.52 -9.49 62.61
CA LEU B 263 -0.31 -8.81 62.12
C LEU B 263 0.71 -8.49 63.21
N ARG B 264 0.24 -8.16 64.41
CA ARG B 264 1.12 -7.92 65.54
C ARG B 264 1.98 -9.16 65.82
N MET B 265 1.31 -10.31 65.81
CA MET B 265 1.98 -11.59 66.02
C MET B 265 2.97 -11.89 64.91
N ALA B 266 2.55 -11.67 63.67
CA ALA B 266 3.40 -11.93 62.52
C ALA B 266 4.67 -11.05 62.56
N TRP B 267 4.51 -9.82 63.06
CA TRP B 267 5.63 -8.86 63.15
C TRP B 267 6.72 -9.33 64.10
N LYS B 268 6.34 -10.01 65.19
CA LYS B 268 7.32 -10.57 66.13
C LYS B 268 8.22 -11.58 65.40
N GLY B 269 7.62 -12.41 64.54
CA GLY B 269 8.37 -13.27 63.64
C GLY B 269 9.22 -12.50 62.63
N PHE B 270 8.61 -11.56 61.89
CA PHE B 270 9.33 -10.82 60.84
C PHE B 270 10.51 -10.04 61.39
N ALA B 271 10.30 -9.39 62.53
CA ALA B 271 11.34 -8.56 63.17
C ALA B 271 12.67 -9.30 63.38
N GLN B 272 12.60 -10.60 63.64
CA GLN B 272 13.80 -11.42 63.85
C GLN B 272 14.62 -11.74 62.57
N ARG B 273 14.01 -11.57 61.39
CA ARG B 273 14.64 -11.93 60.12
C ARG B 273 15.90 -11.14 59.84
N ASP B 274 16.84 -11.80 59.16
CA ASP B 274 18.00 -11.15 58.58
C ASP B 274 18.21 -11.75 57.19
N ASP B 275 17.27 -11.46 56.29
CA ASP B 275 17.22 -12.08 54.95
C ASP B 275 16.79 -11.04 53.91
N GLU B 276 16.53 -11.50 52.68
CA GLU B 276 16.04 -10.65 51.58
C GLU B 276 14.87 -9.74 51.97
N GLN B 277 13.97 -10.23 52.82
CA GLN B 277 12.70 -9.55 53.06
C GLN B 277 12.93 -8.39 54.04
N MET B 278 13.71 -8.65 55.09
CA MET B 278 14.16 -7.60 56.01
C MET B 278 14.92 -6.50 55.28
N ALA B 279 15.77 -6.90 54.33
CA ALA B 279 16.53 -5.96 53.52
C ALA B 279 15.63 -5.08 52.66
N ALA B 280 14.70 -5.72 51.96
CA ALA B 280 13.77 -5.00 51.10
C ALA B 280 12.87 -4.08 51.94
N PHE B 281 12.37 -4.58 53.07
CA PHE B 281 11.65 -3.72 54.03
C PHE B 281 12.46 -2.49 54.47
N ARG B 282 13.73 -2.67 54.85
CA ARG B 282 14.52 -1.53 55.30
C ARG B 282 14.89 -0.59 54.13
N GLN B 283 15.13 -1.17 52.96
CA GLN B 283 15.36 -0.39 51.75
C GLN B 283 14.19 0.56 51.50
N PHE B 284 12.97 0.04 51.62
CA PHE B 284 11.72 0.80 51.46
C PHE B 284 11.67 1.97 52.42
N VAL B 285 11.91 1.67 53.71
CA VAL B 285 11.85 2.68 54.76
C VAL B 285 12.87 3.79 54.47
N ALA B 286 14.13 3.42 54.17
CA ALA B 286 15.16 4.42 53.85
C ALA B 286 14.77 5.27 52.63
N GLU B 287 14.27 4.63 51.57
CA GLU B 287 13.89 5.33 50.34
C GLU B 287 12.77 6.34 50.54
N GLN B 288 11.80 5.98 51.38
CA GLN B 288 10.58 6.75 51.52
C GLN B 288 10.76 7.99 52.42
N GLY B 289 11.71 7.93 53.34
CA GLY B 289 12.09 9.11 54.12
C GLY B 289 11.13 9.51 55.22
N ASP B 290 11.15 10.79 55.56
CA ASP B 290 10.48 11.28 56.75
C ASP B 290 8.96 11.20 56.67
N SER B 291 8.40 11.42 55.49
CA SER B 291 6.96 11.38 55.35
C SER B 291 6.41 10.01 55.74
N LEU B 292 7.12 8.94 55.37
CA LEU B 292 6.75 7.62 55.86
C LEU B 292 6.97 7.54 57.38
N PHE B 293 8.13 7.98 57.87
CA PHE B 293 8.37 7.97 59.32
C PHE B 293 7.24 8.66 60.07
N TRP B 294 6.88 9.88 59.70
CA TRP B 294 5.84 10.62 60.42
C TRP B 294 4.46 9.98 60.32
N GLN B 295 4.20 9.20 59.27
CA GLN B 295 2.94 8.46 59.20
C GLN B 295 2.88 7.38 60.27
N ALA B 296 3.96 6.62 60.39
CA ALA B 296 4.03 5.52 61.35
C ALA B 296 4.04 6.05 62.77
N ALA B 297 4.85 7.05 63.05
CA ALA B 297 4.83 7.70 64.39
C ALA B 297 3.44 8.23 64.72
N PHE B 298 2.78 8.84 63.73
CA PHE B 298 1.42 9.31 63.92
C PHE B 298 0.52 8.18 64.37
N ASP B 299 0.53 7.08 63.63
CA ASP B 299 -0.29 5.92 63.98
C ASP B 299 0.15 5.26 65.29
N ALA B 300 1.41 5.36 65.67
CA ALA B 300 1.86 4.72 66.94
C ALA B 300 1.29 5.54 68.10
N LEU B 301 1.46 6.86 67.97
CA LEU B 301 0.99 7.82 68.95
C LEU B 301 -0.55 7.81 69.04
N HIS B 302 -1.23 7.72 67.88
CA HIS B 302 -2.71 7.69 67.86
C HIS B 302 -3.24 6.48 68.63
N ALA B 303 -2.64 5.31 68.42
CA ALA B 303 -3.06 4.11 69.15
C ALA B 303 -2.91 4.28 70.66
N GLN B 304 -1.93 5.07 71.11
CA GLN B 304 -1.77 5.36 72.54
C GLN B 304 -2.78 6.39 73.04
N GLN B 305 -3.02 7.43 72.25
CA GLN B 305 -4.01 8.47 72.62
C GLN B 305 -5.45 7.98 72.83
N VAL B 306 -5.96 7.13 71.92
CA VAL B 306 -7.32 6.57 72.07
C VAL B 306 -7.48 5.64 73.30
N LYS B 307 -6.39 5.04 73.79
CA LYS B 307 -6.46 4.25 75.01
C LYS B 307 -6.76 5.14 76.23
N GLU B 308 -6.35 6.40 76.16
CA GLU B 308 -6.62 7.38 77.23
C GLU B 308 -8.02 8.02 77.11
N ASP B 309 -8.34 8.51 75.92
CA ASP B 309 -9.66 9.05 75.60
C ASP B 309 -10.06 8.68 74.18
N GLU B 310 -11.13 7.87 74.08
CA GLU B 310 -11.52 7.29 72.81
C GLU B 310 -12.15 8.31 71.85
N MET B 311 -12.35 9.55 72.31
CA MET B 311 -12.81 10.65 71.44
C MET B 311 -11.67 11.52 70.90
N ARG B 312 -10.42 11.06 71.04
CA ARG B 312 -9.27 11.78 70.46
C ARG B 312 -9.08 11.35 69.00
N TRP B 313 -9.93 11.92 68.16
CA TRP B 313 -10.03 11.65 66.73
C TRP B 313 -8.77 11.92 65.88
N GLY B 314 -7.88 12.78 66.36
CA GLY B 314 -6.70 13.21 65.59
C GLY B 314 -5.83 14.12 66.43
N TRP B 315 -4.78 14.71 65.84
CA TRP B 315 -3.82 15.47 66.62
C TRP B 315 -4.33 16.75 67.35
N PRO B 316 -5.26 17.51 66.77
CA PRO B 316 -5.72 18.73 67.49
C PRO B 316 -6.40 18.45 68.87
N ALA B 317 -6.72 17.18 69.11
CA ALA B 317 -7.38 16.67 70.27
C ALA B 317 -6.37 15.99 71.19
N TRP B 318 -5.11 15.92 70.77
CA TRP B 318 -4.07 15.37 71.61
C TRP B 318 -3.58 16.49 72.53
N PRO B 319 -2.98 16.13 73.68
CA PRO B 319 -2.34 17.14 74.52
C PRO B 319 -1.36 17.99 73.71
N GLU B 320 -1.12 19.21 74.17
CA GLU B 320 -0.31 20.21 73.45
C GLU B 320 1.07 19.68 73.03
N MET B 321 1.73 19.00 73.95
CA MET B 321 3.08 18.46 73.73
C MET B 321 3.21 17.44 72.57
N TYR B 322 2.10 16.79 72.20
CA TYR B 322 2.11 15.88 71.06
C TYR B 322 1.50 16.49 69.80
N GLN B 323 0.93 17.68 69.91
CA GLN B 323 0.44 18.41 68.74
C GLN B 323 1.57 18.88 67.84
N ASN B 324 2.70 19.14 68.44
CA ASN B 324 3.85 19.72 67.76
C ASN B 324 4.80 18.57 67.47
N VAL B 325 4.89 18.23 66.20
CA VAL B 325 5.69 17.10 65.71
C VAL B 325 7.20 17.21 65.99
N ASP B 326 7.65 18.41 66.40
CA ASP B 326 9.04 18.71 66.69
C ASP B 326 9.35 18.81 68.17
N SER B 327 8.35 18.61 69.03
CA SER B 327 8.54 18.78 70.46
C SER B 327 9.45 17.69 71.03
N PRO B 328 10.19 17.97 72.13
CA PRO B 328 11.00 16.91 72.74
C PRO B 328 10.18 15.66 73.09
N GLU B 329 8.91 15.85 73.44
CA GLU B 329 8.06 14.78 73.90
C GLU B 329 7.71 13.80 72.78
N VAL B 330 7.49 14.32 71.57
CA VAL B 330 7.26 13.48 70.39
C VAL B 330 8.46 12.62 70.10
N ARG B 331 9.64 13.25 70.10
CA ARG B 331 10.90 12.52 69.94
C ARG B 331 11.03 11.44 71.01
N GLN B 332 10.81 11.81 72.27
CA GLN B 332 10.90 10.85 73.38
C GLN B 332 9.98 9.67 73.13
N PHE B 333 8.74 9.96 72.77
CA PHE B 333 7.79 8.91 72.48
C PHE B 333 8.27 7.99 71.34
N CYS B 334 8.85 8.57 70.29
CA CYS B 334 9.34 7.76 69.18
C CYS B 334 10.42 6.79 69.63
N GLU B 335 11.30 7.25 70.50
CA GLU B 335 12.42 6.43 70.98
C GLU B 335 11.96 5.28 71.87
N GLU B 336 11.04 5.58 72.80
CA GLU B 336 10.52 4.56 73.72
C GLU B 336 9.61 3.57 73.01
N HIS B 337 8.89 4.03 72.02
CA HIS B 337 7.98 3.19 71.27
C HIS B 337 8.53 2.85 69.88
N ARG B 338 9.80 2.47 69.81
CA ARG B 338 10.47 2.14 68.55
C ARG B 338 9.83 0.94 67.86
N ASP B 339 9.45 -0.07 68.62
CA ASP B 339 8.86 -1.26 68.03
C ASP B 339 7.48 -0.94 67.47
N ASP B 340 6.70 -0.14 68.19
CA ASP B 340 5.41 0.34 67.69
C ASP B 340 5.57 1.05 66.36
N VAL B 341 6.52 1.98 66.27
CA VAL B 341 6.72 2.73 65.04
C VAL B 341 7.18 1.85 63.89
N ASP B 342 8.08 0.90 64.17
CA ASP B 342 8.52 -0.05 63.14
C ASP B 342 7.35 -0.88 62.62
N PHE B 343 6.52 -1.36 63.54
CA PHE B 343 5.31 -2.11 63.19
C PHE B 343 4.43 -1.39 62.15
N TYR B 344 4.25 -0.09 62.32
CA TYR B 344 3.38 0.69 61.43
C TYR B 344 4.09 1.02 60.13
N LEU B 345 5.41 1.12 60.19
CA LEU B 345 6.23 1.18 58.99
C LEU B 345 6.04 -0.08 58.18
N TRP B 346 6.08 -1.22 58.88
CA TRP B 346 5.96 -2.53 58.25
C TRP B 346 4.61 -2.67 57.56
N LEU B 347 3.54 -2.26 58.24
CA LEU B 347 2.21 -2.30 57.65
C LEU B 347 2.13 -1.49 56.36
N GLN B 348 2.74 -0.32 56.31
CA GLN B 348 2.81 0.43 55.05
C GLN B 348 3.54 -0.39 53.99
N TRP B 349 4.61 -1.06 54.37
CA TRP B 349 5.40 -1.86 53.41
C TRP B 349 4.62 -3.08 52.90
N LEU B 350 3.82 -3.68 53.78
CA LEU B 350 2.96 -4.78 53.37
C LEU B 350 1.88 -4.31 52.39
N ALA B 351 1.23 -3.21 52.73
CA ALA B 351 0.21 -2.64 51.88
C ALA B 351 0.79 -2.25 50.52
N TYR B 352 1.92 -1.58 50.54
CA TYR B 352 2.62 -1.22 49.32
C TYR B 352 2.91 -2.45 48.43
N SER B 353 3.46 -3.49 49.05
CA SER B 353 3.89 -4.71 48.36
C SER B 353 2.72 -5.43 47.77
N GLN B 354 1.68 -5.56 48.58
CA GLN B 354 0.50 -6.26 48.13
C GLN B 354 -0.17 -5.49 46.99
N PHE B 355 -0.20 -4.17 47.08
CA PHE B 355 -0.71 -3.37 45.95
C PHE B 355 0.14 -3.54 44.69
N ALA B 356 1.47 -3.54 44.87
CA ALA B 356 2.41 -3.71 43.77
C ALA B 356 2.19 -5.04 43.11
N ALA B 357 1.85 -6.06 43.90
CA ALA B 357 1.65 -7.42 43.36
C ALA B 357 0.37 -7.49 42.54
N CYS B 358 -0.70 -6.83 42.98
CA CYS B 358 -1.91 -6.72 42.15
C CYS B 358 -1.56 -6.07 40.80
N TRP B 359 -0.74 -5.02 40.84
CA TRP B 359 -0.32 -4.30 39.62
C TRP B 359 0.46 -5.17 38.65
N GLU B 360 1.28 -6.07 39.19
CA GLU B 360 2.08 -6.92 38.33
C GLU B 360 1.23 -8.02 37.68
N ILE B 361 0.31 -8.59 38.44
CA ILE B 361 -0.68 -9.52 37.88
C ILE B 361 -1.45 -8.86 36.73
N SER B 362 -1.81 -7.59 36.91
CA SER B 362 -2.59 -6.86 35.91
C SER B 362 -1.81 -6.71 34.61
N GLN B 363 -0.50 -6.48 34.73
CA GLN B 363 0.35 -6.29 33.57
C GLN B 363 0.75 -7.65 32.96
N GLY B 364 0.77 -8.70 33.78
CA GLY B 364 0.87 -10.05 33.28
C GLY B 364 -0.26 -10.43 32.34
N TYR B 365 -1.48 -9.97 32.66
CA TYR B 365 -2.65 -10.16 31.79
C TYR B 365 -2.75 -9.08 30.72
N GLU B 366 -1.76 -8.21 30.63
CA GLU B 366 -1.68 -7.26 29.52
C GLU B 366 -2.89 -6.34 29.49
N MET B 367 -3.38 -5.96 30.68
CA MET B 367 -4.48 -5.02 30.77
C MET B 367 -3.91 -3.63 30.44
N PRO B 368 -4.47 -2.97 29.40
CA PRO B 368 -3.99 -1.64 29.00
C PRO B 368 -3.87 -0.64 30.15
N ILE B 369 -4.78 -0.74 31.11
CA ILE B 369 -4.73 0.13 32.28
C ILE B 369 -4.46 -0.66 33.56
N GLY B 370 -5.09 -1.82 33.73
CA GLY B 370 -4.86 -2.64 34.94
C GLY B 370 -5.49 -2.09 36.21
N LEU B 371 -4.84 -1.14 36.85
CA LEU B 371 -5.35 -0.58 38.11
C LEU B 371 -5.61 0.88 37.95
N TYR B 372 -6.75 1.31 38.44
CA TYR B 372 -7.18 2.70 38.32
C TYR B 372 -7.36 3.26 39.74
N ARG B 373 -6.41 4.10 40.16
CA ARG B 373 -6.50 4.74 41.50
C ARG B 373 -7.25 6.05 41.49
N ASP B 374 -7.72 6.43 42.69
CA ASP B 374 -8.50 7.63 42.88
C ASP B 374 -7.84 8.49 43.93
N LEU B 375 -7.56 9.73 43.54
CA LEU B 375 -6.94 10.68 44.43
C LEU B 375 -7.98 11.65 44.95
N ALA B 376 -8.36 11.45 46.22
CA ALA B 376 -9.19 12.40 46.97
C ALA B 376 -8.61 13.81 46.90
N VAL B 377 -9.49 14.80 47.03
CA VAL B 377 -9.09 16.20 46.87
C VAL B 377 -8.36 16.79 48.08
N GLY B 378 -8.58 16.24 49.28
CA GLY B 378 -7.87 16.72 50.46
C GLY B 378 -7.57 15.67 51.50
N VAL B 379 -6.79 16.09 52.50
CA VAL B 379 -6.58 15.36 53.74
C VAL B 379 -7.35 16.04 54.89
N ALA B 380 -7.70 15.31 55.95
CA ALA B 380 -8.41 15.90 57.08
C ALA B 380 -7.48 16.78 57.90
N GLU B 381 -8.04 17.84 58.49
CA GLU B 381 -7.29 18.76 59.33
C GLU B 381 -6.46 18.12 60.45
N GLY B 382 -6.86 16.97 60.98
CA GLY B 382 -6.15 16.42 62.15
C GLY B 382 -5.48 15.07 61.96
N GLY B 383 -5.10 14.77 60.71
CA GLY B 383 -4.34 13.55 60.43
C GLY B 383 -2.83 13.75 60.28
N ALA B 384 -2.16 12.69 59.82
CA ALA B 384 -0.69 12.63 59.79
C ALA B 384 -0.05 13.68 58.90
N GLU B 385 -0.72 14.02 57.81
CA GLU B 385 -0.14 14.90 56.81
C GLU B 385 -0.06 16.31 57.43
N THR B 386 -1.16 16.79 57.98
CA THR B 386 -1.18 18.13 58.58
C THR B 386 -0.34 18.17 59.85
N TRP B 387 -0.26 17.05 60.55
CA TRP B 387 0.58 16.95 61.72
C TRP B 387 2.04 17.24 61.34
N CYS B 388 2.54 16.54 60.32
CA CYS B 388 3.97 16.59 60.08
C CYS B 388 4.34 17.68 59.12
N ASP B 389 3.35 18.27 58.43
CA ASP B 389 3.65 19.36 57.51
C ASP B 389 2.61 20.47 57.58
N ARG B 390 2.49 21.05 58.76
CA ARG B 390 1.51 22.11 59.09
C ARG B 390 1.52 23.24 58.08
N GLU B 391 2.73 23.68 57.75
CA GLU B 391 2.97 24.91 57.00
C GLU B 391 2.30 24.92 55.63
N LEU B 392 2.13 23.74 55.05
CA LEU B 392 1.59 23.60 53.68
C LEU B 392 0.07 23.77 53.60
N TYR B 393 -0.60 23.60 54.74
CA TYR B 393 -2.06 23.66 54.79
C TYR B 393 -2.54 24.87 55.58
N CYS B 394 -3.63 25.47 55.09
CA CYS B 394 -4.21 26.64 55.76
C CYS B 394 -5.41 26.19 56.62
N LEU B 395 -5.10 25.77 57.83
CA LEU B 395 -6.10 25.26 58.77
C LEU B 395 -7.20 26.27 59.17
N LYS B 396 -6.93 27.56 58.99
CA LYS B 396 -7.97 28.57 59.26
C LYS B 396 -8.92 28.74 58.05
N ALA B 397 -8.87 27.82 57.09
CA ALA B 397 -9.84 27.78 56.01
C ALA B 397 -10.25 26.35 55.74
N SER B 398 -11.44 26.18 55.18
CA SER B 398 -11.93 24.89 54.73
C SER B 398 -12.31 24.99 53.26
N VAL B 399 -12.19 23.87 52.56
CA VAL B 399 -12.57 23.79 51.15
C VAL B 399 -14.02 23.39 51.04
N GLY B 400 -14.79 24.06 50.19
CA GLY B 400 -16.17 23.65 49.90
C GLY B 400 -16.59 23.94 48.48
N ALA B 401 -17.89 24.11 48.29
CA ALA B 401 -18.45 24.60 47.03
C ALA B 401 -19.36 25.79 47.32
N PRO B 402 -19.52 26.71 46.35
CA PRO B 402 -20.37 27.88 46.54
C PRO B 402 -21.86 27.54 46.49
N PRO B 403 -22.71 28.53 46.80
CA PRO B 403 -24.14 28.40 46.55
C PRO B 403 -24.46 28.29 45.05
N ASP B 404 -25.22 27.25 44.69
CA ASP B 404 -25.84 27.11 43.35
C ASP B 404 -27.33 26.75 43.53
N ILE B 405 -28.01 26.40 42.44
CA ILE B 405 -29.46 26.14 42.50
C ILE B 405 -29.75 24.72 43.05
N LEU B 406 -28.82 23.78 42.87
CA LEU B 406 -28.96 22.45 43.50
C LEU B 406 -28.66 22.45 45.01
N GLY B 407 -27.83 23.39 45.46
CA GLY B 407 -27.53 23.57 46.89
C GLY B 407 -27.27 25.03 47.25
N PRO B 408 -28.35 25.82 47.46
CA PRO B 408 -28.18 27.27 47.65
C PRO B 408 -27.56 27.68 48.99
N LEU B 409 -27.29 26.70 49.86
CA LEU B 409 -26.53 26.93 51.09
C LEU B 409 -25.03 26.87 50.83
N GLY B 410 -24.65 26.20 49.74
CA GLY B 410 -23.27 25.86 49.49
C GLY B 410 -22.95 24.59 50.24
N GLN B 411 -21.68 24.18 50.17
CA GLN B 411 -21.20 22.99 50.86
C GLN B 411 -19.91 23.32 51.60
N ASN B 412 -19.76 22.74 52.77
CA ASN B 412 -18.48 22.73 53.45
C ASN B 412 -18.03 21.31 53.35
N TRP B 413 -16.84 21.09 52.78
CA TRP B 413 -16.25 19.76 52.65
C TRP B 413 -15.39 19.41 53.83
N GLY B 414 -15.07 20.42 54.64
CA GLY B 414 -14.33 20.19 55.88
C GLY B 414 -12.93 19.66 55.66
N LEU B 415 -12.22 20.23 54.70
CA LEU B 415 -10.84 19.85 54.39
C LEU B 415 -10.03 21.14 54.28
N PRO B 416 -8.81 21.20 54.87
CA PRO B 416 -8.07 22.44 54.76
C PRO B 416 -7.36 22.52 53.44
N PRO B 417 -7.43 23.69 52.78
CA PRO B 417 -6.77 23.78 51.48
C PRO B 417 -5.25 23.83 51.63
N MET B 418 -4.57 23.24 50.66
CA MET B 418 -3.13 23.36 50.51
C MET B 418 -2.88 24.78 50.03
N ASP B 419 -1.81 25.39 50.51
CA ASP B 419 -1.61 26.82 50.31
C ASP B 419 -0.85 27.01 48.99
N PRO B 420 -1.47 27.72 48.01
CA PRO B 420 -0.87 27.89 46.68
C PRO B 420 0.48 28.53 46.71
N HIS B 421 0.70 29.41 47.69
CA HIS B 421 1.95 30.14 47.76
C HIS B 421 3.08 29.27 48.32
N ILE B 422 2.75 28.26 49.11
CA ILE B 422 3.74 27.28 49.60
C ILE B 422 4.04 26.26 48.48
N ILE B 423 3.00 25.85 47.75
CA ILE B 423 3.20 24.95 46.60
C ILE B 423 4.27 25.56 45.72
N THR B 424 4.10 26.83 45.36
CA THR B 424 5.02 27.55 44.45
C THR B 424 6.33 27.94 45.13
N ALA B 425 6.30 28.26 46.41
CA ALA B 425 7.52 28.50 47.15
C ALA B 425 8.41 27.26 47.15
N ARG B 426 7.80 26.08 47.17
CA ARG B 426 8.57 24.85 47.18
C ARG B 426 8.76 24.31 45.78
N ALA B 427 8.67 25.17 44.76
CA ALA B 427 8.92 24.72 43.39
C ALA B 427 8.05 23.53 42.95
N TYR B 428 6.85 23.46 43.53
CA TYR B 428 5.81 22.45 43.28
C TYR B 428 6.05 21.07 43.89
N GLU B 429 7.04 20.95 44.77
CA GLU B 429 7.33 19.64 45.38
C GLU B 429 6.10 18.90 45.94
N PRO B 430 5.23 19.59 46.70
CA PRO B 430 4.07 18.85 47.24
C PRO B 430 3.20 18.27 46.15
N PHE B 431 2.98 19.04 45.10
CA PHE B 431 2.20 18.55 43.97
C PHE B 431 2.89 17.35 43.32
N ILE B 432 4.18 17.50 43.05
CA ILE B 432 4.99 16.42 42.48
C ILE B 432 4.95 15.18 43.36
N GLU B 433 5.21 15.33 44.65
CA GLU B 433 5.24 14.15 45.51
C GLU B 433 3.85 13.53 45.60
N LEU B 434 2.83 14.37 45.59
CA LEU B 434 1.46 13.89 45.54
C LEU B 434 1.21 12.95 44.36
N LEU B 435 1.69 13.33 43.19
CA LEU B 435 1.43 12.53 41.99
C LEU B 435 2.24 11.23 42.00
N ARG B 436 3.47 11.31 42.46
CA ARG B 436 4.33 10.12 42.58
C ARG B 436 3.78 9.09 43.56
N ALA B 437 3.18 9.54 44.65
CA ALA B 437 2.55 8.62 45.60
C ALA B 437 1.33 7.90 44.97
N ASN B 438 0.64 8.57 44.05
CA ASN B 438 -0.64 8.03 43.52
C ASN B 438 -0.62 7.56 42.07
N MET B 439 0.49 7.77 41.36
CA MET B 439 0.68 7.25 39.99
C MET B 439 1.51 5.99 39.91
N GLN B 440 2.08 5.55 41.03
CA GLN B 440 2.93 4.36 41.00
C GLN B 440 2.10 3.09 41.05
N ASN B 441 2.57 2.07 40.33
CA ASN B 441 1.90 0.78 40.25
C ASN B 441 0.44 0.84 39.80
N CYS B 442 0.13 1.79 38.92
CA CYS B 442 -1.15 1.79 38.20
C CYS B 442 -1.02 2.43 36.81
N GLY B 443 -2.05 2.23 35.99
CA GLY B 443 -2.06 2.71 34.62
C GLY B 443 -2.99 3.90 34.40
N ALA B 444 -3.74 4.24 35.44
CA ALA B 444 -4.58 5.43 35.40
C ALA B 444 -4.78 6.01 36.78
N LEU B 445 -4.95 7.32 36.84
CA LEU B 445 -5.27 8.00 38.08
C LEU B 445 -6.46 8.93 37.85
N ARG B 446 -7.48 8.78 38.69
CA ARG B 446 -8.57 9.72 38.76
C ARG B 446 -8.24 10.83 39.73
N ILE B 447 -8.36 12.06 39.26
CA ILE B 447 -8.26 13.25 40.09
C ILE B 447 -9.66 13.79 40.42
N ASP B 448 -10.09 13.54 41.64
CA ASP B 448 -11.33 14.16 42.13
C ASP B 448 -11.25 15.66 42.05
N HIS B 449 -12.33 16.27 41.60
CA HIS B 449 -12.40 17.72 41.54
C HIS B 449 -11.13 18.28 40.91
N VAL B 450 -10.92 17.89 39.65
CA VAL B 450 -9.79 18.38 38.89
C VAL B 450 -9.80 19.90 38.72
N MET B 451 -10.96 20.53 38.90
CA MET B 451 -11.04 22.01 38.96
C MET B 451 -10.13 22.64 40.02
N SER B 452 -9.75 21.86 41.03
CA SER B 452 -8.78 22.27 42.06
C SER B 452 -7.49 22.83 41.47
N MET B 453 -7.12 22.35 40.29
CA MET B 453 -5.91 22.86 39.66
C MET B 453 -6.01 24.31 39.22
N LEU B 454 -7.22 24.80 38.98
CA LEU B 454 -7.42 26.21 38.68
C LEU B 454 -7.70 27.01 39.96
N ARG B 455 -8.68 26.56 40.75
CA ARG B 455 -9.13 27.29 41.93
C ARG B 455 -9.84 26.35 42.87
N LEU B 456 -10.02 26.81 44.12
CA LEU B 456 -10.84 26.12 45.13
C LEU B 456 -11.66 27.14 45.94
N TRP B 457 -12.85 26.73 46.37
CA TRP B 457 -13.68 27.61 47.17
C TRP B 457 -13.19 27.51 48.63
N TRP B 458 -12.62 28.59 49.15
CA TRP B 458 -12.09 28.59 50.53
C TRP B 458 -13.11 29.27 51.42
N ILE B 459 -13.44 28.62 52.52
CA ILE B 459 -14.37 29.20 53.49
C ILE B 459 -13.59 29.58 54.75
N PRO B 460 -13.70 30.83 55.22
CA PRO B 460 -13.12 31.12 56.52
C PRO B 460 -13.64 30.12 57.54
N TYR B 461 -12.72 29.47 58.25
CA TYR B 461 -13.05 28.44 59.20
C TYR B 461 -14.09 28.96 60.20
N GLY B 462 -15.17 28.19 60.33
CA GLY B 462 -16.29 28.52 61.24
C GLY B 462 -17.51 29.11 60.55
N GLU B 463 -17.31 29.84 59.46
CA GLU B 463 -18.42 30.48 58.72
C GLU B 463 -19.18 29.50 57.82
N THR B 464 -20.33 29.94 57.34
CA THR B 464 -21.08 29.17 56.34
C THR B 464 -20.46 29.32 54.95
N ALA B 465 -20.77 28.38 54.07
CA ALA B 465 -20.15 28.31 52.75
C ALA B 465 -20.35 29.58 51.91
N ASP B 466 -21.43 30.32 52.16
CA ASP B 466 -21.73 31.56 51.43
C ASP B 466 -20.75 32.69 51.73
N GLN B 467 -19.92 32.50 52.76
CA GLN B 467 -18.91 33.48 53.13
C GLN B 467 -17.55 33.28 52.43
N GLY B 468 -17.44 32.27 51.58
CA GLY B 468 -16.15 31.92 51.00
C GLY B 468 -15.80 32.71 49.74
N ALA B 469 -14.74 32.26 49.09
CA ALA B 469 -14.31 32.83 47.82
C ALA B 469 -13.40 31.85 47.15
N TYR B 470 -13.16 32.12 45.88
CA TYR B 470 -12.29 31.31 45.07
C TYR B 470 -10.87 31.81 45.25
N VAL B 471 -9.99 30.89 45.63
CA VAL B 471 -8.56 31.12 45.67
C VAL B 471 -7.95 30.29 44.57
N HIS B 472 -7.09 30.94 43.79
CA HIS B 472 -6.55 30.36 42.57
C HIS B 472 -5.26 29.61 42.80
N TYR B 473 -5.02 28.65 41.91
CA TYR B 473 -3.79 27.86 41.84
C TYR B 473 -3.15 28.08 40.46
N PRO B 474 -1.83 27.91 40.34
CA PRO B 474 -1.15 28.16 39.05
C PRO B 474 -1.41 27.02 38.05
N VAL B 475 -2.58 27.08 37.42
CA VAL B 475 -3.14 26.00 36.64
C VAL B 475 -2.25 25.58 35.46
N ASP B 476 -1.67 26.53 34.75
CA ASP B 476 -0.81 26.20 33.62
C ASP B 476 0.38 25.36 34.04
N ASP B 477 1.05 25.78 35.11
CA ASP B 477 2.20 25.00 35.60
C ASP B 477 1.74 23.66 36.11
N LEU B 478 0.59 23.61 36.78
CA LEU B 478 0.12 22.35 37.37
C LEU B 478 -0.25 21.28 36.33
N LEU B 479 -0.81 21.71 35.21
CA LEU B 479 -1.19 20.79 34.12
C LEU B 479 0.04 20.33 33.41
N SER B 480 1.03 21.21 33.30
CA SER B 480 2.32 20.81 32.71
C SER B 480 2.94 19.70 33.59
N ILE B 481 3.02 19.95 34.89
CA ILE B 481 3.62 18.97 35.79
C ILE B 481 2.84 17.67 35.80
N LEU B 482 1.51 17.79 35.82
CA LEU B 482 0.62 16.64 35.72
C LEU B 482 0.92 15.81 34.45
N ALA B 483 1.07 16.48 33.31
CA ALA B 483 1.46 15.75 32.05
C ALA B 483 2.84 15.10 32.14
N LEU B 484 3.79 15.82 32.73
CA LEU B 484 5.15 15.30 32.93
C LEU B 484 5.13 14.02 33.75
N GLU B 485 4.52 14.11 34.92
CA GLU B 485 4.46 12.98 35.83
C GLU B 485 3.63 11.82 35.24
N SER B 486 2.55 12.14 34.53
CA SER B 486 1.71 11.12 33.92
C SER B 486 2.55 10.34 32.90
N LYS B 487 3.22 11.05 32.00
CA LYS B 487 4.13 10.44 31.02
C LYS B 487 5.24 9.59 31.67
N ARG B 488 5.88 10.11 32.72
CA ARG B 488 6.97 9.38 33.37
C ARG B 488 6.49 8.11 34.04
N HIS B 489 5.26 8.10 34.53
CA HIS B 489 4.69 6.90 35.18
C HIS B 489 3.93 5.98 34.21
N ARG B 490 3.65 6.45 33.01
CA ARG B 490 2.78 5.71 32.06
C ARG B 490 1.42 5.51 32.73
N CYS B 491 0.88 6.59 33.28
CA CYS B 491 -0.36 6.56 34.04
C CYS B 491 -1.26 7.66 33.54
N MET B 492 -2.28 7.29 32.76
CA MET B 492 -3.22 8.29 32.23
C MET B 492 -4.01 8.95 33.35
N VAL B 493 -4.64 10.08 33.03
CA VAL B 493 -5.32 10.93 34.00
C VAL B 493 -6.77 11.17 33.60
N ILE B 494 -7.66 10.78 34.50
CA ILE B 494 -9.09 11.08 34.40
C ILE B 494 -9.37 12.19 35.41
N GLY B 495 -9.86 13.33 34.91
CA GLY B 495 -10.10 14.52 35.71
C GLY B 495 -11.58 14.59 35.98
N GLU B 496 -11.99 14.26 37.20
CA GLU B 496 -13.40 14.35 37.57
C GLU B 496 -13.80 15.80 37.49
N ASP B 497 -14.72 16.10 36.57
CA ASP B 497 -15.09 17.48 36.26
C ASP B 497 -16.62 17.65 36.14
N LEU B 498 -17.35 17.00 37.04
CA LEU B 498 -18.81 17.16 37.12
C LEU B 498 -19.11 18.62 37.57
N GLY B 499 -20.30 19.13 37.37
CA GLY B 499 -20.57 20.51 37.78
C GLY B 499 -20.13 21.55 36.75
N THR B 500 -20.00 22.81 37.18
CA THR B 500 -19.71 23.93 36.30
C THR B 500 -18.23 23.94 35.99
N VAL B 501 -17.88 23.97 34.71
CA VAL B 501 -16.48 24.07 34.31
C VAL B 501 -16.40 25.17 33.26
N PRO B 502 -15.61 26.24 33.52
CA PRO B 502 -15.53 27.31 32.52
C PRO B 502 -14.99 26.82 31.20
N VAL B 503 -15.38 27.51 30.12
CA VAL B 503 -15.06 27.11 28.75
C VAL B 503 -13.55 26.92 28.56
N GLU B 504 -12.78 27.94 28.93
CA GLU B 504 -11.33 27.96 28.74
C GLU B 504 -10.67 26.75 29.38
N ILE B 505 -11.20 26.33 30.54
CA ILE B 505 -10.70 25.17 31.27
C ILE B 505 -11.09 23.83 30.62
N VAL B 506 -12.28 23.75 30.02
CA VAL B 506 -12.68 22.53 29.31
C VAL B 506 -11.59 22.27 28.25
N GLY B 507 -11.19 23.31 27.53
CA GLY B 507 -10.18 23.24 26.49
C GLY B 507 -8.77 22.89 26.96
N LYS B 508 -8.34 23.49 28.06
CA LYS B 508 -7.01 23.24 28.60
C LYS B 508 -6.89 21.80 29.03
N LEU B 509 -7.88 21.30 29.76
CA LEU B 509 -7.86 19.92 30.23
C LEU B 509 -7.83 18.94 29.06
N ARG B 510 -8.60 19.21 28.03
CA ARG B 510 -8.64 18.32 26.87
C ARG B 510 -7.30 18.35 26.17
N SER B 511 -6.74 19.53 25.99
CA SER B 511 -5.48 19.62 25.26
C SER B 511 -4.29 19.12 26.11
N SER B 512 -4.40 19.16 27.43
CA SER B 512 -3.44 18.48 28.31
C SER B 512 -3.62 16.95 28.33
N GLY B 513 -4.65 16.43 27.65
CA GLY B 513 -4.85 14.98 27.54
C GLY B 513 -5.49 14.36 28.78
N VAL B 514 -6.17 15.21 29.55
CA VAL B 514 -6.95 14.74 30.69
C VAL B 514 -8.29 14.23 30.15
N TYR B 515 -8.77 13.11 30.70
CA TYR B 515 -10.04 12.55 30.28
C TYR B 515 -11.14 13.07 31.14
N SER B 516 -12.25 13.41 30.49
CA SER B 516 -13.44 13.90 31.17
C SER B 516 -14.19 12.75 31.84
N TYR B 517 -15.18 13.10 32.67
CA TYR B 517 -15.93 12.09 33.43
C TYR B 517 -17.43 12.38 33.28
N LYS B 518 -18.16 11.39 32.76
CA LYS B 518 -19.55 11.56 32.37
C LYS B 518 -20.39 10.51 33.04
N VAL B 519 -21.44 10.95 33.75
CA VAL B 519 -22.28 10.06 34.52
C VAL B 519 -23.63 10.00 33.80
N LEU B 520 -24.11 8.79 33.56
CA LEU B 520 -25.35 8.63 32.74
C LEU B 520 -26.51 9.54 33.20
N TYR B 521 -26.82 9.54 34.49
CA TYR B 521 -27.97 10.32 35.01
C TYR B 521 -27.91 11.79 34.67
N PHE B 522 -26.71 12.35 34.54
CA PHE B 522 -26.59 13.79 34.34
C PHE B 522 -26.56 14.17 32.86
N GLU B 523 -26.41 13.18 31.98
CA GLU B 523 -26.14 13.43 30.57
C GLU B 523 -27.41 13.66 29.74
N ASN B 524 -28.19 14.66 30.17
CA ASN B 524 -29.44 15.04 29.55
C ASN B 524 -29.58 16.56 29.66
N ASP B 525 -30.40 17.16 28.80
CA ASP B 525 -30.52 18.62 28.74
C ASP B 525 -31.69 19.04 29.61
N HIS B 526 -32.15 20.29 29.48
CA HIS B 526 -33.20 20.81 30.36
C HIS B 526 -34.55 20.10 30.20
N GLU B 527 -34.79 19.54 29.01
CA GLU B 527 -36.03 18.79 28.72
C GLU B 527 -35.91 17.29 29.02
N LYS B 528 -34.77 16.89 29.57
CA LYS B 528 -34.45 15.50 29.86
C LYS B 528 -34.30 14.69 28.58
N THR B 529 -33.80 15.32 27.53
CA THR B 529 -33.38 14.60 26.34
C THR B 529 -31.97 14.12 26.59
N PHE B 530 -31.80 12.81 26.65
CA PHE B 530 -30.49 12.26 26.93
C PHE B 530 -29.54 12.33 25.75
N ARG B 531 -28.29 12.66 26.06
CA ARG B 531 -27.27 12.74 25.02
C ARG B 531 -27.11 11.35 24.37
N ALA B 532 -27.06 11.34 23.05
CA ALA B 532 -26.91 10.10 22.30
C ALA B 532 -25.55 9.49 22.66
N PRO B 533 -25.45 8.17 22.70
CA PRO B 533 -24.16 7.59 23.09
C PRO B 533 -22.96 8.00 22.24
N LYS B 534 -23.13 8.11 20.91
CA LYS B 534 -22.02 8.49 20.06
C LYS B 534 -21.68 9.98 20.09
N ALA B 535 -22.51 10.79 20.75
CA ALA B 535 -22.19 12.22 20.96
C ALA B 535 -21.38 12.51 22.28
N TYR B 536 -21.21 11.49 23.12
CA TYR B 536 -20.24 11.54 24.23
C TYR B 536 -18.82 11.83 23.71
N PRO B 537 -18.05 12.66 24.42
CA PRO B 537 -16.72 12.94 23.85
C PRO B 537 -15.80 11.73 23.97
N GLU B 538 -14.91 11.61 22.99
CA GLU B 538 -13.99 10.50 22.91
C GLU B 538 -13.12 10.53 24.16
N GLN B 539 -12.66 11.72 24.52
CA GLN B 539 -11.63 11.83 25.53
C GLN B 539 -12.29 11.91 26.90
N SER B 540 -12.98 10.85 27.28
CA SER B 540 -13.77 10.82 28.50
C SER B 540 -13.97 9.38 28.96
N MET B 541 -14.32 9.22 30.23
CA MET B 541 -14.81 7.96 30.78
C MET B 541 -16.30 8.13 31.13
N ALA B 542 -17.11 7.14 30.74
CA ALA B 542 -18.55 7.14 31.02
C ALA B 542 -18.85 6.12 32.10
N VAL B 543 -19.70 6.51 33.05
CA VAL B 543 -20.21 5.61 34.08
C VAL B 543 -21.72 5.79 34.20
N ALA B 544 -22.41 4.81 34.76
CA ALA B 544 -23.84 4.91 34.96
C ALA B 544 -24.09 5.73 36.24
N ALA B 545 -23.35 5.41 37.29
CA ALA B 545 -23.52 6.07 38.59
C ALA B 545 -22.15 6.24 39.27
N THR B 546 -22.15 6.85 40.44
CA THR B 546 -20.98 6.88 41.31
C THR B 546 -21.38 6.34 42.69
N HIS B 547 -20.40 6.18 43.58
CA HIS B 547 -20.65 5.85 44.99
C HIS B 547 -21.50 6.91 45.69
N ASP B 548 -21.66 8.12 45.12
CA ASP B 548 -22.44 9.20 45.71
C ASP B 548 -23.89 9.20 45.27
N LEU B 549 -24.21 8.34 44.29
CA LEU B 549 -25.53 8.32 43.65
C LEU B 549 -26.20 6.97 43.82
N PRO B 550 -27.51 6.91 43.51
CA PRO B 550 -28.11 5.58 43.58
C PRO B 550 -27.60 4.60 42.51
N THR B 551 -27.74 3.31 42.83
CA THR B 551 -27.45 2.28 41.87
C THR B 551 -28.50 2.40 40.76
N LEU B 552 -28.42 1.54 39.77
CA LEU B 552 -29.39 1.62 38.67
C LEU B 552 -30.80 1.35 39.16
N ARG B 553 -30.95 0.33 40.00
CA ARG B 553 -32.23 0.01 40.61
C ARG B 553 -32.72 1.12 41.53
N GLY B 554 -31.84 1.57 42.43
CA GLY B 554 -32.16 2.66 43.35
C GLY B 554 -32.71 3.84 42.59
N TYR B 555 -32.02 4.23 41.52
CA TYR B 555 -32.40 5.38 40.70
C TYR B 555 -33.80 5.16 40.14
N TRP B 556 -33.99 3.98 39.57
CA TRP B 556 -35.23 3.67 38.86
C TRP B 556 -36.41 3.55 39.82
N GLU B 557 -36.18 2.95 40.98
CA GLU B 557 -37.23 2.76 41.98
C GLU B 557 -37.43 3.99 42.88
N CYS B 558 -36.62 5.05 42.70
CA CYS B 558 -36.65 6.25 43.55
C CYS B 558 -36.26 5.92 44.99
N GLY B 559 -35.45 4.88 45.15
CA GLY B 559 -35.03 4.37 46.45
C GLY B 559 -34.19 5.37 47.20
N ASP B 560 -33.51 6.28 46.48
CA ASP B 560 -32.78 7.38 47.13
C ASP B 560 -33.74 8.38 47.77
N LEU B 561 -34.83 8.68 47.07
CA LEU B 561 -35.79 9.62 47.56
C LEU B 561 -36.57 9.06 48.75
N THR B 562 -36.95 7.79 48.68
CA THR B 562 -37.77 7.16 49.71
C THR B 562 -36.96 6.84 50.98
N LEU B 563 -35.74 6.35 50.79
CA LEU B 563 -34.80 6.14 51.91
C LEU B 563 -34.39 7.49 52.54
N GLY B 564 -34.25 8.52 51.70
CA GLY B 564 -34.03 9.87 52.18
C GLY B 564 -35.14 10.30 53.13
N LYS B 565 -36.37 10.09 52.67
CA LYS B 565 -37.51 10.43 53.48
C LYS B 565 -37.54 9.73 54.85
N THR B 566 -37.31 8.42 54.82
CA THR B 566 -37.28 7.52 55.97
C THR B 566 -36.27 8.03 56.99
N LEU B 567 -35.13 8.50 56.48
CA LEU B 567 -34.00 8.89 57.30
C LEU B 567 -33.98 10.37 57.69
N GLY B 568 -34.98 11.14 57.24
CA GLY B 568 -35.17 12.49 57.73
C GLY B 568 -34.48 13.56 56.91
N LEU B 569 -34.08 13.19 55.71
CA LEU B 569 -33.29 14.06 54.87
C LEU B 569 -34.13 14.93 53.96
N TYR B 570 -35.43 14.68 53.88
CA TYR B 570 -36.33 15.48 53.07
C TYR B 570 -37.59 15.87 53.83
N PRO B 571 -37.47 16.81 54.77
CA PRO B 571 -38.63 17.20 55.55
C PRO B 571 -39.58 18.14 54.80
N ASP B 572 -39.10 18.77 53.73
CA ASP B 572 -39.91 19.67 52.91
C ASP B 572 -40.60 18.89 51.79
N GLU B 573 -41.86 18.55 52.04
CA GLU B 573 -42.66 17.72 51.13
C GLU B 573 -42.79 18.35 49.74
N VAL B 574 -42.94 19.66 49.69
CA VAL B 574 -43.14 20.35 48.42
C VAL B 574 -41.92 20.11 47.55
N VAL B 575 -40.74 20.22 48.16
CA VAL B 575 -39.53 20.04 47.39
C VAL B 575 -39.36 18.57 47.03
N LEU B 576 -39.74 17.68 47.93
CA LEU B 576 -39.62 16.25 47.65
C LEU B 576 -40.51 15.83 46.48
N ARG B 577 -41.76 16.31 46.46
CA ARG B 577 -42.71 16.01 45.38
C ARG B 577 -42.04 16.34 44.07
N GLY B 578 -41.40 17.52 44.04
CA GLY B 578 -40.68 18.01 42.88
C GLY B 578 -39.52 17.12 42.46
N LEU B 579 -38.85 16.52 43.44
CA LEU B 579 -37.74 15.61 43.17
C LEU B 579 -38.24 14.30 42.52
N TYR B 580 -39.37 13.77 43.01
CA TYR B 580 -40.02 12.66 42.36
C TYR B 580 -40.41 12.96 40.89
N GLN B 581 -41.06 14.10 40.69
CA GLN B 581 -41.52 14.49 39.37
C GLN B 581 -40.35 14.63 38.41
N ASP B 582 -39.30 15.28 38.88
CA ASP B 582 -38.08 15.38 38.12
C ASP B 582 -37.56 13.96 37.77
N ARG B 583 -37.54 13.04 38.76
CA ARG B 583 -37.07 11.67 38.49
C ARG B 583 -37.91 10.96 37.44
N GLU B 584 -39.24 11.07 37.53
CA GLU B 584 -40.12 10.38 36.58
C GLU B 584 -39.96 10.94 35.16
N LEU B 585 -39.76 12.25 35.03
CA LEU B 585 -39.37 12.87 33.76
C LEU B 585 -38.02 12.36 33.27
N ALA B 586 -37.07 12.17 34.19
CA ALA B 586 -35.73 11.76 33.76
C ALA B 586 -35.74 10.31 33.28
N LYS B 587 -36.44 9.45 34.02
CA LYS B 587 -36.59 8.05 33.66
C LYS B 587 -37.28 7.90 32.30
N GLN B 588 -38.33 8.68 32.06
CA GLN B 588 -39.04 8.65 30.77
C GLN B 588 -38.07 9.00 29.65
N GLY B 589 -37.37 10.12 29.81
CA GLY B 589 -36.40 10.57 28.80
C GLY B 589 -35.30 9.56 28.53
N LEU B 590 -34.84 8.87 29.57
CA LEU B 590 -33.81 7.85 29.42
C LEU B 590 -34.39 6.65 28.70
N LEU B 591 -35.62 6.28 29.05
CA LEU B 591 -36.28 5.16 28.41
C LEU B 591 -36.40 5.43 26.90
N ASP B 592 -36.88 6.63 26.54
CA ASP B 592 -36.95 7.05 25.14
C ASP B 592 -35.60 6.88 24.43
N ALA B 593 -34.52 7.29 25.10
CA ALA B 593 -33.17 7.17 24.51
C ALA B 593 -32.75 5.70 24.35
N LEU B 594 -33.01 4.88 25.38
CA LEU B 594 -32.72 3.45 25.30
C LEU B 594 -33.35 2.80 24.03
N HIS B 595 -34.64 3.06 23.79
CA HIS B 595 -35.33 2.56 22.61
C HIS B 595 -34.76 3.18 21.33
N LYS B 596 -34.64 4.50 21.31
CA LYS B 596 -34.17 5.23 20.13
C LYS B 596 -32.80 4.75 19.63
N TYR B 597 -31.87 4.47 20.54
CA TYR B 597 -30.49 4.11 20.14
C TYR B 597 -30.21 2.60 20.28
N GLY B 598 -31.29 1.82 20.39
CA GLY B 598 -31.24 0.40 20.13
C GLY B 598 -30.61 -0.43 21.22
N CYS B 599 -30.97 -0.11 22.46
CA CYS B 599 -30.47 -0.83 23.63
C CYS B 599 -31.47 -1.83 24.21
N LEU B 600 -32.73 -1.75 23.79
CA LEU B 600 -33.79 -2.59 24.35
C LEU B 600 -34.52 -3.34 23.24
N PRO B 601 -35.03 -4.55 23.53
CA PRO B 601 -35.85 -5.24 22.54
C PRO B 601 -37.14 -4.45 22.26
N LYS B 602 -37.77 -4.72 21.13
CA LYS B 602 -39.01 -4.04 20.75
C LYS B 602 -40.17 -4.27 21.74
N ARG B 603 -40.10 -5.38 22.49
CA ARG B 603 -41.11 -5.76 23.48
C ARG B 603 -40.95 -5.08 24.87
N ALA B 604 -39.87 -4.34 25.08
CA ALA B 604 -39.80 -3.51 26.27
C ALA B 604 -40.84 -2.40 26.16
N GLY B 605 -41.37 -1.96 27.31
CA GLY B 605 -42.38 -0.90 27.35
C GLY B 605 -41.78 0.47 27.10
N HIS B 606 -42.63 1.43 26.77
CA HIS B 606 -42.19 2.79 26.51
C HIS B 606 -42.61 3.80 27.60
N LYS B 607 -43.50 3.39 28.51
CA LYS B 607 -43.92 4.27 29.62
C LYS B 607 -43.16 3.91 30.90
N ALA B 608 -42.19 4.72 31.25
CA ALA B 608 -41.27 4.36 32.32
C ALA B 608 -41.97 4.11 33.67
N SER B 609 -42.98 4.94 33.97
CA SER B 609 -43.73 4.85 35.25
C SER B 609 -44.46 3.52 35.46
N LEU B 610 -44.78 2.81 34.36
CA LEU B 610 -45.41 1.50 34.47
C LEU B 610 -44.40 0.35 34.61
N MET B 611 -43.11 0.66 34.71
CA MET B 611 -42.06 -0.36 34.57
C MET B 611 -41.22 -0.51 35.81
N SER B 612 -41.07 -1.74 36.25
CA SER B 612 -40.16 -2.04 37.32
C SER B 612 -38.83 -2.40 36.67
N MET B 613 -37.79 -2.48 37.48
CA MET B 613 -36.47 -2.84 37.01
C MET B 613 -36.53 -4.32 36.62
N THR B 614 -35.91 -4.64 35.48
CA THR B 614 -35.76 -6.01 34.98
C THR B 614 -34.30 -6.25 34.53
N PRO B 615 -33.91 -7.53 34.40
CA PRO B 615 -32.67 -7.87 33.67
C PRO B 615 -32.49 -7.10 32.35
N THR B 616 -33.56 -7.01 31.58
CA THR B 616 -33.54 -6.35 30.27
C THR B 616 -33.28 -4.86 30.35
N LEU B 617 -33.91 -4.19 31.32
CA LEU B 617 -33.73 -2.75 31.46
C LEU B 617 -32.32 -2.48 31.97
N ASN B 618 -31.95 -3.23 32.99
CA ASN B 618 -30.63 -3.16 33.57
C ASN B 618 -29.51 -3.35 32.56
N ARG B 619 -29.60 -4.39 31.73
CA ARG B 619 -28.66 -4.53 30.62
C ARG B 619 -28.78 -3.31 29.70
N GLY B 620 -30.01 -2.90 29.38
CA GLY B 620 -30.23 -1.77 28.49
C GLY B 620 -29.53 -0.50 28.91
N LEU B 621 -29.58 -0.22 30.21
CA LEU B 621 -28.95 0.97 30.76
C LEU B 621 -27.43 0.96 30.67
N GLN B 622 -26.84 -0.21 30.92
CA GLN B 622 -25.40 -0.40 30.81
C GLN B 622 -24.96 -0.45 29.33
N ARG B 623 -25.77 -1.01 28.46
CA ARG B 623 -25.51 -0.94 27.02
C ARG B 623 -25.38 0.50 26.52
N TYR B 624 -26.24 1.39 27.00
CA TYR B 624 -26.27 2.76 26.49
C TYR B 624 -24.90 3.45 26.59
N ILE B 625 -24.27 3.29 27.74
CA ILE B 625 -22.93 3.83 27.95
C ILE B 625 -21.82 2.92 27.34
N ALA B 626 -22.04 1.60 27.30
CA ALA B 626 -21.13 0.71 26.62
C ALA B 626 -21.08 1.07 25.13
N ASP B 627 -22.19 1.54 24.59
CA ASP B 627 -22.30 1.93 23.20
C ASP B 627 -21.70 3.29 22.91
N SER B 628 -21.31 4.03 23.96
CA SER B 628 -20.91 5.42 23.78
C SER B 628 -19.51 5.57 23.14
N ASN B 629 -19.24 6.78 22.68
CA ASN B 629 -17.95 7.12 22.13
C ASN B 629 -16.87 7.36 23.17
N SER B 630 -17.26 7.44 24.46
CA SER B 630 -16.27 7.56 25.50
C SER B 630 -15.30 6.43 25.41
N ALA B 631 -14.02 6.79 25.40
CA ALA B 631 -12.94 5.83 25.34
C ALA B 631 -12.98 4.80 26.49
N LEU B 632 -13.39 5.23 27.67
CA LEU B 632 -13.47 4.30 28.82
C LEU B 632 -14.88 4.16 29.38
N LEU B 633 -15.15 2.97 29.90
CA LEU B 633 -16.42 2.66 30.55
C LEU B 633 -16.14 2.01 31.87
N GLY B 634 -16.66 2.64 32.92
CA GLY B 634 -16.60 2.09 34.28
C GLY B 634 -17.94 1.47 34.66
N LEU B 635 -17.90 0.25 35.16
CA LEU B 635 -19.08 -0.52 35.49
C LEU B 635 -19.02 -0.84 36.98
N GLN B 636 -20.13 -0.55 37.67
CA GLN B 636 -20.30 -0.88 39.08
C GLN B 636 -20.77 -2.32 39.21
N PRO B 637 -20.06 -3.14 39.97
CA PRO B 637 -20.52 -4.50 40.24
C PRO B 637 -21.90 -4.56 40.92
N GLU B 638 -22.18 -3.52 41.72
CA GLU B 638 -23.50 -3.29 42.31
C GLU B 638 -24.61 -3.47 41.27
N ASP B 639 -24.38 -2.97 40.05
CA ASP B 639 -25.36 -3.07 38.98
C ASP B 639 -25.29 -4.44 38.26
N TRP B 640 -24.17 -5.14 38.29
CA TRP B 640 -24.17 -6.54 37.82
C TRP B 640 -25.05 -7.40 38.70
N LEU B 641 -25.07 -7.06 39.99
CA LEU B 641 -25.82 -7.81 40.97
C LEU B 641 -27.25 -7.27 41.18
N ASP B 642 -27.63 -6.24 40.41
CA ASP B 642 -28.96 -5.66 40.52
C ASP B 642 -29.30 -5.20 41.95
N MET B 643 -28.33 -4.64 42.66
CA MET B 643 -28.57 -4.17 44.05
C MET B 643 -29.28 -2.80 44.08
N ALA B 644 -30.20 -2.65 45.04
CA ALA B 644 -30.95 -1.41 45.22
C ALA B 644 -30.25 -0.41 46.13
N GLU B 645 -29.43 -0.90 47.05
CA GLU B 645 -28.98 -0.08 48.18
C GLU B 645 -27.70 0.70 47.87
N PRO B 646 -27.65 1.99 48.30
CA PRO B 646 -26.44 2.78 48.08
C PRO B 646 -25.30 2.39 49.00
N VAL B 647 -24.10 2.86 48.65
CA VAL B 647 -22.90 2.75 49.50
C VAL B 647 -22.63 4.03 50.30
N ASN B 648 -23.05 5.17 49.76
CA ASN B 648 -22.94 6.44 50.47
C ASN B 648 -24.16 7.31 50.21
N ILE B 649 -24.57 8.09 51.23
CA ILE B 649 -25.60 9.10 51.01
C ILE B 649 -25.08 10.48 51.33
N PRO B 650 -24.74 11.24 50.28
CA PRO B 650 -24.28 12.61 50.47
C PRO B 650 -25.20 13.42 51.38
N GLY B 651 -24.60 14.20 52.26
CA GLY B 651 -25.37 15.02 53.18
C GLY B 651 -25.65 14.36 54.52
N THR B 652 -25.28 13.08 54.69
CA THR B 652 -25.49 12.37 55.95
C THR B 652 -24.19 12.25 56.74
N SER B 653 -24.29 12.31 58.08
CA SER B 653 -23.18 11.91 58.94
C SER B 653 -23.43 10.48 59.46
N TYR B 654 -24.37 10.35 60.37
CA TYR B 654 -24.67 9.06 60.96
C TYR B 654 -25.89 8.36 60.35
N GLN B 655 -26.72 9.08 59.60
CA GLN B 655 -28.05 8.56 59.25
C GLN B 655 -28.04 7.27 58.42
N TYR B 656 -27.03 7.11 57.56
CA TYR B 656 -26.80 5.88 56.82
C TYR B 656 -25.43 5.35 57.23
N LYS B 657 -25.29 4.04 57.24
CA LYS B 657 -24.01 3.41 57.45
C LYS B 657 -23.18 3.54 56.16
N ASN B 658 -22.64 4.74 55.96
CA ASN B 658 -21.86 5.05 54.80
C ASN B 658 -20.57 4.24 54.78
N TRP B 659 -20.10 3.92 53.57
CA TRP B 659 -18.84 3.24 53.38
C TRP B 659 -18.81 1.82 53.94
N ARG B 660 -19.97 1.17 54.00
CA ARG B 660 -20.12 -0.13 54.68
C ARG B 660 -20.94 -1.21 53.96
N ARG B 661 -21.83 -0.81 53.04
CA ARG B 661 -22.71 -1.73 52.30
C ARG B 661 -21.91 -2.67 51.40
N LYS B 662 -21.83 -3.92 51.80
CA LYS B 662 -21.13 -4.93 51.03
C LYS B 662 -21.90 -5.33 49.82
N LEU B 663 -21.19 -5.90 48.84
CA LEU B 663 -21.81 -6.50 47.68
C LEU B 663 -22.67 -7.64 48.16
N SER B 664 -23.78 -7.91 47.49
CA SER B 664 -24.68 -8.98 47.91
C SER B 664 -24.20 -10.38 47.48
N ALA B 665 -22.98 -10.51 46.99
CA ALA B 665 -22.48 -11.82 46.61
C ALA B 665 -20.97 -11.84 46.58
N THR B 666 -20.41 -12.99 46.92
CA THR B 666 -18.97 -13.20 46.80
C THR B 666 -18.47 -13.01 45.36
N LEU B 667 -17.17 -12.78 45.21
CA LEU B 667 -16.53 -12.74 43.88
C LEU B 667 -16.73 -14.06 43.16
N GLU B 668 -16.58 -15.16 43.90
CA GLU B 668 -16.74 -16.49 43.37
C GLU B 668 -18.16 -16.73 42.84
N SER B 669 -19.17 -16.39 43.65
CA SER B 669 -20.56 -16.55 43.26
C SER B 669 -20.90 -15.63 42.06
N MET B 670 -20.48 -14.38 42.14
CA MET B 670 -20.69 -13.41 41.07
C MET B 670 -20.22 -13.95 39.70
N PHE B 671 -18.99 -14.47 39.65
CA PHE B 671 -18.35 -14.87 38.40
C PHE B 671 -18.66 -16.30 37.94
N ALA B 672 -19.44 -17.02 38.74
CA ALA B 672 -20.00 -18.31 38.33
C ALA B 672 -21.47 -18.17 37.90
N ASP B 673 -22.05 -17.01 38.10
CA ASP B 673 -23.45 -16.78 37.77
C ASP B 673 -23.63 -16.58 36.26
N ASP B 674 -24.48 -17.40 35.67
CA ASP B 674 -24.83 -17.30 34.23
C ASP B 674 -25.24 -15.89 33.81
N GLY B 675 -26.18 -15.29 34.54
CA GLY B 675 -26.64 -13.92 34.27
C GLY B 675 -25.56 -12.84 34.27
N VAL B 676 -24.69 -12.87 35.28
CA VAL B 676 -23.55 -11.95 35.29
C VAL B 676 -22.64 -12.22 34.07
N ASN B 677 -22.23 -13.46 33.87
CA ASN B 677 -21.30 -13.79 32.79
C ASN B 677 -21.85 -13.33 31.42
N LYS B 678 -23.12 -13.61 31.17
CA LYS B 678 -23.74 -13.16 29.93
C LYS B 678 -23.84 -11.65 29.82
N LEU B 679 -24.16 -10.99 30.94
CA LEU B 679 -24.23 -9.54 30.95
C LEU B 679 -22.90 -8.90 30.57
N LEU B 680 -21.81 -9.41 31.17
CA LEU B 680 -20.50 -8.87 30.88
C LEU B 680 -20.00 -9.24 29.46
N LYS B 681 -20.33 -10.43 28.97
CA LYS B 681 -20.07 -10.78 27.54
C LYS B 681 -20.74 -9.77 26.59
N ASP B 682 -22.02 -9.49 26.83
CA ASP B 682 -22.78 -8.56 26.02
C ASP B 682 -22.11 -7.17 25.99
N LEU B 683 -21.85 -6.63 27.18
CA LEU B 683 -21.27 -5.27 27.28
C LEU B 683 -19.86 -5.19 26.67
N ASP B 684 -19.09 -6.25 26.83
CA ASP B 684 -17.80 -6.39 26.14
C ASP B 684 -17.95 -6.28 24.62
N ARG B 685 -18.89 -7.05 24.07
CA ARG B 685 -19.16 -6.97 22.64
C ARG B 685 -19.62 -5.58 22.25
N ARG B 686 -20.38 -4.91 23.13
CA ARG B 686 -20.94 -3.60 22.76
C ARG B 686 -19.79 -2.61 22.65
N ARG B 687 -18.88 -2.64 23.62
CA ARG B 687 -17.70 -1.78 23.57
C ARG B 687 -16.96 -1.97 22.24
N ARG B 688 -16.67 -3.23 21.91
CA ARG B 688 -15.95 -3.53 20.67
C ARG B 688 -16.62 -2.95 19.42
N SER B 689 -17.95 -2.98 19.36
CA SER B 689 -18.70 -2.43 18.22
C SER B 689 -18.86 -0.92 18.26
N ALA B 690 -18.43 -0.29 19.36
CA ALA B 690 -18.57 1.14 19.57
C ALA B 690 -17.38 1.88 18.96
N HIS B 691 -16.35 1.17 18.52
CA HIS B 691 -15.23 1.86 17.89
C HIS B 691 -15.65 2.46 16.56
N HIS B 692 -14.95 3.50 16.12
CA HIS B 692 -15.31 4.22 14.90
C HIS B 692 -15.03 3.34 13.70
N HIS B 693 -15.98 3.28 12.78
CA HIS B 693 -15.72 2.56 11.54
C HIS B 693 -15.13 3.59 10.61
N HIS B 694 -13.91 3.35 10.14
CA HIS B 694 -13.34 4.22 9.11
C HIS B 694 -13.67 3.69 7.71
N HIS B 695 -13.27 4.46 6.70
CA HIS B 695 -13.73 4.31 5.33
C HIS B 695 -12.56 4.70 4.40
N GLU C 2 62.11 18.77 -28.31
CA GLU C 2 61.47 18.27 -27.06
C GLU C 2 61.30 19.42 -26.07
N SER C 3 60.06 19.63 -25.61
CA SER C 3 59.74 20.75 -24.72
C SER C 3 58.63 20.35 -23.74
N LYS C 4 58.75 20.83 -22.50
CA LYS C 4 57.72 20.60 -21.48
C LYS C 4 56.48 21.46 -21.70
N ARG C 5 56.60 22.50 -22.52
CA ARG C 5 55.43 23.29 -22.93
C ARG C 5 54.48 22.46 -23.79
N LEU C 6 55.05 21.62 -24.66
CA LEU C 6 54.26 20.68 -25.48
C LEU C 6 53.59 19.63 -24.60
N ASP C 7 54.38 18.99 -23.74
CA ASP C 7 53.89 17.89 -22.91
C ASP C 7 52.74 18.32 -22.03
N ASN C 8 52.85 19.53 -21.45
CA ASN C 8 51.76 20.10 -20.65
C ASN C 8 50.55 20.52 -21.47
N ALA C 9 50.81 21.14 -22.62
CA ALA C 9 49.73 21.57 -23.51
C ALA C 9 48.93 20.36 -24.00
N ALA C 10 49.61 19.23 -24.16
CA ALA C 10 48.97 18.00 -24.59
C ALA C 10 48.11 17.41 -23.48
N LEU C 11 48.67 17.36 -22.27
CA LEU C 11 47.91 16.88 -21.10
C LEU C 11 46.66 17.71 -20.87
N ALA C 12 46.80 19.03 -20.89
CA ALA C 12 45.65 19.94 -20.74
C ALA C 12 44.60 19.72 -21.84
N ALA C 13 45.05 19.30 -23.02
CA ALA C 13 44.17 19.03 -24.17
C ALA C 13 43.42 17.70 -24.06
N GLY C 14 43.84 16.82 -23.15
CA GLY C 14 43.22 15.52 -23.00
C GLY C 14 43.97 14.42 -23.75
N ILE C 15 45.21 14.69 -24.15
CA ILE C 15 46.02 13.67 -24.79
C ILE C 15 46.79 12.89 -23.74
N SER C 16 46.44 11.61 -23.60
CA SER C 16 47.12 10.72 -22.72
C SER C 16 48.54 10.50 -23.23
N PRO C 17 49.55 10.57 -22.34
CA PRO C 17 50.97 10.54 -22.73
C PRO C 17 51.48 9.17 -23.15
N ASN C 18 50.72 8.11 -22.86
CA ASN C 18 51.11 6.77 -23.23
C ASN C 18 49.91 5.88 -23.58
N TYR C 19 50.19 4.63 -23.93
CA TYR C 19 49.17 3.59 -23.99
C TYR C 19 49.80 2.22 -23.71
N ILE C 20 48.96 1.24 -23.34
CA ILE C 20 49.41 -0.11 -23.02
C ILE C 20 49.55 -0.90 -24.30
N ASN C 21 50.78 -1.01 -24.81
CA ASN C 21 51.03 -1.61 -26.13
C ASN C 21 50.75 -3.13 -26.19
N ALA C 22 51.07 -3.75 -27.33
CA ALA C 22 50.81 -5.17 -27.57
C ALA C 22 51.40 -6.13 -26.51
N HIS C 23 52.54 -5.72 -25.94
CA HIS C 23 53.28 -6.55 -24.99
C HIS C 23 52.74 -6.38 -23.56
N GLY C 24 51.77 -5.48 -23.39
CA GLY C 24 51.19 -5.19 -22.08
C GLY C 24 51.99 -4.13 -21.34
N LYS C 25 52.83 -3.40 -22.07
CA LYS C 25 53.72 -2.42 -21.50
C LYS C 25 53.29 -0.99 -21.84
N PRO C 26 53.60 -0.02 -20.96
CA PRO C 26 53.33 1.36 -21.29
C PRO C 26 54.20 1.84 -22.46
N GLN C 27 53.60 2.43 -23.47
CA GLN C 27 54.38 2.97 -24.58
C GLN C 27 54.15 4.45 -24.71
N SER C 28 55.24 5.21 -24.79
CA SER C 28 55.17 6.64 -24.82
C SER C 28 54.67 7.16 -26.16
N ILE C 29 53.78 8.15 -26.09
CA ILE C 29 53.35 8.87 -27.27
C ILE C 29 54.46 9.84 -27.69
N SER C 30 54.75 9.88 -28.99
CA SER C 30 55.82 10.74 -29.50
C SER C 30 55.41 12.21 -29.48
N ALA C 31 56.41 13.08 -29.49
CA ALA C 31 56.23 14.54 -29.53
C ALA C 31 55.49 15.00 -30.79
N GLU C 32 55.87 14.48 -31.95
CA GLU C 32 55.20 14.82 -33.21
C GLU C 32 53.70 14.51 -33.13
N THR C 33 53.37 13.32 -32.66
CA THR C 33 51.97 12.95 -32.50
C THR C 33 51.23 13.97 -31.62
N LYS C 34 51.81 14.34 -30.48
CA LYS C 34 51.22 15.39 -29.65
C LYS C 34 51.03 16.66 -30.48
N ARG C 35 52.09 17.06 -31.15
CA ARG C 35 52.10 18.23 -32.03
C ARG C 35 50.98 18.20 -33.07
N ARG C 36 50.92 17.11 -33.85
CA ARG C 36 49.94 16.97 -34.92
C ARG C 36 48.53 16.98 -34.32
N LEU C 37 48.33 16.30 -33.20
CA LEU C 37 46.98 16.17 -32.67
C LEU C 37 46.49 17.46 -32.01
N LEU C 38 47.38 18.21 -31.36
CA LEU C 38 47.03 19.54 -30.83
C LEU C 38 46.64 20.48 -31.97
N ASP C 39 47.29 20.29 -33.11
CA ASP C 39 47.00 21.10 -34.27
C ASP C 39 45.65 20.74 -34.89
N ALA C 40 45.27 19.47 -34.80
CA ALA C 40 43.95 19.00 -35.23
C ALA C 40 42.81 19.60 -34.42
N MET C 41 43.05 19.84 -33.13
CA MET C 41 42.01 20.35 -32.22
C MET C 41 41.77 21.84 -32.43
N HIS C 42 40.58 22.29 -32.03
CA HIS C 42 40.21 23.72 -32.05
C HIS C 42 40.60 24.38 -30.72
N GLN C 43 40.86 25.69 -30.78
CA GLN C 43 41.49 26.47 -29.69
C GLN C 43 42.99 26.18 -29.64
N THR C 52 35.29 33.60 -15.62
CA THR C 52 33.84 33.38 -15.56
C THR C 52 33.43 32.88 -14.18
N PRO C 53 32.36 33.46 -13.60
CA PRO C 53 32.05 33.17 -12.20
C PRO C 53 31.53 31.74 -11.94
N VAL C 54 30.85 31.18 -12.94
CA VAL C 54 30.43 29.77 -12.94
C VAL C 54 30.85 29.11 -14.26
N PRO C 55 30.87 27.77 -14.31
CA PRO C 55 31.11 27.09 -15.59
C PRO C 55 29.93 27.21 -16.59
N ASN C 56 30.18 27.09 -17.90
CA ASN C 56 29.09 27.17 -18.89
C ASN C 56 28.09 26.04 -18.72
N VAL C 57 28.54 24.94 -18.10
CA VAL C 57 27.69 23.79 -17.81
C VAL C 57 28.20 23.08 -16.55
N MET C 58 27.29 22.43 -15.83
CA MET C 58 27.64 21.59 -14.67
C MET C 58 26.66 20.45 -14.58
N VAL C 59 27.13 19.25 -14.29
CA VAL C 59 26.25 18.08 -14.25
C VAL C 59 26.25 17.44 -12.89
N TYR C 60 25.08 17.04 -12.44
CA TYR C 60 24.89 16.46 -11.12
C TYR C 60 23.96 15.27 -11.20
N THR C 61 24.12 14.34 -10.24
CA THR C 61 23.22 13.22 -10.11
C THR C 61 22.12 13.59 -9.13
N SER C 62 20.87 13.24 -9.45
CA SER C 62 19.75 13.53 -8.53
C SER C 62 19.81 12.65 -7.26
N GLY C 63 19.32 13.20 -6.15
CA GLY C 63 19.36 12.53 -4.84
C GLY C 63 20.67 12.75 -4.11
N LYS C 64 21.52 13.64 -4.63
CA LYS C 64 22.77 14.02 -3.98
C LYS C 64 22.88 15.54 -3.93
N LYS C 65 23.80 16.03 -3.10
CA LYS C 65 23.97 17.47 -2.92
C LYS C 65 24.61 18.04 -4.16
N MET C 66 24.40 19.33 -4.40
CA MET C 66 24.86 19.97 -5.61
C MET C 66 25.57 21.29 -5.32
N PRO C 67 26.88 21.21 -4.99
CA PRO C 67 27.64 22.43 -4.79
C PRO C 67 27.97 23.10 -6.11
N MET C 68 27.82 24.43 -6.13
CA MET C 68 28.30 25.27 -7.21
C MET C 68 29.50 26.10 -6.73
N VAL C 69 30.66 25.84 -7.34
CA VAL C 69 31.88 26.62 -7.12
C VAL C 69 31.69 27.98 -7.78
N VAL C 70 31.81 29.05 -7.00
CA VAL C 70 31.76 30.40 -7.56
C VAL C 70 33.08 31.11 -7.38
N GLU C 71 33.84 31.23 -8.47
CA GLU C 71 35.00 32.12 -8.51
C GLU C 71 34.48 33.52 -8.87
N GLY C 72 35.35 34.52 -8.79
CA GLY C 72 34.97 35.91 -9.07
C GLY C 72 35.34 36.81 -7.92
N SER C 73 34.42 37.69 -7.53
CA SER C 73 34.65 38.64 -6.44
C SER C 73 33.39 39.44 -6.14
N GLY C 74 33.17 39.76 -4.86
CA GLY C 74 31.99 40.52 -4.45
C GLY C 74 30.71 39.70 -4.44
N GLU C 75 29.57 40.37 -4.33
CA GLU C 75 28.25 39.73 -4.22
C GLU C 75 27.54 39.54 -5.56
N TYR C 76 27.01 38.33 -5.77
CA TYR C 76 26.17 37.99 -6.92
C TYR C 76 24.73 37.63 -6.50
N SER C 77 23.75 38.06 -7.29
CA SER C 77 22.39 37.55 -7.18
C SER C 77 22.22 36.39 -8.17
N TRP C 78 21.66 35.28 -7.72
CA TRP C 78 21.41 34.17 -8.62
C TRP C 78 19.92 33.85 -8.79
N LEU C 79 19.60 33.38 -10.00
CA LEU C 79 18.30 32.86 -10.40
C LEU C 79 18.47 31.47 -11.02
N LEU C 80 17.73 30.50 -10.51
CA LEU C 80 17.68 29.18 -11.08
C LEU C 80 16.27 28.96 -11.59
N THR C 81 16.15 28.63 -12.88
CA THR C 81 14.88 28.30 -13.49
C THR C 81 14.91 26.87 -14.00
N THR C 82 14.04 26.01 -13.48
CA THR C 82 13.97 24.64 -13.93
C THR C 82 13.40 24.58 -15.35
N GLU C 83 13.66 23.47 -16.04
CA GLU C 83 13.23 23.29 -17.42
C GLU C 83 11.74 23.52 -17.48
N GLU C 84 11.03 23.05 -16.46
CA GLU C 84 9.58 23.22 -16.40
C GLU C 84 9.15 24.65 -16.04
N GLY C 85 9.99 25.38 -15.32
CA GLY C 85 9.78 26.83 -15.11
C GLY C 85 9.82 27.33 -13.67
N THR C 86 9.82 26.42 -12.70
CA THR C 86 9.94 26.77 -11.29
C THR C 86 11.22 27.59 -11.03
N GLN C 87 11.04 28.83 -10.61
CA GLN C 87 12.14 29.74 -10.28
C GLN C 87 12.52 29.67 -8.80
N TYR C 88 13.83 29.68 -8.55
CA TYR C 88 14.39 29.79 -7.24
C TYR C 88 15.40 30.91 -7.31
N LYS C 89 15.55 31.63 -6.19
CA LYS C 89 16.42 32.80 -6.14
C LYS C 89 17.21 32.82 -4.83
N GLY C 90 18.39 33.44 -4.89
CA GLY C 90 19.27 33.57 -3.73
C GLY C 90 20.39 34.57 -3.99
N HIS C 91 21.35 34.62 -3.08
CA HIS C 91 22.54 35.46 -3.25
C HIS C 91 23.80 34.65 -2.91
N VAL C 92 24.92 35.02 -3.54
CA VAL C 92 26.21 34.35 -3.27
C VAL C 92 27.38 35.29 -3.48
N THR C 93 28.41 35.11 -2.65
CA THR C 93 29.61 35.90 -2.70
C THR C 93 30.70 35.15 -3.45
N GLY C 94 31.35 35.82 -4.40
CA GLY C 94 32.45 35.24 -5.16
C GLY C 94 33.54 34.70 -4.26
N GLY C 95 34.22 33.64 -4.72
CA GLY C 95 35.24 32.95 -3.93
C GLY C 95 34.70 31.95 -2.93
N LYS C 96 33.38 31.76 -2.92
CA LYS C 96 32.70 30.79 -2.07
C LYS C 96 31.86 29.85 -2.91
N ALA C 97 31.36 28.79 -2.28
CA ALA C 97 30.48 27.85 -2.95
C ALA C 97 29.08 27.96 -2.35
N PHE C 98 28.06 27.77 -3.18
CA PHE C 98 26.69 27.66 -2.67
C PHE C 98 26.02 26.42 -3.24
N ASN C 99 25.13 25.83 -2.45
CA ASN C 99 24.36 24.67 -2.89
C ASN C 99 23.12 25.08 -3.65
N LEU C 100 22.74 24.30 -4.65
CA LEU C 100 21.50 24.56 -5.40
C LEU C 100 20.32 24.10 -4.54
N PRO C 101 19.12 24.64 -4.80
CA PRO C 101 17.99 24.22 -3.96
C PRO C 101 17.82 22.71 -3.97
N THR C 102 17.21 22.19 -2.91
CA THR C 102 17.10 20.76 -2.67
C THR C 102 16.15 20.05 -3.62
N LYS C 103 16.38 18.74 -3.80
CA LYS C 103 15.49 17.86 -4.53
C LYS C 103 15.15 18.39 -5.94
N LEU C 104 16.12 19.04 -6.58
CA LEU C 104 15.92 19.55 -7.93
C LEU C 104 15.56 18.39 -8.86
N PRO C 105 14.60 18.63 -9.79
CA PRO C 105 14.20 17.52 -10.64
C PRO C 105 15.17 17.28 -11.82
N GLU C 106 15.10 16.09 -12.38
CA GLU C 106 16.00 15.71 -13.48
C GLU C 106 15.62 16.54 -14.70
N GLY C 107 16.61 17.02 -15.44
CA GLY C 107 16.36 17.86 -16.59
C GLY C 107 17.46 18.85 -16.86
N TYR C 108 17.12 19.87 -17.66
CA TYR C 108 18.04 20.89 -18.13
C TYR C 108 17.64 22.26 -17.62
N HIS C 109 18.40 22.77 -16.66
CA HIS C 109 18.02 23.97 -15.94
C HIS C 109 18.93 25.10 -16.29
N THR C 110 18.50 26.29 -15.88
CA THR C 110 19.22 27.52 -16.15
C THR C 110 19.56 28.20 -14.81
N LEU C 111 20.85 28.35 -14.57
CA LEU C 111 21.36 29.13 -13.46
C LEU C 111 21.93 30.38 -14.06
N THR C 112 21.51 31.55 -13.56
CA THR C 112 22.11 32.81 -14.01
C THR C 112 22.63 33.55 -12.78
N LEU C 113 23.78 34.21 -12.93
CA LEU C 113 24.43 34.96 -11.87
C LEU C 113 24.66 36.39 -12.36
N THR C 114 24.18 37.38 -11.58
CA THR C 114 24.22 38.80 -11.98
C THR C 114 25.10 39.67 -11.08
N GLN C 115 25.82 40.60 -11.69
CA GLN C 115 26.66 41.57 -10.96
C GLN C 115 26.97 42.79 -11.81
N ASP C 116 26.44 43.94 -11.41
CA ASP C 116 26.55 45.17 -12.19
C ASP C 116 26.02 44.87 -13.62
N ASP C 117 26.72 45.25 -14.67
CA ASP C 117 26.26 44.98 -16.04
C ASP C 117 26.37 43.50 -16.45
N GLN C 118 27.18 42.75 -15.71
CA GLN C 118 27.56 41.39 -16.09
C GLN C 118 26.41 40.40 -15.88
N ARG C 119 26.50 39.28 -16.60
CA ARG C 119 25.56 38.16 -16.47
C ARG C 119 26.25 36.87 -16.89
N ALA C 120 26.15 35.83 -16.08
CA ALA C 120 26.83 34.57 -16.38
C ALA C 120 25.87 33.37 -16.26
N HIS C 121 25.69 32.67 -17.38
CA HIS C 121 24.76 31.56 -17.46
C HIS C 121 25.49 30.23 -17.31
N CYS C 122 24.83 29.28 -16.65
CA CYS C 122 25.33 27.92 -16.57
C CYS C 122 24.17 26.99 -16.86
N ARG C 123 24.41 26.01 -17.74
CA ARG C 123 23.42 24.97 -17.97
C ARG C 123 23.60 23.97 -16.84
N VAL C 124 22.57 23.82 -16.03
CA VAL C 124 22.60 22.89 -14.93
C VAL C 124 21.80 21.65 -15.32
N ILE C 125 22.53 20.55 -15.47
CA ILE C 125 21.95 19.30 -15.90
C ILE C 125 21.86 18.38 -14.70
N VAL C 126 20.67 17.87 -14.44
CA VAL C 126 20.46 16.97 -13.33
C VAL C 126 19.98 15.64 -13.86
N ALA C 127 20.73 14.58 -13.56
CA ALA C 127 20.60 13.29 -14.20
C ALA C 127 20.36 12.16 -13.22
N PRO C 128 19.59 11.15 -13.65
CA PRO C 128 19.49 9.95 -12.83
C PRO C 128 20.83 9.20 -12.85
N LYS C 129 20.97 8.28 -11.92
CA LYS C 129 22.12 7.42 -11.87
C LYS C 129 22.07 6.44 -13.06
N ARG C 130 20.96 5.74 -13.22
CA ARG C 130 20.82 4.67 -14.20
C ARG C 130 20.03 5.08 -15.43
N CYS C 131 20.46 4.55 -16.59
CA CYS C 131 19.63 4.47 -17.78
C CYS C 131 18.31 3.75 -17.54
N TYR C 132 17.36 3.96 -18.45
CA TYR C 132 16.05 3.33 -18.39
C TYR C 132 16.19 1.83 -18.59
N GLU C 133 15.38 1.09 -17.86
CA GLU C 133 15.25 -0.33 -18.09
C GLU C 133 13.76 -0.66 -18.09
N PRO C 134 13.29 -1.40 -19.12
CA PRO C 134 11.86 -1.73 -19.14
C PRO C 134 11.51 -2.63 -17.97
N GLN C 135 10.24 -2.61 -17.60
CA GLN C 135 9.72 -3.39 -16.50
C GLN C 135 10.14 -4.86 -16.58
N ALA C 136 10.10 -5.40 -17.81
CA ALA C 136 10.46 -6.79 -18.03
C ALA C 136 11.88 -7.10 -17.51
N LEU C 137 12.81 -6.16 -17.74
CA LEU C 137 14.17 -6.37 -17.26
C LEU C 137 14.31 -6.12 -15.77
N LEU C 138 13.55 -5.16 -15.21
CA LEU C 138 13.49 -4.99 -13.74
C LEU C 138 12.92 -6.23 -13.08
N ASN C 139 11.99 -6.88 -13.77
CA ASN C 139 11.36 -8.09 -13.27
C ASN C 139 12.21 -9.35 -13.51
N LYS C 140 13.43 -9.21 -14.05
CA LYS C 140 14.38 -10.32 -14.17
C LYS C 140 14.01 -11.30 -15.29
N GLN C 141 13.30 -10.83 -16.30
CA GLN C 141 12.89 -11.71 -17.39
C GLN C 141 14.02 -11.83 -18.41
N LYS C 142 14.03 -12.97 -19.11
CA LYS C 142 15.01 -13.26 -20.16
C LYS C 142 14.32 -13.17 -21.52
N LEU C 143 14.69 -12.13 -22.25
CA LEU C 143 14.03 -11.76 -23.47
C LEU C 143 14.90 -12.13 -24.68
N TRP C 144 14.24 -12.28 -25.81
CA TRP C 144 14.93 -12.43 -27.07
C TRP C 144 14.32 -11.52 -28.11
N GLY C 145 15.06 -11.36 -29.20
CA GLY C 145 14.56 -10.69 -30.38
C GLY C 145 15.45 -11.01 -31.55
N ALA C 146 15.10 -10.44 -32.71
CA ALA C 146 15.84 -10.70 -33.93
C ALA C 146 16.78 -9.54 -34.19
N CYS C 147 18.05 -9.85 -34.43
CA CYS C 147 18.99 -8.85 -34.86
C CYS C 147 19.18 -9.02 -36.37
N VAL C 148 18.82 -7.98 -37.13
CA VAL C 148 18.76 -8.09 -38.59
C VAL C 148 19.56 -7.01 -39.28
N GLN C 149 20.00 -7.33 -40.48
CA GLN C 149 20.50 -6.31 -41.38
C GLN C 149 19.32 -5.97 -42.29
N LEU C 150 18.72 -4.81 -42.06
CA LEU C 150 17.44 -4.49 -42.65
C LEU C 150 17.51 -4.65 -44.18
N TYR C 151 18.60 -4.20 -44.78
CA TYR C 151 18.77 -4.29 -46.25
C TYR C 151 18.66 -5.73 -46.79
N THR C 152 19.01 -6.73 -45.97
CA THR C 152 18.96 -8.12 -46.39
C THR C 152 17.57 -8.74 -46.47
N LEU C 153 16.54 -8.09 -45.95
CA LEU C 153 15.25 -8.77 -45.83
C LEU C 153 14.65 -9.01 -47.22
N ARG C 154 14.16 -10.22 -47.44
CA ARG C 154 13.39 -10.53 -48.66
C ARG C 154 11.90 -10.61 -48.29
N SER C 155 11.04 -10.17 -49.20
CA SER C 155 9.61 -10.25 -49.02
C SER C 155 8.92 -10.28 -50.38
N GLU C 156 7.64 -10.64 -50.36
CA GLU C 156 6.85 -10.66 -51.57
C GLU C 156 6.52 -9.24 -52.02
N LYS C 157 6.72 -8.25 -51.15
CA LYS C 157 6.31 -6.88 -51.44
C LYS C 157 7.42 -5.82 -51.68
N ASN C 158 8.61 -6.00 -51.16
CA ASN C 158 9.62 -4.94 -51.30
C ASN C 158 10.14 -4.76 -52.76
N TRP C 159 11.00 -3.77 -52.97
CA TRP C 159 11.50 -3.42 -54.30
C TRP C 159 12.93 -3.88 -54.52
N GLY C 160 13.34 -4.94 -53.83
CA GLY C 160 14.70 -5.50 -53.99
C GLY C 160 15.69 -5.10 -52.90
N ILE C 161 15.19 -4.49 -51.82
CA ILE C 161 15.98 -4.26 -50.62
C ILE C 161 15.03 -4.30 -49.44
N GLY C 162 15.44 -4.90 -48.34
CA GLY C 162 14.59 -4.87 -47.16
C GLY C 162 14.30 -3.43 -46.74
N ASP C 163 13.07 -3.16 -46.32
CA ASP C 163 12.66 -1.79 -46.00
C ASP C 163 11.72 -1.69 -44.80
N PHE C 164 11.20 -0.51 -44.52
CA PHE C 164 10.38 -0.31 -43.33
C PHE C 164 9.05 -1.04 -43.37
N GLY C 165 8.57 -1.40 -44.58
CA GLY C 165 7.38 -2.22 -44.71
C GLY C 165 7.66 -3.63 -44.24
N ASP C 166 8.87 -4.13 -44.51
CA ASP C 166 9.27 -5.48 -44.12
C ASP C 166 9.49 -5.57 -42.63
N LEU C 167 10.12 -4.53 -42.08
CA LEU C 167 10.33 -4.41 -40.64
C LEU C 167 8.97 -4.42 -39.90
N LYS C 168 8.00 -3.71 -40.43
CA LYS C 168 6.65 -3.66 -39.81
C LYS C 168 6.00 -5.01 -39.75
N ALA C 169 5.90 -5.69 -40.90
CA ALA C 169 5.45 -7.08 -40.95
C ALA C 169 6.27 -8.00 -40.01
N MET C 170 7.58 -7.80 -39.94
CA MET C 170 8.43 -8.72 -39.19
C MET C 170 8.31 -8.53 -37.68
N LEU C 171 8.04 -7.30 -37.25
CA LEU C 171 7.74 -7.01 -35.85
C LEU C 171 6.63 -7.91 -35.33
N VAL C 172 5.54 -7.97 -36.09
CA VAL C 172 4.34 -8.71 -35.69
C VAL C 172 4.66 -10.21 -35.60
N ASP C 173 5.42 -10.74 -36.56
CA ASP C 173 5.73 -12.17 -36.49
C ASP C 173 6.66 -12.56 -35.35
N VAL C 174 7.58 -11.66 -35.02
CA VAL C 174 8.48 -11.88 -33.92
C VAL C 174 7.66 -11.76 -32.62
N ALA C 175 6.88 -10.70 -32.50
CA ALA C 175 5.97 -10.54 -31.34
C ALA C 175 5.07 -11.76 -31.14
N LYS C 176 4.43 -12.24 -32.21
CA LYS C 176 3.53 -13.39 -32.05
C LYS C 176 4.22 -14.68 -31.59
N ARG C 177 5.54 -14.73 -31.68
CA ARG C 177 6.31 -15.90 -31.29
C ARG C 177 7.05 -15.74 -29.96
N GLY C 178 6.92 -14.58 -29.32
CA GLY C 178 7.47 -14.36 -28.00
C GLY C 178 8.67 -13.42 -27.94
N GLY C 179 9.14 -12.98 -29.10
CA GLY C 179 10.28 -12.06 -29.15
C GLY C 179 9.88 -10.64 -28.78
N SER C 180 10.82 -9.90 -28.20
CA SER C 180 10.56 -8.62 -27.58
C SER C 180 11.11 -7.41 -28.34
N PHE C 181 11.78 -7.64 -29.46
CA PHE C 181 12.45 -6.58 -30.22
C PHE C 181 12.96 -7.08 -31.58
N ILE C 182 13.17 -6.12 -32.48
CA ILE C 182 14.00 -6.37 -33.64
C ILE C 182 15.11 -5.36 -33.53
N GLY C 183 16.34 -5.82 -33.68
CA GLY C 183 17.55 -5.00 -33.66
C GLY C 183 17.99 -4.74 -35.07
N LEU C 184 18.53 -3.56 -35.30
CA LEU C 184 18.87 -3.13 -36.63
C LEU C 184 20.33 -2.73 -36.74
N ASN C 185 20.90 -2.89 -37.93
CA ASN C 185 22.10 -2.16 -38.33
C ASN C 185 21.80 -0.67 -38.22
N PRO C 186 22.85 0.17 -38.20
CA PRO C 186 22.60 1.60 -38.25
C PRO C 186 21.89 1.95 -39.52
N ILE C 187 20.86 2.78 -39.38
CA ILE C 187 20.00 3.18 -40.49
C ILE C 187 20.21 4.65 -40.82
N HIS C 188 21.42 5.12 -40.54
CA HIS C 188 21.83 6.50 -40.76
C HIS C 188 21.87 6.85 -42.24
N ALA C 189 21.57 8.11 -42.54
CA ALA C 189 21.60 8.65 -43.88
C ALA C 189 22.94 8.37 -44.56
N LEU C 190 22.85 7.65 -45.67
CA LEU C 190 23.98 7.50 -46.59
C LEU C 190 23.87 8.48 -47.78
N TYR C 191 24.15 8.03 -49.02
CA TYR C 191 24.30 8.93 -50.17
C TYR C 191 23.45 8.42 -51.35
N PRO C 192 22.21 8.92 -51.45
CA PRO C 192 21.34 8.53 -52.58
C PRO C 192 21.94 8.88 -53.93
N ALA C 193 22.76 9.92 -53.97
CA ALA C 193 23.50 10.29 -55.17
C ALA C 193 24.61 9.30 -55.50
N ASN C 194 25.04 8.53 -54.51
CA ASN C 194 26.10 7.55 -54.66
C ASN C 194 25.73 6.27 -53.94
N PRO C 195 24.67 5.60 -54.42
CA PRO C 195 24.13 4.50 -53.61
C PRO C 195 25.06 3.26 -53.47
N GLU C 196 26.09 3.13 -54.34
CA GLU C 196 27.01 1.99 -54.22
C GLU C 196 27.91 2.12 -52.97
N SER C 197 27.92 3.28 -52.30
CA SER C 197 28.62 3.42 -51.02
C SER C 197 27.65 3.12 -49.86
N ALA C 198 27.52 1.83 -49.59
CA ALA C 198 26.42 1.28 -48.85
C ALA C 198 26.77 0.91 -47.41
N SER C 199 28.02 1.11 -46.99
CA SER C 199 28.34 0.82 -45.59
C SER C 199 27.50 1.68 -44.65
N PRO C 200 26.79 1.02 -43.73
CA PRO C 200 26.16 1.78 -42.66
C PRO C 200 27.14 2.54 -41.77
N TYR C 201 28.44 2.29 -41.92
CA TYR C 201 29.50 2.78 -41.01
C TYR C 201 30.35 3.94 -41.52
N SER C 202 30.05 4.44 -42.71
CA SER C 202 30.59 5.73 -43.11
C SER C 202 29.42 6.65 -43.49
N PRO C 203 28.50 6.90 -42.54
CA PRO C 203 27.27 7.62 -42.85
C PRO C 203 27.45 9.10 -43.09
N SER C 204 26.51 9.68 -43.81
CA SER C 204 26.54 11.10 -44.09
C SER C 204 26.23 11.90 -42.83
N SER C 205 25.20 11.46 -42.12
CA SER C 205 24.74 12.04 -40.84
C SER C 205 24.32 10.90 -39.93
N ARG C 206 24.56 11.05 -38.63
CA ARG C 206 23.98 10.12 -37.61
C ARG C 206 22.67 10.64 -36.97
N ARG C 207 22.21 11.77 -37.46
CA ARG C 207 20.93 12.34 -37.05
C ARG C 207 19.80 11.97 -38.01
N TRP C 208 20.09 11.82 -39.29
CA TRP C 208 19.06 11.56 -40.33
C TRP C 208 19.06 10.14 -40.82
N LEU C 209 18.08 9.83 -41.65
CA LEU C 209 17.79 8.44 -41.97
C LEU C 209 18.16 8.07 -43.38
N ASN C 210 18.48 6.81 -43.56
CA ASN C 210 18.75 6.24 -44.89
C ASN C 210 17.43 6.11 -45.69
N VAL C 211 17.23 6.98 -46.68
CA VAL C 211 15.98 7.02 -47.44
C VAL C 211 15.73 5.81 -48.39
N ILE C 212 16.73 5.00 -48.65
CA ILE C 212 16.49 3.75 -49.40
C ILE C 212 15.57 2.80 -48.64
N TYR C 213 15.35 3.01 -47.34
CA TYR C 213 14.47 2.08 -46.60
C TYR C 213 12.99 2.46 -46.68
N ILE C 214 12.68 3.56 -47.36
CA ILE C 214 11.29 3.93 -47.58
C ILE C 214 10.55 2.84 -48.37
N ASP C 215 9.45 2.38 -47.81
CA ASP C 215 8.52 1.52 -48.49
C ASP C 215 7.67 2.37 -49.44
N VAL C 216 7.98 2.36 -50.75
CA VAL C 216 7.21 3.19 -51.68
C VAL C 216 5.74 2.72 -51.80
N ASN C 217 5.48 1.44 -51.58
CA ASN C 217 4.09 0.93 -51.60
C ASN C 217 3.22 1.64 -50.57
N ALA C 218 3.83 2.07 -49.47
CA ALA C 218 3.10 2.74 -48.40
C ALA C 218 2.90 4.24 -48.65
N VAL C 219 3.36 4.74 -49.80
CA VAL C 219 3.28 6.17 -50.07
C VAL C 219 2.02 6.47 -50.89
N GLU C 220 1.08 7.20 -50.29
CA GLU C 220 -0.23 7.37 -50.94
C GLU C 220 -0.10 8.02 -52.32
N ASP C 221 0.70 9.07 -52.43
CA ASP C 221 0.81 9.80 -53.67
C ASP C 221 1.52 9.02 -54.79
N PHE C 222 2.21 7.93 -54.46
CA PHE C 222 2.72 7.04 -55.47
C PHE C 222 1.53 6.43 -56.24
N HIS C 223 0.54 5.91 -55.51
CA HIS C 223 -0.67 5.31 -56.12
C HIS C 223 -1.60 6.33 -56.75
N LEU C 224 -1.58 7.56 -56.27
CA LEU C 224 -2.50 8.58 -56.80
C LEU C 224 -1.97 9.21 -58.08
N SER C 225 -0.67 9.06 -58.34
CA SER C 225 -0.03 9.64 -59.49
C SER C 225 -0.36 8.78 -60.73
N GLU C 226 -1.00 9.35 -61.74
CA GLU C 226 -1.27 8.63 -63.00
C GLU C 226 0.03 8.36 -63.75
N GLU C 227 0.94 9.34 -63.74
CA GLU C 227 2.26 9.17 -64.32
C GLU C 227 2.96 7.97 -63.67
N ALA C 228 2.90 7.85 -62.34
CA ALA C 228 3.45 6.68 -61.67
C ALA C 228 2.72 5.36 -61.99
N GLN C 229 1.39 5.42 -62.14
CA GLN C 229 0.61 4.21 -62.47
C GLN C 229 1.03 3.65 -63.86
N ALA C 230 1.26 4.50 -64.85
CA ALA C 230 1.77 4.03 -66.15
C ALA C 230 3.22 3.56 -66.05
N TRP C 231 4.06 4.33 -65.36
CA TRP C 231 5.44 3.91 -65.12
C TRP C 231 5.47 2.48 -64.57
N TRP C 232 4.67 2.21 -63.55
CA TRP C 232 4.61 0.90 -62.91
C TRP C 232 4.24 -0.25 -63.85
N GLN C 233 3.47 0.04 -64.91
CA GLN C 233 3.07 -0.96 -65.90
C GLN C 233 4.04 -1.11 -67.07
N LEU C 234 5.02 -0.23 -67.18
CA LEU C 234 6.01 -0.39 -68.25
C LEU C 234 6.68 -1.76 -68.07
N PRO C 235 6.82 -2.56 -69.16
CA PRO C 235 7.48 -3.87 -69.05
C PRO C 235 8.90 -3.77 -68.50
N THR C 236 9.63 -2.76 -68.95
CA THR C 236 10.97 -2.46 -68.43
C THR C 236 11.01 -2.10 -66.94
N THR C 237 9.91 -1.57 -66.38
CA THR C 237 9.84 -1.33 -64.93
C THR C 237 9.60 -2.63 -64.19
N GLN C 238 8.69 -3.46 -64.71
CA GLN C 238 8.38 -4.74 -64.02
C GLN C 238 9.56 -5.73 -64.11
N GLN C 239 10.25 -5.70 -65.23
CA GLN C 239 11.37 -6.60 -65.40
C GLN C 239 12.55 -6.15 -64.51
N THR C 240 12.82 -4.86 -64.49
CA THR C 240 13.91 -4.34 -63.69
C THR C 240 13.67 -4.69 -62.21
N LEU C 241 12.42 -4.49 -61.79
CA LEU C 241 12.00 -4.80 -60.44
C LEU C 241 12.16 -6.27 -60.14
N GLN C 242 11.76 -7.11 -61.10
CA GLN C 242 11.87 -8.57 -60.99
C GLN C 242 13.33 -9.01 -60.79
N GLN C 243 14.24 -8.45 -61.58
CA GLN C 243 15.65 -8.79 -61.43
C GLN C 243 16.19 -8.33 -60.08
N ALA C 244 15.92 -7.06 -59.74
CA ALA C 244 16.38 -6.50 -58.47
C ALA C 244 15.92 -7.38 -57.30
N ARG C 245 14.68 -7.86 -57.35
CA ARG C 245 14.11 -8.69 -56.28
C ARG C 245 14.73 -10.10 -56.26
N ASP C 246 14.94 -10.67 -57.45
CA ASP C 246 15.44 -12.05 -57.62
C ASP C 246 16.91 -12.22 -57.30
N ALA C 247 17.71 -11.20 -57.62
CA ALA C 247 19.14 -11.23 -57.33
C ALA C 247 19.37 -11.60 -55.86
N ASP C 248 20.46 -12.32 -55.61
CA ASP C 248 20.83 -12.77 -54.27
C ASP C 248 21.65 -11.70 -53.53
N TRP C 249 21.97 -10.60 -54.23
CA TRP C 249 22.73 -9.50 -53.67
C TRP C 249 21.98 -8.21 -53.94
N VAL C 250 21.98 -7.32 -52.94
CA VAL C 250 21.24 -6.08 -53.09
C VAL C 250 21.84 -5.28 -54.25
N ASP C 251 21.01 -4.92 -55.22
CA ASP C 251 21.43 -4.03 -56.30
C ASP C 251 21.06 -2.60 -55.90
N TYR C 252 21.97 -1.96 -55.17
CA TYR C 252 21.74 -0.63 -54.61
C TYR C 252 21.45 0.45 -55.65
N SER C 253 22.16 0.43 -56.76
CA SER C 253 21.97 1.42 -57.82
C SER C 253 20.56 1.34 -58.41
N THR C 254 20.13 0.11 -58.68
CA THR C 254 18.89 -0.10 -59.43
C THR C 254 17.74 0.20 -58.49
N VAL C 255 17.81 -0.33 -57.26
CA VAL C 255 16.76 -0.13 -56.26
C VAL C 255 16.58 1.37 -56.03
N THR C 256 17.68 2.09 -55.89
CA THR C 256 17.62 3.52 -55.67
C THR C 256 17.04 4.28 -56.86
N ALA C 257 17.43 3.88 -58.09
CA ALA C 257 16.85 4.44 -59.29
C ALA C 257 15.34 4.28 -59.32
N LEU C 258 14.88 3.06 -59.06
CA LEU C 258 13.45 2.80 -59.06
C LEU C 258 12.74 3.65 -58.02
N LYS C 259 13.18 3.61 -56.76
CA LYS C 259 12.47 4.35 -55.70
C LYS C 259 12.51 5.87 -55.98
N MET C 260 13.66 6.37 -56.41
CA MET C 260 13.76 7.81 -56.65
C MET C 260 12.80 8.25 -57.71
N THR C 261 12.76 7.49 -58.81
CA THR C 261 11.92 7.77 -59.94
C THR C 261 10.47 7.82 -59.52
N ALA C 262 10.04 6.79 -58.79
CA ALA C 262 8.68 6.72 -58.26
C ALA C 262 8.36 7.88 -57.30
N LEU C 263 9.24 8.06 -56.32
CA LEU C 263 9.03 9.05 -55.26
C LEU C 263 9.02 10.46 -55.84
N ARG C 264 9.78 10.69 -56.91
CA ARG C 264 9.80 12.00 -57.58
C ARG C 264 8.48 12.34 -58.29
N MET C 265 7.88 11.32 -58.88
CA MET C 265 6.54 11.43 -59.38
C MET C 265 5.55 11.62 -58.24
N ALA C 266 5.71 10.85 -57.18
CA ALA C 266 4.86 10.95 -56.00
C ALA C 266 4.90 12.37 -55.44
N TRP C 267 6.09 12.95 -55.38
CA TRP C 267 6.31 14.28 -54.83
C TRP C 267 5.59 15.36 -55.62
N LYS C 268 5.53 15.18 -56.95
CA LYS C 268 4.79 16.10 -57.80
C LYS C 268 3.33 16.23 -57.37
N GLY C 269 2.72 15.12 -56.97
CA GLY C 269 1.38 15.16 -56.38
C GLY C 269 1.40 15.69 -54.92
N PHE C 270 2.30 15.18 -54.07
CA PHE C 270 2.27 15.53 -52.62
C PHE C 270 2.43 17.04 -52.46
N ALA C 271 3.28 17.63 -53.29
CA ALA C 271 3.65 19.03 -53.20
C ALA C 271 2.48 19.99 -53.27
N GLN C 272 1.41 19.59 -53.96
CA GLN C 272 0.23 20.43 -54.12
C GLN C 272 -0.91 20.15 -53.14
N ARG C 273 -0.75 19.19 -52.24
CA ARG C 273 -1.70 18.98 -51.16
C ARG C 273 -1.74 20.20 -50.23
N ASP C 274 -2.93 20.57 -49.79
CA ASP C 274 -3.10 21.56 -48.71
C ASP C 274 -4.05 20.92 -47.73
N ASP C 275 -3.52 20.03 -46.90
CA ASP C 275 -4.33 19.15 -46.05
C ASP C 275 -3.54 18.71 -44.80
N GLU C 276 -4.06 17.72 -44.09
CA GLU C 276 -3.48 17.23 -42.83
C GLU C 276 -2.05 16.68 -43.00
N GLN C 277 -1.79 16.09 -44.17
CA GLN C 277 -0.48 15.51 -44.48
C GLN C 277 0.58 16.57 -44.77
N MET C 278 0.24 17.56 -45.58
CA MET C 278 1.17 18.64 -45.85
C MET C 278 1.51 19.36 -44.55
N ALA C 279 0.49 19.55 -43.70
CA ALA C 279 0.66 20.15 -42.38
C ALA C 279 1.58 19.31 -41.50
N ALA C 280 1.43 17.98 -41.56
CA ALA C 280 2.29 17.10 -40.76
C ALA C 280 3.74 17.18 -41.25
N PHE C 281 3.92 17.21 -42.58
CA PHE C 281 5.25 17.35 -43.19
C PHE C 281 5.91 18.66 -42.81
N ARG C 282 5.19 19.77 -42.97
CA ARG C 282 5.74 21.07 -42.65
C ARG C 282 5.96 21.28 -41.12
N GLN C 283 5.17 20.61 -40.28
CA GLN C 283 5.34 20.68 -38.81
C GLN C 283 6.64 19.97 -38.48
N PHE C 284 6.82 18.81 -39.10
CA PHE C 284 8.02 18.04 -38.92
C PHE C 284 9.27 18.83 -39.34
N VAL C 285 9.23 19.47 -40.52
CA VAL C 285 10.36 20.25 -40.98
C VAL C 285 10.71 21.38 -39.97
N ALA C 286 9.69 22.12 -39.55
CA ALA C 286 9.90 23.24 -38.63
C ALA C 286 10.43 22.78 -37.24
N GLU C 287 10.00 21.62 -36.75
CA GLU C 287 10.52 21.10 -35.47
C GLU C 287 11.98 20.64 -35.56
N GLN C 288 12.41 20.11 -36.70
CA GLN C 288 13.76 19.54 -36.81
C GLN C 288 14.87 20.58 -36.90
N GLY C 289 14.62 21.71 -37.57
CA GLY C 289 15.61 22.79 -37.63
C GLY C 289 16.77 22.59 -38.57
N ASP C 290 17.84 23.32 -38.31
CA ASP C 290 18.93 23.53 -39.26
C ASP C 290 19.48 22.27 -39.86
N SER C 291 19.80 21.29 -39.01
CA SER C 291 20.47 20.07 -39.41
C SER C 291 19.76 19.31 -40.56
N LEU C 292 18.45 19.27 -40.51
CA LEU C 292 17.61 18.57 -41.47
C LEU C 292 17.69 19.32 -42.75
N PHE C 293 17.57 20.64 -42.68
CA PHE C 293 17.66 21.45 -43.89
C PHE C 293 18.98 21.13 -44.61
N TRP C 294 20.11 21.22 -43.91
CA TRP C 294 21.41 20.99 -44.56
C TRP C 294 21.58 19.56 -45.05
N GLN C 295 20.99 18.57 -44.38
CA GLN C 295 20.94 17.22 -44.96
C GLN C 295 20.23 17.21 -46.33
N ALA C 296 19.06 17.83 -46.42
CA ALA C 296 18.32 17.91 -47.68
C ALA C 296 19.11 18.67 -48.75
N ALA C 297 19.64 19.82 -48.35
CA ALA C 297 20.46 20.61 -49.24
C ALA C 297 21.69 19.82 -49.74
N PHE C 298 22.37 19.10 -48.83
CA PHE C 298 23.52 18.27 -49.21
C PHE C 298 23.14 17.29 -50.32
N ASP C 299 22.09 16.52 -50.08
CA ASP C 299 21.72 15.48 -51.00
C ASP C 299 21.33 16.04 -52.35
N ALA C 300 20.68 17.21 -52.36
CA ALA C 300 20.32 17.91 -53.60
C ALA C 300 21.55 18.32 -54.37
N LEU C 301 22.44 19.03 -53.71
CA LEU C 301 23.71 19.43 -54.33
C LEU C 301 24.47 18.19 -54.76
N HIS C 302 24.45 17.15 -53.93
CA HIS C 302 25.16 15.93 -54.28
C HIS C 302 24.63 15.29 -55.56
N ALA C 303 23.31 15.04 -55.62
CA ALA C 303 22.68 14.50 -56.82
C ALA C 303 23.14 15.28 -58.05
N GLN C 304 23.33 16.59 -57.90
CA GLN C 304 23.76 17.44 -59.03
C GLN C 304 25.26 17.31 -59.37
N GLN C 305 26.11 17.23 -58.35
CA GLN C 305 27.55 17.10 -58.57
C GLN C 305 27.98 15.81 -59.28
N VAL C 306 27.28 14.71 -59.00
CA VAL C 306 27.59 13.42 -59.60
C VAL C 306 27.24 13.36 -61.09
N LYS C 307 26.27 14.17 -61.54
CA LYS C 307 26.00 14.32 -62.99
C LYS C 307 27.14 15.01 -63.74
N GLU C 308 27.98 15.75 -63.02
CA GLU C 308 29.14 16.38 -63.62
C GLU C 308 30.36 15.48 -63.63
N ASP C 309 30.52 14.69 -62.56
CA ASP C 309 31.69 13.85 -62.36
C ASP C 309 31.29 12.85 -61.28
N GLU C 310 31.10 11.61 -61.69
CA GLU C 310 30.58 10.58 -60.79
C GLU C 310 31.52 10.24 -59.63
N MET C 311 32.75 10.71 -59.69
CA MET C 311 33.71 10.49 -58.60
C MET C 311 33.64 11.58 -57.52
N ARG C 312 32.58 12.39 -57.53
CA ARG C 312 32.37 13.42 -56.53
C ARG C 312 31.60 12.80 -55.38
N TRP C 313 32.31 11.93 -54.67
CA TRP C 313 31.82 11.14 -53.55
C TRP C 313 31.32 11.97 -52.32
N GLY C 314 31.81 13.20 -52.19
CA GLY C 314 31.57 14.01 -50.96
C GLY C 314 31.96 15.46 -51.20
N TRP C 315 31.61 16.35 -50.26
CA TRP C 315 31.89 17.77 -50.41
C TRP C 315 33.37 18.14 -50.60
N PRO C 316 34.32 17.39 -50.00
CA PRO C 316 35.73 17.76 -50.23
C PRO C 316 36.15 17.54 -51.68
N ALA C 317 35.33 16.80 -52.44
CA ALA C 317 35.54 16.55 -53.86
C ALA C 317 34.73 17.49 -54.75
N TRP C 318 34.00 18.44 -54.14
CA TRP C 318 33.23 19.41 -54.90
C TRP C 318 34.08 20.64 -55.16
N PRO C 319 33.68 21.47 -56.14
CA PRO C 319 34.32 22.77 -56.26
C PRO C 319 34.23 23.54 -54.95
N GLU C 320 35.26 24.34 -54.66
CA GLU C 320 35.39 25.03 -53.37
C GLU C 320 34.16 25.89 -53.04
N MET C 321 33.60 26.57 -54.01
CA MET C 321 32.42 27.41 -53.77
C MET C 321 31.25 26.65 -53.11
N TYR C 322 31.18 25.32 -53.30
CA TYR C 322 30.15 24.49 -52.67
C TYR C 322 30.65 23.72 -51.43
N GLN C 323 31.90 23.94 -51.04
CA GLN C 323 32.43 23.30 -49.83
C GLN C 323 32.13 24.06 -48.55
N ASN C 324 31.78 25.33 -48.69
CA ASN C 324 31.39 26.18 -47.56
C ASN C 324 29.86 26.40 -47.56
N VAL C 325 29.22 25.85 -46.55
CA VAL C 325 27.77 25.88 -46.41
C VAL C 325 27.22 27.31 -46.32
N ASP C 326 28.08 28.28 -46.00
CA ASP C 326 27.70 29.70 -45.88
C ASP C 326 27.95 30.51 -47.14
N SER C 327 28.53 29.90 -48.16
CA SER C 327 28.89 30.64 -49.38
C SER C 327 27.66 31.22 -50.11
N PRO C 328 27.85 32.29 -50.90
CA PRO C 328 26.77 32.79 -51.77
C PRO C 328 26.27 31.74 -52.77
N GLU C 329 27.18 30.90 -53.26
CA GLU C 329 26.82 29.95 -54.32
C GLU C 329 26.00 28.78 -53.77
N VAL C 330 26.30 28.35 -52.54
CA VAL C 330 25.47 27.32 -51.90
C VAL C 330 24.08 27.90 -51.67
N ARG C 331 24.05 29.11 -51.11
CA ARG C 331 22.81 29.85 -50.86
C ARG C 331 21.99 30.02 -52.13
N GLN C 332 22.64 30.39 -53.22
CA GLN C 332 21.97 30.51 -54.51
C GLN C 332 21.51 29.15 -55.07
N PHE C 333 22.35 28.12 -54.94
CA PHE C 333 21.94 26.80 -55.40
C PHE C 333 20.67 26.35 -54.69
N CYS C 334 20.58 26.62 -53.39
CA CYS C 334 19.40 26.27 -52.61
C CYS C 334 18.18 27.03 -53.11
N GLU C 335 18.33 28.32 -53.41
CA GLU C 335 17.23 29.14 -53.97
C GLU C 335 16.70 28.56 -55.29
N GLU C 336 17.61 28.36 -56.22
CA GLU C 336 17.27 27.84 -57.54
C GLU C 336 16.89 26.34 -57.55
N HIS C 337 17.20 25.60 -56.48
CA HIS C 337 16.82 24.17 -56.41
C HIS C 337 15.86 23.91 -55.25
N ARG C 338 15.03 24.91 -54.98
CA ARG C 338 14.13 24.92 -53.84
C ARG C 338 13.32 23.63 -53.81
N ASP C 339 12.89 23.19 -54.97
CA ASP C 339 12.04 22.03 -55.05
C ASP C 339 12.77 20.72 -54.77
N ASP C 340 14.01 20.60 -55.27
CA ASP C 340 14.89 19.44 -54.97
C ASP C 340 15.13 19.34 -53.46
N VAL C 341 15.49 20.44 -52.83
CA VAL C 341 15.68 20.44 -51.38
C VAL C 341 14.40 19.98 -50.69
N ASP C 342 13.29 20.57 -51.10
CA ASP C 342 11.99 20.22 -50.52
C ASP C 342 11.73 18.73 -50.66
N PHE C 343 12.01 18.22 -51.86
CA PHE C 343 11.96 16.80 -52.13
C PHE C 343 12.76 15.97 -51.15
N TYR C 344 14.01 16.32 -50.91
CA TYR C 344 14.83 15.54 -49.99
C TYR C 344 14.41 15.72 -48.52
N LEU C 345 13.79 16.84 -48.19
CA LEU C 345 13.14 17.02 -46.85
C LEU C 345 11.96 16.06 -46.73
N TRP C 346 11.19 15.95 -47.80
CA TRP C 346 10.07 15.01 -47.84
C TRP C 346 10.53 13.56 -47.71
N LEU C 347 11.68 13.22 -48.29
CA LEU C 347 12.15 11.84 -48.13
C LEU C 347 12.50 11.58 -46.67
N GLN C 348 13.11 12.53 -45.99
CA GLN C 348 13.40 12.37 -44.58
C GLN C 348 12.09 12.21 -43.78
N TRP C 349 11.11 13.06 -44.04
CA TRP C 349 9.80 12.90 -43.38
C TRP C 349 9.16 11.54 -43.62
N LEU C 350 9.17 11.06 -44.86
CA LEU C 350 8.68 9.70 -45.16
C LEU C 350 9.41 8.64 -44.35
N ALA C 351 10.73 8.71 -44.33
CA ALA C 351 11.52 7.76 -43.58
C ALA C 351 11.21 7.82 -42.08
N TYR C 352 11.11 9.03 -41.54
CA TYR C 352 10.73 9.23 -40.14
C TYR C 352 9.35 8.60 -39.86
N SER C 353 8.37 8.98 -40.65
CA SER C 353 7.00 8.52 -40.46
C SER C 353 6.91 7.01 -40.53
N GLN C 354 7.60 6.42 -41.50
CA GLN C 354 7.51 4.98 -41.65
C GLN C 354 8.15 4.22 -40.50
N PHE C 355 9.23 4.74 -39.97
CA PHE C 355 9.88 4.14 -38.84
C PHE C 355 9.00 4.31 -37.61
N ALA C 356 8.36 5.48 -37.54
CA ALA C 356 7.39 5.75 -36.50
C ALA C 356 6.21 4.77 -36.61
N ALA C 357 5.83 4.40 -37.83
CA ALA C 357 4.75 3.42 -37.99
C ALA C 357 5.20 2.03 -37.51
N CYS C 358 6.48 1.72 -37.61
CA CYS C 358 6.98 0.46 -37.08
C CYS C 358 6.98 0.47 -35.54
N TRP C 359 7.44 1.57 -34.96
CA TRP C 359 7.39 1.79 -33.52
C TRP C 359 5.97 1.63 -32.92
N GLU C 360 5.01 2.33 -33.52
CA GLU C 360 3.59 2.26 -33.13
C GLU C 360 3.03 0.84 -33.17
N ILE C 361 3.41 0.07 -34.18
CA ILE C 361 3.07 -1.34 -34.19
C ILE C 361 3.67 -2.05 -32.97
N SER C 362 4.96 -1.84 -32.72
CA SER C 362 5.62 -2.49 -31.58
C SER C 362 4.97 -2.15 -30.24
N GLN C 363 4.52 -0.90 -30.09
CA GLN C 363 3.83 -0.46 -28.90
C GLN C 363 2.47 -1.14 -28.84
N GLY C 364 1.75 -1.13 -29.97
CA GLY C 364 0.43 -1.73 -30.05
C GLY C 364 0.44 -3.15 -29.55
N TYR C 365 1.47 -3.90 -29.95
CA TYR C 365 1.61 -5.29 -29.51
C TYR C 365 2.30 -5.46 -28.15
N GLU C 366 2.61 -4.34 -27.50
CA GLU C 366 3.21 -4.33 -26.16
C GLU C 366 4.55 -5.08 -26.07
N MET C 367 5.40 -4.87 -27.07
CA MET C 367 6.74 -5.42 -27.04
C MET C 367 7.54 -4.63 -26.00
N PRO C 368 8.20 -5.34 -25.08
CA PRO C 368 8.94 -4.65 -23.99
C PRO C 368 9.96 -3.68 -24.56
N ILE C 369 10.54 -3.99 -25.73
CA ILE C 369 11.54 -3.13 -26.34
C ILE C 369 11.08 -2.65 -27.71
N GLY C 370 10.70 -3.59 -28.58
CA GLY C 370 10.07 -3.26 -29.86
C GLY C 370 11.11 -3.09 -30.93
N LEU C 371 11.72 -1.92 -30.93
CA LEU C 371 12.76 -1.61 -31.88
C LEU C 371 14.03 -1.25 -31.14
N TYR C 372 15.12 -1.75 -31.69
CA TYR C 372 16.45 -1.67 -31.14
C TYR C 372 17.34 -1.07 -32.25
N ARG C 373 17.69 0.20 -32.06
CA ARG C 373 18.50 0.93 -33.02
C ARG C 373 19.96 0.77 -32.68
N ASP C 374 20.79 1.06 -33.68
CA ASP C 374 22.23 0.94 -33.55
C ASP C 374 22.86 2.24 -34.00
N LEU C 375 23.67 2.83 -33.13
CA LEU C 375 24.33 4.09 -33.39
C LEU C 375 25.82 3.85 -33.70
N ALA C 376 26.20 4.13 -34.94
CA ALA C 376 27.58 3.98 -35.39
C ALA C 376 28.46 4.99 -34.69
N VAL C 377 29.76 4.73 -34.74
CA VAL C 377 30.71 5.51 -33.94
C VAL C 377 30.97 6.89 -34.51
N GLY C 378 30.73 7.11 -35.78
CA GLY C 378 31.01 8.42 -36.35
C GLY C 378 30.35 8.64 -37.68
N VAL C 379 30.62 9.81 -38.24
CA VAL C 379 30.22 10.14 -39.60
C VAL C 379 31.43 10.12 -40.54
N ALA C 380 31.17 9.96 -41.84
CA ALA C 380 32.22 10.06 -42.84
C ALA C 380 32.69 11.51 -42.90
N GLU C 381 33.94 11.72 -43.33
CA GLU C 381 34.50 13.08 -43.43
C GLU C 381 33.92 13.95 -44.53
N GLY C 382 33.26 13.36 -45.52
CA GLY C 382 32.75 14.11 -46.67
C GLY C 382 31.24 14.15 -46.76
N GLY C 383 30.56 13.86 -45.65
CA GLY C 383 29.10 13.87 -45.58
C GLY C 383 28.48 15.19 -45.17
N ALA C 384 27.16 15.19 -45.06
CA ALA C 384 26.38 16.38 -44.71
C ALA C 384 26.66 16.93 -43.30
N GLU C 385 26.91 16.05 -42.34
CA GLU C 385 27.19 16.44 -40.94
C GLU C 385 28.45 17.30 -40.83
N THR C 386 29.58 16.81 -41.35
CA THR C 386 30.80 17.62 -41.29
C THR C 386 30.68 18.83 -42.23
N TRP C 387 29.93 18.68 -43.32
CA TRP C 387 29.66 19.79 -44.24
C TRP C 387 29.07 20.99 -43.49
N CYS C 388 28.00 20.74 -42.75
CA CYS C 388 27.25 21.84 -42.16
C CYS C 388 27.77 22.27 -40.80
N ASP C 389 28.44 21.38 -40.06
CA ASP C 389 29.07 21.74 -38.79
C ASP C 389 30.56 21.37 -38.70
N ARG C 390 31.36 22.03 -39.53
CA ARG C 390 32.81 21.74 -39.66
C ARG C 390 33.54 21.82 -38.31
N GLU C 391 33.22 22.88 -37.56
CA GLU C 391 33.84 23.23 -36.28
C GLU C 391 33.78 22.08 -35.26
N LEU C 392 32.72 21.28 -35.31
CA LEU C 392 32.56 20.17 -34.38
C LEU C 392 33.55 19.00 -34.56
N TYR C 393 34.12 18.83 -35.76
CA TYR C 393 34.95 17.65 -36.05
C TYR C 393 36.40 18.02 -36.33
N CYS C 394 37.28 17.06 -36.06
CA CYS C 394 38.71 17.27 -36.21
C CYS C 394 39.22 16.51 -37.45
N LEU C 395 39.12 17.16 -38.61
CA LEU C 395 39.36 16.51 -39.89
C LEU C 395 40.83 16.14 -40.12
N LYS C 396 41.74 16.84 -39.47
CA LYS C 396 43.16 16.45 -39.52
C LYS C 396 43.48 15.19 -38.67
N ALA C 397 42.45 14.56 -38.09
CA ALA C 397 42.65 13.30 -37.38
C ALA C 397 41.62 12.29 -37.82
N SER C 398 41.94 11.02 -37.62
CA SER C 398 41.03 9.92 -37.91
C SER C 398 40.92 9.05 -36.70
N VAL C 399 39.71 8.65 -36.33
CA VAL C 399 39.54 7.69 -35.27
C VAL C 399 40.03 6.34 -35.79
N GLY C 400 40.53 5.54 -34.86
CA GLY C 400 41.02 4.22 -35.19
C GLY C 400 41.25 3.43 -33.91
N ALA C 401 42.24 2.55 -33.94
CA ALA C 401 42.55 1.74 -32.78
C ALA C 401 44.02 1.36 -32.78
N PRO C 402 44.62 1.25 -31.59
CA PRO C 402 46.06 1.03 -31.49
C PRO C 402 46.49 -0.38 -31.89
N PRO C 403 47.79 -0.57 -32.18
CA PRO C 403 48.34 -1.89 -32.45
C PRO C 403 47.95 -2.94 -31.38
N ASP C 404 47.25 -4.00 -31.82
CA ASP C 404 46.87 -5.11 -30.94
C ASP C 404 47.81 -6.30 -31.08
N ILE C 405 47.67 -7.28 -30.19
CA ILE C 405 48.46 -8.50 -30.29
C ILE C 405 47.93 -9.27 -31.50
N LEU C 406 46.63 -9.20 -31.69
CA LEU C 406 45.93 -9.95 -32.71
C LEU C 406 45.89 -9.17 -34.03
N GLY C 407 45.62 -7.86 -33.94
CA GLY C 407 45.84 -6.91 -35.04
C GLY C 407 47.03 -5.99 -34.79
N PRO C 408 48.26 -6.46 -35.05
CA PRO C 408 49.49 -5.74 -34.67
C PRO C 408 49.75 -4.40 -35.36
N LEU C 409 49.11 -4.13 -36.50
CA LEU C 409 49.27 -2.84 -37.18
C LEU C 409 48.34 -1.75 -36.66
N GLY C 410 47.40 -2.12 -35.79
CA GLY C 410 46.35 -1.20 -35.38
C GLY C 410 45.39 -0.98 -36.53
N GLN C 411 44.38 -0.13 -36.33
CA GLN C 411 43.36 0.08 -37.35
C GLN C 411 43.10 1.55 -37.57
N ASN C 412 42.75 1.89 -38.80
CA ASN C 412 42.22 3.20 -39.13
C ASN C 412 40.80 3.01 -39.61
N TRP C 413 39.85 3.60 -38.90
CA TRP C 413 38.45 3.42 -39.23
C TRP C 413 37.94 4.46 -40.21
N GLY C 414 38.76 5.44 -40.55
CA GLY C 414 38.37 6.45 -41.55
C GLY C 414 37.30 7.43 -41.16
N LEU C 415 37.27 7.84 -39.89
CA LEU C 415 36.25 8.78 -39.39
C LEU C 415 36.88 9.92 -38.59
N PRO C 416 36.51 11.18 -38.87
CA PRO C 416 37.06 12.27 -38.08
C PRO C 416 36.45 12.29 -36.69
N PRO C 417 37.28 12.35 -35.63
CA PRO C 417 36.66 12.42 -34.30
C PRO C 417 35.91 13.73 -34.00
N MET C 418 34.87 13.64 -33.19
CA MET C 418 34.30 14.84 -32.56
C MET C 418 35.30 15.44 -31.60
N ASP C 419 35.38 16.76 -31.60
CA ASP C 419 36.33 17.48 -30.74
C ASP C 419 35.76 17.61 -29.32
N PRO C 420 36.41 16.95 -28.31
CA PRO C 420 35.84 16.97 -26.95
C PRO C 420 35.63 18.37 -26.38
N HIS C 421 36.44 19.32 -26.82
CA HIS C 421 36.38 20.67 -26.24
C HIS C 421 35.23 21.47 -26.81
N ILE C 422 34.83 21.17 -28.05
CA ILE C 422 33.63 21.76 -28.63
C ILE C 422 32.41 21.14 -28.00
N ILE C 423 32.45 19.82 -27.75
CA ILE C 423 31.35 19.15 -27.09
C ILE C 423 31.03 19.88 -25.76
N THR C 424 32.06 20.19 -24.98
CA THR C 424 31.84 20.81 -23.64
C THR C 424 31.59 22.31 -23.76
N ALA C 425 32.23 22.97 -24.72
CA ALA C 425 31.97 24.40 -24.95
C ALA C 425 30.51 24.67 -25.34
N ARG C 426 29.89 23.71 -26.02
CA ARG C 426 28.45 23.78 -26.35
C ARG C 426 27.54 23.19 -25.26
N ALA C 427 28.04 23.04 -24.04
CA ALA C 427 27.23 22.49 -22.94
C ALA C 427 26.66 21.15 -23.32
N TYR C 428 27.45 20.35 -24.01
CA TYR C 428 27.08 18.99 -24.41
C TYR C 428 26.00 18.88 -25.47
N GLU C 429 25.63 19.98 -26.13
CA GLU C 429 24.51 19.94 -27.10
C GLU C 429 24.66 18.90 -28.24
N PRO C 430 25.86 18.73 -28.82
CA PRO C 430 25.89 17.79 -29.97
C PRO C 430 25.71 16.34 -29.54
N PHE C 431 26.06 16.03 -28.29
CA PHE C 431 25.82 14.69 -27.75
C PHE C 431 24.33 14.55 -27.41
N ILE C 432 23.74 15.59 -26.87
CA ILE C 432 22.32 15.56 -26.55
C ILE C 432 21.51 15.35 -27.83
N GLU C 433 21.83 16.10 -28.86
CA GLU C 433 21.12 16.00 -30.17
C GLU C 433 21.27 14.61 -30.75
N LEU C 434 22.44 14.03 -30.54
CA LEU C 434 22.75 12.76 -31.18
C LEU C 434 21.85 11.73 -30.56
N LEU C 435 21.76 11.75 -29.23
CA LEU C 435 20.93 10.80 -28.49
C LEU C 435 19.45 11.01 -28.80
N ARG C 436 18.99 12.26 -28.89
CA ARG C 436 17.61 12.53 -29.20
C ARG C 436 17.20 12.06 -30.59
N ALA C 437 18.11 12.07 -31.55
CA ALA C 437 17.77 11.62 -32.89
C ALA C 437 17.76 10.11 -32.97
N ASN C 438 18.49 9.45 -32.06
CA ASN C 438 18.69 8.02 -32.11
C ASN C 438 17.94 7.23 -31.08
N MET C 439 17.32 7.92 -30.11
CA MET C 439 16.51 7.27 -29.08
C MET C 439 15.01 7.44 -29.36
N GLN C 440 14.65 8.17 -30.39
CA GLN C 440 13.23 8.41 -30.64
C GLN C 440 12.64 7.21 -31.32
N ASN C 441 11.43 6.87 -30.91
CA ASN C 441 10.66 5.80 -31.50
C ASN C 441 11.36 4.43 -31.52
N CYS C 442 12.06 4.14 -30.43
CA CYS C 442 12.60 2.81 -30.18
C CYS C 442 12.74 2.60 -28.67
N GLY C 443 12.84 1.34 -28.23
CA GLY C 443 12.92 1.02 -26.78
C GLY C 443 14.30 0.57 -26.36
N ALA C 444 15.24 0.47 -27.30
CA ALA C 444 16.64 0.25 -26.97
C ALA C 444 17.53 0.93 -27.98
N LEU C 445 18.71 1.35 -27.51
CA LEU C 445 19.71 1.92 -28.36
C LEU C 445 21.07 1.27 -28.10
N ARG C 446 21.68 0.72 -29.17
CA ARG C 446 23.03 0.19 -29.09
C ARG C 446 24.02 1.26 -29.46
N ILE C 447 24.99 1.46 -28.58
CA ILE C 447 26.08 2.41 -28.84
C ILE C 447 27.33 1.60 -29.20
N ASP C 448 27.75 1.72 -30.48
CA ASP C 448 28.94 1.04 -30.96
C ASP C 448 30.15 1.70 -30.33
N HIS C 449 31.13 0.88 -29.94
CA HIS C 449 32.37 1.37 -29.31
C HIS C 449 32.05 2.34 -28.14
N VAL C 450 31.35 1.80 -27.14
CA VAL C 450 30.83 2.63 -26.04
C VAL C 450 31.94 3.35 -25.27
N MET C 451 33.15 2.86 -25.43
CA MET C 451 34.34 3.45 -24.83
C MET C 451 34.71 4.80 -25.38
N SER C 452 34.17 5.15 -26.54
CA SER C 452 34.28 6.49 -27.10
C SER C 452 33.88 7.58 -26.07
N MET C 453 33.03 7.22 -25.13
CA MET C 453 32.61 8.15 -24.08
C MET C 453 33.72 8.48 -23.11
N LEU C 454 34.69 7.57 -22.93
CA LEU C 454 35.93 7.81 -22.19
C LEU C 454 37.10 8.32 -23.05
N ARG C 455 37.36 7.63 -24.17
CA ARG C 455 38.49 7.95 -25.03
C ARG C 455 38.33 7.43 -26.47
N LEU C 456 39.06 8.05 -27.40
CA LEU C 456 39.16 7.58 -28.76
C LEU C 456 40.61 7.63 -29.18
N TRP C 457 41.02 6.62 -29.94
CA TRP C 457 42.34 6.58 -30.52
C TRP C 457 42.34 7.46 -31.76
N TRP C 458 42.94 8.63 -31.63
CA TRP C 458 43.08 9.56 -32.71
C TRP C 458 44.38 9.29 -33.44
N ILE C 459 44.35 9.40 -34.78
CA ILE C 459 45.50 9.18 -35.64
C ILE C 459 45.64 10.42 -36.51
N PRO C 460 46.79 11.10 -36.46
CA PRO C 460 46.91 12.31 -37.27
C PRO C 460 46.83 11.97 -38.76
N TYR C 461 46.14 12.79 -39.53
CA TYR C 461 45.74 12.44 -40.89
C TYR C 461 46.91 11.96 -41.74
N GLY C 462 46.76 10.76 -42.32
CA GLY C 462 47.77 10.22 -43.24
C GLY C 462 48.81 9.32 -42.63
N GLU C 463 48.91 9.28 -41.29
CA GLU C 463 49.84 8.40 -40.64
C GLU C 463 49.19 7.06 -40.38
N THR C 464 49.99 6.02 -40.15
CA THR C 464 49.46 4.72 -39.77
C THR C 464 49.05 4.76 -38.31
N ALA C 465 48.14 3.86 -37.95
CA ALA C 465 47.55 3.74 -36.62
C ALA C 465 48.56 3.80 -35.46
N ASP C 466 49.72 3.19 -35.64
CA ASP C 466 50.76 3.18 -34.60
C ASP C 466 51.25 4.57 -34.22
N GLN C 467 50.84 5.59 -34.95
CA GLN C 467 51.24 6.96 -34.63
C GLN C 467 50.18 7.72 -33.85
N GLY C 468 49.12 7.04 -33.44
CA GLY C 468 48.00 7.70 -32.81
C GLY C 468 48.17 7.91 -31.32
N ALA C 469 47.13 8.44 -30.69
CA ALA C 469 47.11 8.60 -29.22
C ALA C 469 45.69 8.65 -28.72
N TYR C 470 45.50 8.24 -27.47
CA TYR C 470 44.19 8.32 -26.84
C TYR C 470 43.87 9.76 -26.46
N VAL C 471 42.71 10.22 -26.88
CA VAL C 471 42.24 11.55 -26.60
C VAL C 471 40.97 11.36 -25.80
N HIS C 472 40.86 12.09 -24.70
CA HIS C 472 39.84 11.80 -23.74
C HIS C 472 38.58 12.64 -23.90
N TYR C 473 37.46 12.05 -23.50
CA TYR C 473 36.17 12.70 -23.48
C TYR C 473 35.70 12.69 -22.01
N PRO C 474 34.82 13.64 -21.62
CA PRO C 474 34.38 13.77 -20.23
C PRO C 474 33.36 12.70 -19.88
N VAL C 475 33.88 11.51 -19.56
CA VAL C 475 33.06 10.30 -19.46
C VAL C 475 31.93 10.41 -18.44
N ASP C 476 32.20 11.06 -17.32
CA ASP C 476 31.24 11.13 -16.22
C ASP C 476 30.02 11.94 -16.67
N ASP C 477 30.22 13.16 -17.14
CA ASP C 477 29.13 13.94 -17.70
C ASP C 477 28.37 13.23 -18.84
N LEU C 478 29.11 12.65 -19.80
CA LEU C 478 28.48 11.95 -20.90
C LEU C 478 27.60 10.80 -20.43
N LEU C 479 28.08 9.97 -19.50
CA LEU C 479 27.24 8.89 -18.97
C LEU C 479 26.00 9.41 -18.21
N SER C 480 26.15 10.54 -17.54
CA SER C 480 25.00 11.14 -16.85
C SER C 480 23.98 11.60 -17.88
N ILE C 481 24.43 12.21 -18.97
CA ILE C 481 23.48 12.71 -19.99
C ILE C 481 22.86 11.53 -20.72
N LEU C 482 23.67 10.51 -20.98
CA LEU C 482 23.16 9.28 -21.53
C LEU C 482 22.00 8.69 -20.71
N ALA C 483 22.15 8.63 -19.40
CA ALA C 483 21.08 8.09 -18.54
C ALA C 483 19.84 8.99 -18.52
N LEU C 484 20.05 10.29 -18.48
CA LEU C 484 18.97 11.26 -18.55
C LEU C 484 18.14 11.13 -19.83
N GLU C 485 18.80 11.20 -20.99
CA GLU C 485 18.07 11.03 -22.24
C GLU C 485 17.45 9.61 -22.31
N SER C 486 18.18 8.62 -21.81
CA SER C 486 17.65 7.26 -21.78
C SER C 486 16.36 7.19 -20.98
N LYS C 487 16.36 7.78 -19.78
CA LYS C 487 15.16 7.79 -18.96
C LYS C 487 14.08 8.59 -19.65
N ARG C 488 14.42 9.79 -20.14
CA ARG C 488 13.47 10.65 -20.87
C ARG C 488 12.84 10.00 -22.12
N HIS C 489 13.59 9.19 -22.87
CA HIS C 489 13.03 8.50 -24.03
C HIS C 489 12.43 7.14 -23.74
N ARG C 490 12.54 6.64 -22.51
CA ARG C 490 12.23 5.24 -22.23
C ARG C 490 12.98 4.33 -23.20
N CYS C 491 14.26 4.64 -23.40
CA CYS C 491 15.11 3.92 -24.30
C CYS C 491 16.30 3.35 -23.56
N MET C 492 16.25 2.04 -23.27
CA MET C 492 17.41 1.39 -22.63
C MET C 492 18.65 1.44 -23.53
N VAL C 493 19.79 1.15 -22.95
CA VAL C 493 21.06 1.36 -23.65
C VAL C 493 21.87 0.08 -23.57
N ILE C 494 22.29 -0.42 -24.75
CA ILE C 494 23.29 -1.49 -24.82
C ILE C 494 24.57 -0.84 -25.26
N GLY C 495 25.67 -1.17 -24.58
CA GLY C 495 26.95 -0.55 -24.84
C GLY C 495 27.91 -1.57 -25.37
N GLU C 496 28.18 -1.50 -26.68
CA GLU C 496 29.07 -2.44 -27.30
C GLU C 496 30.48 -2.21 -26.73
N ASP C 497 30.94 -3.17 -25.94
CA ASP C 497 32.21 -3.08 -25.22
C ASP C 497 33.11 -4.28 -25.49
N LEU C 498 33.15 -4.72 -26.76
CA LEU C 498 33.99 -5.84 -27.16
C LEU C 498 35.45 -5.41 -27.05
N GLY C 499 36.35 -6.36 -26.80
CA GLY C 499 37.79 -6.04 -26.72
C GLY C 499 38.17 -5.45 -25.36
N THR C 500 39.30 -4.72 -25.32
CA THR C 500 39.94 -4.26 -24.08
C THR C 500 39.22 -3.08 -23.40
N VAL C 501 38.65 -3.35 -22.23
CA VAL C 501 37.90 -2.34 -21.48
C VAL C 501 38.64 -1.99 -20.20
N PRO C 502 39.14 -0.73 -20.07
CA PRO C 502 39.79 -0.33 -18.81
C PRO C 502 38.85 -0.57 -17.66
N VAL C 503 39.37 -1.05 -16.54
CA VAL C 503 38.56 -1.60 -15.44
C VAL C 503 37.68 -0.57 -14.70
N GLU C 504 38.05 0.71 -14.76
CA GLU C 504 37.23 1.75 -14.12
C GLU C 504 35.95 1.97 -14.94
N ILE C 505 36.02 1.71 -16.26
CA ILE C 505 34.88 1.92 -17.15
C ILE C 505 33.84 0.82 -16.99
N VAL C 506 34.29 -0.40 -16.70
CA VAL C 506 33.39 -1.54 -16.53
C VAL C 506 32.35 -1.22 -15.46
N GLY C 507 32.82 -0.88 -14.27
CA GLY C 507 31.95 -0.51 -13.16
C GLY C 507 31.11 0.72 -13.44
N LYS C 508 31.69 1.71 -14.12
CA LYS C 508 30.92 2.90 -14.52
C LYS C 508 29.77 2.54 -15.43
N LEU C 509 30.04 1.75 -16.48
CA LEU C 509 28.99 1.32 -17.37
C LEU C 509 27.92 0.50 -16.64
N ARG C 510 28.32 -0.46 -15.82
CA ARG C 510 27.36 -1.30 -15.13
C ARG C 510 26.47 -0.51 -14.13
N SER C 511 27.07 0.42 -13.42
CA SER C 511 26.29 1.18 -12.43
C SER C 511 25.54 2.30 -13.13
N SER C 512 25.91 2.63 -14.37
CA SER C 512 25.08 3.54 -15.17
C SER C 512 23.90 2.80 -15.84
N GLY C 513 23.76 1.50 -15.57
CA GLY C 513 22.66 0.72 -16.12
C GLY C 513 22.82 0.39 -17.59
N VAL C 514 24.05 0.45 -18.08
CA VAL C 514 24.34 0.18 -19.48
C VAL C 514 24.59 -1.33 -19.67
N TYR C 515 23.95 -1.90 -20.68
CA TYR C 515 24.03 -3.34 -20.94
C TYR C 515 25.25 -3.72 -21.77
N SER C 516 25.93 -4.78 -21.34
CA SER C 516 27.15 -5.25 -21.97
C SER C 516 26.81 -6.11 -23.18
N TYR C 517 27.81 -6.45 -23.96
CA TYR C 517 27.55 -7.16 -25.21
C TYR C 517 28.42 -8.38 -25.33
N LYS C 518 27.81 -9.56 -25.37
CA LYS C 518 28.57 -10.82 -25.31
C LYS C 518 28.39 -11.67 -26.57
N VAL C 519 29.47 -11.83 -27.33
CA VAL C 519 29.48 -12.66 -28.54
C VAL C 519 29.95 -14.08 -28.20
N LEU C 520 29.08 -15.06 -28.40
CA LEU C 520 29.36 -16.45 -28.05
C LEU C 520 30.75 -16.94 -28.47
N TYR C 521 31.14 -16.70 -29.73
CA TYR C 521 32.47 -17.11 -30.22
C TYR C 521 33.59 -16.65 -29.30
N PHE C 522 33.40 -15.50 -28.66
CA PHE C 522 34.42 -14.87 -27.86
C PHE C 522 34.36 -15.27 -26.38
N GLU C 523 33.29 -15.91 -25.92
CA GLU C 523 33.14 -16.20 -24.47
C GLU C 523 33.78 -17.52 -24.09
N ASN C 524 35.10 -17.53 -24.18
CA ASN C 524 35.92 -18.69 -23.89
C ASN C 524 37.25 -18.16 -23.37
N ASP C 525 37.91 -18.94 -22.51
CA ASP C 525 39.19 -18.52 -21.91
C ASP C 525 40.36 -18.95 -22.79
N HIS C 526 41.58 -18.68 -22.35
CA HIS C 526 42.77 -18.99 -23.17
C HIS C 526 42.91 -20.49 -23.53
N GLU C 527 42.13 -21.35 -22.88
CA GLU C 527 42.12 -22.79 -23.13
C GLU C 527 40.93 -23.27 -23.97
N LYS C 528 40.13 -22.35 -24.51
CA LYS C 528 38.96 -22.69 -25.33
C LYS C 528 37.84 -23.28 -24.48
N THR C 529 37.89 -23.04 -23.18
CA THR C 529 36.86 -23.48 -22.25
C THR C 529 35.79 -22.43 -22.29
N PHE C 530 34.59 -22.80 -22.70
CA PHE C 530 33.54 -21.80 -22.87
C PHE C 530 32.86 -21.49 -21.56
N ARG C 531 32.62 -20.20 -21.36
CA ARG C 531 31.88 -19.70 -20.21
C ARG C 531 30.55 -20.43 -20.13
N ALA C 532 30.17 -20.87 -18.94
CA ALA C 532 28.88 -21.53 -18.76
C ALA C 532 27.74 -20.53 -19.01
N PRO C 533 26.63 -21.00 -19.59
CA PRO C 533 25.54 -20.08 -19.85
C PRO C 533 25.11 -19.31 -18.58
N LYS C 534 25.11 -20.01 -17.43
CA LYS C 534 24.74 -19.42 -16.16
C LYS C 534 25.67 -18.27 -15.75
N ALA C 535 26.92 -18.30 -16.19
CA ALA C 535 27.91 -17.31 -15.77
C ALA C 535 27.97 -16.07 -16.67
N TYR C 536 27.11 -16.00 -17.67
CA TYR C 536 26.93 -14.77 -18.45
C TYR C 536 26.35 -13.68 -17.54
N PRO C 537 26.83 -12.43 -17.69
CA PRO C 537 26.30 -11.37 -16.83
C PRO C 537 24.84 -11.12 -17.12
N GLU C 538 24.07 -10.95 -16.04
CA GLU C 538 22.68 -10.58 -16.16
C GLU C 538 22.50 -9.33 -17.04
N GLN C 539 23.28 -8.29 -16.76
CA GLN C 539 23.13 -6.97 -17.40
C GLN C 539 23.88 -6.90 -18.75
N SER C 540 23.47 -7.77 -19.67
CA SER C 540 24.13 -7.86 -20.96
C SER C 540 23.18 -8.42 -22.02
N MET C 541 23.55 -8.20 -23.30
CA MET C 541 22.92 -8.90 -24.41
C MET C 541 23.86 -9.98 -24.90
N ALA C 542 23.35 -11.20 -25.06
CA ALA C 542 24.12 -12.30 -25.63
C ALA C 542 23.73 -12.53 -27.10
N VAL C 543 24.73 -12.67 -27.97
CA VAL C 543 24.50 -13.07 -29.40
C VAL C 543 25.50 -14.18 -29.75
N ALA C 544 25.17 -14.97 -30.75
CA ALA C 544 26.07 -15.98 -31.30
C ALA C 544 27.18 -15.31 -32.09
N ALA C 545 26.79 -14.30 -32.85
CA ALA C 545 27.68 -13.63 -33.77
C ALA C 545 27.10 -12.28 -34.17
N THR C 546 27.89 -11.54 -34.96
CA THR C 546 27.51 -10.23 -35.43
C THR C 546 27.71 -10.20 -36.92
N HIS C 547 27.31 -9.08 -37.50
CA HIS C 547 27.48 -8.76 -38.88
C HIS C 547 28.94 -8.75 -39.33
N ASP C 548 29.89 -8.59 -38.39
CA ASP C 548 31.32 -8.62 -38.68
C ASP C 548 31.96 -10.01 -38.65
N LEU C 549 31.15 -11.05 -38.44
CA LEU C 549 31.67 -12.36 -38.09
C LEU C 549 30.92 -13.39 -38.88
N PRO C 550 31.51 -14.59 -39.01
CA PRO C 550 30.86 -15.66 -39.76
C PRO C 550 29.55 -16.08 -39.12
N THR C 551 28.59 -16.51 -39.95
CA THR C 551 27.39 -17.19 -39.45
C THR C 551 27.78 -18.44 -38.66
N LEU C 552 26.86 -19.02 -37.93
CA LEU C 552 27.15 -20.28 -37.21
C LEU C 552 27.70 -21.35 -38.18
N ARG C 553 27.06 -21.49 -39.34
CA ARG C 553 27.51 -22.45 -40.33
C ARG C 553 28.90 -22.09 -40.85
N GLY C 554 29.07 -20.83 -41.22
CA GLY C 554 30.35 -20.32 -41.72
C GLY C 554 31.45 -20.49 -40.71
N TYR C 555 31.12 -20.29 -39.44
CA TYR C 555 32.09 -20.47 -38.37
C TYR C 555 32.50 -21.94 -38.30
N TRP C 556 31.53 -22.84 -38.29
CA TRP C 556 31.80 -24.27 -38.11
C TRP C 556 32.55 -24.91 -39.28
N GLU C 557 32.26 -24.43 -40.48
CA GLU C 557 32.88 -24.98 -41.68
C GLU C 557 34.20 -24.27 -42.01
N CYS C 558 34.60 -23.32 -41.16
CA CYS C 558 35.76 -22.46 -41.41
C CYS C 558 35.62 -21.68 -42.73
N GLY C 559 34.38 -21.38 -43.11
CA GLY C 559 34.10 -20.69 -44.37
C GLY C 559 34.71 -19.30 -44.45
N ASP C 560 34.84 -18.60 -43.32
CA ASP C 560 35.56 -17.33 -43.28
C ASP C 560 37.06 -17.46 -43.67
N LEU C 561 37.71 -18.53 -43.22
CA LEU C 561 39.13 -18.75 -43.52
C LEU C 561 39.36 -19.17 -44.99
N THR C 562 38.46 -19.99 -45.53
CA THR C 562 38.58 -20.49 -46.89
C THR C 562 38.19 -19.42 -47.90
N LEU C 563 37.02 -18.81 -47.73
CA LEU C 563 36.65 -17.65 -48.54
C LEU C 563 37.75 -16.57 -48.43
N GLY C 564 38.22 -16.32 -47.21
CA GLY C 564 39.31 -15.38 -46.97
C GLY C 564 40.54 -15.68 -47.81
N LYS C 565 40.94 -16.94 -47.87
CA LYS C 565 42.05 -17.32 -48.71
C LYS C 565 41.75 -17.04 -50.21
N THR C 566 40.60 -17.55 -50.67
CA THR C 566 40.09 -17.30 -52.02
C THR C 566 40.18 -15.83 -52.42
N LEU C 567 39.92 -14.91 -51.48
CA LEU C 567 39.85 -13.49 -51.77
C LEU C 567 41.15 -12.74 -51.49
N GLY C 568 42.23 -13.48 -51.22
CA GLY C 568 43.55 -12.89 -51.03
C GLY C 568 43.78 -12.26 -49.66
N LEU C 569 42.93 -12.57 -48.70
CA LEU C 569 43.04 -11.98 -47.37
C LEU C 569 44.07 -12.66 -46.47
N TYR C 570 44.59 -13.81 -46.89
CA TYR C 570 45.48 -14.58 -46.03
C TYR C 570 46.61 -15.15 -46.86
N PRO C 571 47.52 -14.28 -47.35
CA PRO C 571 48.67 -14.76 -48.12
C PRO C 571 49.78 -15.37 -47.26
N ASP C 572 49.71 -15.21 -45.93
CA ASP C 572 50.70 -15.82 -45.04
C ASP C 572 50.24 -17.21 -44.59
N GLU C 573 50.82 -18.25 -45.17
CA GLU C 573 50.39 -19.64 -44.94
C GLU C 573 50.63 -20.12 -43.51
N VAL C 574 51.73 -19.68 -42.89
CA VAL C 574 52.00 -20.05 -41.50
C VAL C 574 50.87 -19.54 -40.62
N VAL C 575 50.57 -18.25 -40.77
CA VAL C 575 49.52 -17.59 -39.97
C VAL C 575 48.14 -18.20 -40.19
N LEU C 576 47.84 -18.57 -41.42
CA LEU C 576 46.52 -19.09 -41.77
C LEU C 576 46.29 -20.48 -41.17
N ARG C 577 47.31 -21.35 -41.24
CA ARG C 577 47.22 -22.65 -40.56
C ARG C 577 46.99 -22.48 -39.04
N GLY C 578 47.58 -21.44 -38.46
CA GLY C 578 47.30 -21.08 -37.06
C GLY C 578 45.83 -20.77 -36.76
N LEU C 579 45.14 -20.09 -37.68
CA LEU C 579 43.71 -19.79 -37.50
C LEU C 579 42.85 -21.04 -37.58
N TYR C 580 43.20 -21.94 -38.50
CA TYR C 580 42.53 -23.25 -38.56
C TYR C 580 42.66 -24.02 -37.24
N GLN C 581 43.90 -24.21 -36.77
CA GLN C 581 44.14 -24.87 -35.46
C GLN C 581 43.32 -24.26 -34.34
N ASP C 582 43.47 -22.94 -34.15
CA ASP C 582 42.70 -22.16 -33.18
C ASP C 582 41.17 -22.37 -33.32
N ARG C 583 40.68 -22.43 -34.56
CA ARG C 583 39.26 -22.67 -34.83
C ARG C 583 38.81 -24.08 -34.47
N GLU C 584 39.66 -25.08 -34.69
CA GLU C 584 39.26 -26.46 -34.41
C GLU C 584 39.18 -26.72 -32.91
N LEU C 585 40.05 -26.06 -32.14
CA LEU C 585 40.04 -26.21 -30.68
C LEU C 585 38.91 -25.41 -30.04
N ALA C 586 38.60 -24.25 -30.62
CA ALA C 586 37.42 -23.51 -30.20
C ALA C 586 36.17 -24.33 -30.52
N LYS C 587 36.13 -24.94 -31.70
CA LYS C 587 35.01 -25.81 -32.08
C LYS C 587 34.86 -26.96 -31.11
N GLN C 588 35.96 -27.63 -30.78
CA GLN C 588 35.94 -28.69 -29.79
C GLN C 588 35.53 -28.13 -28.44
N GLY C 589 36.13 -27.03 -28.05
CA GLY C 589 35.78 -26.39 -26.79
C GLY C 589 34.29 -26.12 -26.74
N LEU C 590 33.76 -25.50 -27.79
CA LEU C 590 32.34 -25.19 -27.88
C LEU C 590 31.44 -26.42 -27.84
N LEU C 591 31.84 -27.46 -28.56
CA LEU C 591 31.11 -28.72 -28.57
C LEU C 591 31.01 -29.34 -27.17
N ASP C 592 32.13 -29.40 -26.46
CA ASP C 592 32.15 -29.89 -25.08
C ASP C 592 31.15 -29.18 -24.16
N ALA C 593 31.00 -27.87 -24.35
CA ALA C 593 30.12 -27.07 -23.50
C ALA C 593 28.66 -27.32 -23.84
N LEU C 594 28.35 -27.41 -25.15
CA LEU C 594 27.01 -27.79 -25.62
C LEU C 594 26.54 -29.07 -24.95
N HIS C 595 27.42 -30.06 -24.93
CA HIS C 595 27.16 -31.32 -24.25
C HIS C 595 27.00 -31.14 -22.75
N LYS C 596 27.99 -30.51 -22.13
CA LYS C 596 28.04 -30.35 -20.67
C LYS C 596 26.82 -29.61 -20.09
N TYR C 597 26.32 -28.58 -20.79
CA TYR C 597 25.17 -27.82 -20.31
C TYR C 597 23.84 -28.17 -20.96
N GLY C 598 23.67 -29.42 -21.40
CA GLY C 598 22.37 -29.95 -21.82
C GLY C 598 21.71 -29.36 -23.06
N CYS C 599 22.51 -29.00 -24.06
CA CYS C 599 21.98 -28.36 -25.26
C CYS C 599 21.78 -29.33 -26.44
N LEU C 600 22.15 -30.60 -26.26
CA LEU C 600 22.18 -31.59 -27.35
C LEU C 600 21.69 -32.95 -26.88
N PRO C 601 21.02 -33.72 -27.78
CA PRO C 601 20.72 -35.12 -27.47
C PRO C 601 21.99 -35.93 -27.18
N LYS C 602 21.82 -37.06 -26.50
CA LYS C 602 22.95 -37.91 -26.12
C LYS C 602 23.66 -38.64 -27.29
N ARG C 603 22.99 -38.83 -28.44
CA ARG C 603 23.60 -39.53 -29.58
C ARG C 603 24.52 -38.65 -30.42
N ALA C 604 24.32 -37.33 -30.38
CA ALA C 604 25.18 -36.40 -31.11
C ALA C 604 26.62 -36.63 -30.67
N GLY C 605 27.54 -36.69 -31.63
CA GLY C 605 28.94 -37.03 -31.39
C GLY C 605 29.70 -35.99 -30.57
N HIS C 606 30.90 -36.38 -30.13
CA HIS C 606 31.72 -35.53 -29.26
C HIS C 606 33.01 -35.05 -29.91
N LYS C 607 33.25 -35.41 -31.16
CA LYS C 607 34.46 -34.99 -31.86
C LYS C 607 34.09 -33.98 -32.94
N ALA C 608 34.38 -32.71 -32.66
CA ALA C 608 33.93 -31.57 -33.47
C ALA C 608 34.39 -31.63 -34.92
N SER C 609 35.68 -31.93 -35.10
CA SER C 609 36.26 -32.04 -36.44
C SER C 609 35.49 -33.04 -37.33
N LEU C 610 34.98 -34.12 -36.74
CA LEU C 610 34.24 -35.14 -37.48
C LEU C 610 32.78 -34.75 -37.82
N MET C 611 32.26 -33.70 -37.21
CA MET C 611 30.86 -33.34 -37.42
C MET C 611 30.72 -32.13 -38.34
N SER C 612 29.66 -32.13 -39.13
CA SER C 612 29.34 -30.99 -39.97
C SER C 612 28.10 -30.35 -39.38
N MET C 613 27.76 -29.16 -39.88
CA MET C 613 26.59 -28.47 -39.37
C MET C 613 25.35 -29.31 -39.64
N THR C 614 24.50 -29.41 -38.63
CA THR C 614 23.22 -30.09 -38.71
C THR C 614 22.19 -29.18 -38.04
N PRO C 615 20.89 -29.42 -38.28
CA PRO C 615 19.83 -28.73 -37.53
C PRO C 615 19.96 -28.93 -36.02
N THR C 616 20.34 -30.15 -35.61
CA THR C 616 20.54 -30.44 -34.20
C THR C 616 21.61 -29.53 -33.57
N LEU C 617 22.75 -29.40 -34.26
CA LEU C 617 23.86 -28.58 -33.76
C LEU C 617 23.56 -27.07 -33.89
N ASN C 618 23.00 -26.66 -35.03
CA ASN C 618 22.51 -25.29 -35.18
C ASN C 618 21.57 -24.90 -34.00
N ARG C 619 20.57 -25.72 -33.72
CA ARG C 619 19.70 -25.52 -32.56
C ARG C 619 20.46 -25.49 -31.22
N GLY C 620 21.36 -26.45 -31.02
CA GLY C 620 22.16 -26.53 -29.80
C GLY C 620 22.94 -25.26 -29.51
N LEU C 621 23.44 -24.63 -30.57
CA LEU C 621 24.26 -23.44 -30.47
C LEU C 621 23.43 -22.25 -30.03
N GLN C 622 22.22 -22.16 -30.59
CA GLN C 622 21.31 -21.10 -30.21
C GLN C 622 20.71 -21.37 -28.83
N ARG C 623 20.53 -22.65 -28.48
CA ARG C 623 20.10 -22.99 -27.13
C ARG C 623 21.09 -22.49 -26.10
N TYR C 624 22.38 -22.71 -26.35
CA TYR C 624 23.45 -22.34 -25.40
C TYR C 624 23.28 -20.93 -24.86
N ILE C 625 23.13 -19.97 -25.77
CA ILE C 625 23.04 -18.58 -25.36
C ILE C 625 21.62 -18.19 -24.89
N ALA C 626 20.60 -18.87 -25.40
CA ALA C 626 19.22 -18.66 -24.91
C ALA C 626 19.06 -19.15 -23.49
N ASP C 627 19.84 -20.18 -23.12
CA ASP C 627 19.91 -20.66 -21.72
C ASP C 627 20.66 -19.69 -20.82
N SER C 628 21.48 -18.82 -21.41
CA SER C 628 22.37 -17.98 -20.62
C SER C 628 21.62 -17.05 -19.68
N ASN C 629 22.36 -16.44 -18.78
CA ASN C 629 21.75 -15.58 -17.77
C ASN C 629 21.63 -14.15 -18.30
N SER C 630 22.13 -13.93 -19.51
CA SER C 630 21.99 -12.65 -20.19
C SER C 630 20.51 -12.26 -20.29
N ALA C 631 20.21 -11.03 -19.90
CA ALA C 631 18.84 -10.52 -19.94
C ALA C 631 18.25 -10.55 -21.36
N LEU C 632 19.10 -10.24 -22.31
CA LEU C 632 18.73 -10.14 -23.69
C LEU C 632 19.48 -11.15 -24.53
N LEU C 633 18.77 -11.76 -25.47
CA LEU C 633 19.32 -12.66 -26.47
C LEU C 633 19.00 -12.08 -27.86
N GLY C 634 20.01 -11.81 -28.68
CA GLY C 634 19.83 -11.35 -30.07
C GLY C 634 20.08 -12.51 -31.02
N LEU C 635 19.15 -12.80 -31.93
CA LEU C 635 19.27 -13.91 -32.87
C LEU C 635 19.31 -13.41 -34.29
N GLN C 636 20.23 -13.95 -35.09
CA GLN C 636 20.32 -13.64 -36.52
C GLN C 636 19.40 -14.56 -37.33
N PRO C 637 18.52 -14.01 -38.15
CA PRO C 637 17.75 -14.90 -39.05
C PRO C 637 18.63 -15.71 -40.03
N GLU C 638 19.84 -15.21 -40.29
CA GLU C 638 20.83 -15.96 -41.04
C GLU C 638 21.10 -17.33 -40.44
N ASP C 639 20.96 -17.46 -39.13
CA ASP C 639 21.18 -18.76 -38.46
C ASP C 639 19.93 -19.62 -38.38
N TRP C 640 18.74 -19.00 -38.41
CA TRP C 640 17.46 -19.75 -38.53
C TRP C 640 17.36 -20.43 -39.88
N LEU C 641 17.88 -19.73 -40.89
CA LEU C 641 17.92 -20.19 -42.26
C LEU C 641 19.19 -21.01 -42.58
N ASP C 642 19.98 -21.33 -41.56
CA ASP C 642 21.18 -22.15 -41.76
C ASP C 642 22.03 -21.63 -42.93
N MET C 643 22.19 -20.31 -43.02
CA MET C 643 23.01 -19.71 -44.06
C MET C 643 24.50 -19.82 -43.75
N ALA C 644 25.29 -19.99 -44.82
CA ALA C 644 26.75 -20.17 -44.72
C ALA C 644 27.51 -18.88 -44.95
N GLU C 645 26.95 -17.96 -45.73
CA GLU C 645 27.67 -16.80 -46.21
C GLU C 645 27.53 -15.59 -45.27
N PRO C 646 28.62 -14.80 -45.11
CA PRO C 646 28.64 -13.61 -44.25
C PRO C 646 28.11 -12.40 -44.97
N VAL C 647 27.77 -11.37 -44.22
CA VAL C 647 27.28 -10.13 -44.79
C VAL C 647 28.41 -9.13 -44.97
N ASN C 648 29.50 -9.33 -44.24
CA ASN C 648 30.58 -8.36 -44.23
C ASN C 648 31.86 -9.04 -43.84
N ILE C 649 32.94 -8.70 -44.53
CA ILE C 649 34.25 -9.23 -44.16
C ILE C 649 35.13 -8.05 -43.75
N PRO C 650 35.40 -7.91 -42.44
CA PRO C 650 36.26 -6.79 -42.06
C PRO C 650 37.64 -6.82 -42.74
N GLY C 651 38.12 -5.65 -43.14
CA GLY C 651 39.42 -5.57 -43.80
C GLY C 651 39.38 -5.67 -45.31
N THR C 652 38.18 -5.70 -45.88
CA THR C 652 38.03 -5.66 -47.33
C THR C 652 37.51 -4.31 -47.73
N SER C 653 38.02 -3.77 -48.81
CA SER C 653 37.35 -2.65 -49.47
C SER C 653 36.43 -3.26 -50.51
N TYR C 654 36.98 -3.81 -51.59
CA TYR C 654 36.13 -4.27 -52.68
C TYR C 654 36.01 -5.78 -52.76
N GLN C 655 36.86 -6.51 -52.04
CA GLN C 655 37.04 -7.94 -52.33
C GLN C 655 35.79 -8.75 -52.11
N TYR C 656 34.89 -8.27 -51.25
CA TYR C 656 33.65 -8.97 -51.00
C TYR C 656 32.53 -7.99 -51.24
N LYS C 657 31.37 -8.50 -51.65
CA LYS C 657 30.22 -7.65 -51.81
C LYS C 657 29.60 -7.37 -50.43
N ASN C 658 30.18 -6.46 -49.68
CA ASN C 658 29.73 -6.19 -48.33
C ASN C 658 28.37 -5.46 -48.34
N TRP C 659 27.62 -5.58 -47.23
CA TRP C 659 26.30 -4.89 -47.09
C TRP C 659 25.27 -5.23 -48.20
N ARG C 660 25.32 -6.45 -48.73
CA ARG C 660 24.54 -6.83 -49.89
C ARG C 660 23.94 -8.26 -49.87
N ARG C 661 24.53 -9.17 -49.10
CA ARG C 661 24.06 -10.56 -49.10
C ARG C 661 22.68 -10.66 -48.48
N LYS C 662 21.70 -10.96 -49.34
CA LYS C 662 20.31 -11.04 -48.91
C LYS C 662 20.09 -12.31 -48.13
N LEU C 663 19.01 -12.34 -47.34
CA LEU C 663 18.58 -13.58 -46.74
C LEU C 663 18.16 -14.59 -47.85
N SER C 664 18.18 -15.88 -47.50
CA SER C 664 17.92 -16.97 -48.43
C SER C 664 16.42 -17.28 -48.59
N ALA C 665 15.57 -16.63 -47.82
CA ALA C 665 14.13 -16.82 -47.97
C ALA C 665 13.41 -15.53 -47.65
N THR C 666 12.19 -15.42 -48.16
CA THR C 666 11.35 -14.29 -47.84
C THR C 666 10.86 -14.40 -46.38
N LEU C 667 10.36 -13.31 -45.81
CA LEU C 667 9.78 -13.35 -44.47
C LEU C 667 8.60 -14.28 -44.44
N GLU C 668 7.79 -14.22 -45.51
CA GLU C 668 6.58 -15.02 -45.65
C GLU C 668 6.90 -16.52 -45.74
N SER C 669 8.00 -16.86 -46.39
CA SER C 669 8.42 -18.26 -46.48
C SER C 669 8.99 -18.77 -45.15
N MET C 670 9.81 -17.94 -44.50
CA MET C 670 10.48 -18.43 -43.30
C MET C 670 9.52 -18.54 -42.13
N PHE C 671 8.56 -17.62 -42.04
CA PHE C 671 7.57 -17.68 -40.93
C PHE C 671 6.39 -18.67 -41.21
N ALA C 672 6.32 -19.24 -42.42
CA ALA C 672 5.44 -20.39 -42.70
C ALA C 672 6.17 -21.74 -42.65
N ASP C 673 7.47 -21.74 -42.40
CA ASP C 673 8.25 -22.98 -42.45
C ASP C 673 8.30 -23.65 -41.06
N ASP C 674 8.07 -24.94 -41.04
CA ASP C 674 7.88 -25.70 -39.79
C ASP C 674 9.14 -25.73 -38.96
N GLY C 675 10.29 -25.83 -39.62
CA GLY C 675 11.58 -25.86 -38.92
C GLY C 675 11.84 -24.56 -38.17
N VAL C 676 11.69 -23.45 -38.89
CA VAL C 676 11.90 -22.14 -38.31
C VAL C 676 10.95 -21.95 -37.12
N ASN C 677 9.66 -22.23 -37.33
CA ASN C 677 8.66 -22.04 -36.29
C ASN C 677 9.00 -22.92 -35.07
N LYS C 678 9.39 -24.18 -35.27
CA LYS C 678 9.75 -25.05 -34.14
C LYS C 678 11.04 -24.62 -33.42
N LEU C 679 11.99 -24.07 -34.17
CA LEU C 679 13.23 -23.59 -33.61
C LEU C 679 12.94 -22.38 -32.70
N LEU C 680 12.23 -21.40 -33.22
CA LEU C 680 11.88 -20.20 -32.45
C LEU C 680 11.02 -20.53 -31.23
N LYS C 681 10.12 -21.50 -31.37
CA LYS C 681 9.34 -21.94 -30.21
C LYS C 681 10.27 -22.59 -29.15
N ASP C 682 11.23 -23.38 -29.61
CA ASP C 682 12.15 -24.05 -28.69
C ASP C 682 13.01 -23.05 -27.92
N LEU C 683 13.60 -22.10 -28.64
CA LEU C 683 14.44 -21.06 -28.03
C LEU C 683 13.65 -20.12 -27.12
N ASP C 684 12.46 -19.70 -27.55
CA ASP C 684 11.57 -18.96 -26.68
C ASP C 684 11.31 -19.75 -25.40
N ARG C 685 11.16 -21.06 -25.51
CA ARG C 685 11.05 -21.91 -24.30
C ARG C 685 12.31 -21.88 -23.45
N ARG C 686 13.46 -22.09 -24.08
CA ARG C 686 14.72 -22.08 -23.33
C ARG C 686 14.83 -20.78 -22.49
N ARG C 687 14.48 -19.65 -23.10
CA ARG C 687 14.60 -18.35 -22.46
C ARG C 687 13.73 -18.29 -21.22
N ARG C 688 12.49 -18.75 -21.36
CA ARG C 688 11.54 -18.77 -20.26
C ARG C 688 11.87 -19.83 -19.21
N SER C 689 12.74 -20.78 -19.53
CA SER C 689 13.24 -21.76 -18.57
C SER C 689 14.37 -21.18 -17.71
N ALA C 690 15.14 -20.22 -18.24
CA ALA C 690 16.34 -19.71 -17.57
C ALA C 690 16.02 -18.93 -16.27
C1 GLC D . -17.77 -10.49 -18.52
C2 GLC D . -19.13 -11.15 -18.19
C3 GLC D . -20.28 -10.43 -18.88
C4 GLC D . -20.26 -9.00 -18.38
C5 GLC D . -18.89 -8.36 -18.67
C6 GLC D . -18.80 -6.91 -18.19
O1 GLC D . -17.45 -10.54 -19.93
O2 GLC D . -19.17 -12.55 -18.47
O3 GLC D . -21.52 -11.06 -18.57
O4 GLC D . -21.25 -8.23 -19.06
O5 GLC D . -17.81 -9.11 -18.09
O6 GLC D . -19.40 -6.77 -16.90
C1 GLC D . -22.55 -8.17 -18.49
C2 GLC D . -23.57 -8.21 -19.62
C3 GLC D . -23.53 -6.95 -20.49
C4 GLC D . -23.40 -5.62 -19.68
C5 GLC D . -22.47 -5.75 -18.46
C6 GLC D . -22.58 -4.55 -17.51
O2 GLC D . -23.29 -9.36 -20.42
O3 GLC D . -24.71 -6.95 -21.32
O4 GLC D . -22.86 -4.58 -20.51
O5 GLC D . -22.75 -6.96 -17.74
O6 GLC D . -21.78 -4.74 -16.32
C1 EDO E . -6.60 -4.80 -11.11
O1 EDO E . -7.17 -5.68 -10.12
C2 EDO E . -7.60 -4.28 -12.14
O2 EDO E . -8.87 -3.97 -11.54
C1 EDO F . -8.25 -8.78 -11.40
O1 EDO F . -7.84 -7.46 -11.78
C2 EDO F . -9.18 -8.70 -10.19
O2 EDO F . -10.55 -8.51 -10.60
I IOD G . -26.89 -37.08 -35.42
I IOD H . -31.27 -26.33 -37.33
I IOD I . -31.24 -6.82 -14.91
C1 EDO J . -1.61 -10.03 47.91
O1 EDO J . -1.11 -9.98 46.57
C2 EDO J . -3.05 -10.41 47.88
O2 EDO J . -3.29 -11.64 48.58
C1 EDO K . -5.59 18.44 42.64
O1 EDO K . -5.05 19.77 42.55
C2 EDO K . -4.63 17.45 43.26
O2 EDO K . -5.36 16.70 44.25
I IOD L . -38.20 -4.36 30.14
I IOD M . -40.38 0.81 40.08
I IOD N . -23.05 -5.69 19.52
C1 EDO O . 20.58 8.79 -47.40
O1 EDO O . 19.66 7.73 -47.20
C2 EDO O . 19.95 10.15 -47.36
O2 EDO O . 20.99 11.14 -47.24
I IOD P . 24.55 -33.35 -34.29
I IOD Q . 32.45 -29.15 -41.46
#